data_4RVU
#
_entry.id   4RVU
#
_cell.length_a   98.195
_cell.length_b   43.464
_cell.length_c   160.620
_cell.angle_alpha   90.00
_cell.angle_beta   106.16
_cell.angle_gamma   90.00
#
_symmetry.space_group_name_H-M   'P 1 21 1'
#
loop_
_entity.id
_entity.type
_entity.pdbx_description
1 polymer 'Probable quinone reductase Qor (NADPH:quinone reductase) (Zeta-crystallin homolog protein)'
2 non-polymer 'NADPH DIHYDRO-NICOTINAMIDE-ADENINE-DINUCLEOTIDE PHOSPHATE'
3 water water
#
_entity_poly.entity_id   1
_entity_poly.type   'polypeptide(L)'
_entity_poly.pdbx_seq_one_letter_code
;GPGSMHAIEVTETGGPGVLRHVDQPQPQPGHGELLIKAEAIGVNFIDTYFRSGQYPRELPFVIGSEVCGTVEAVGPGVTA
ADTAISVGDRVVSASANGAYAEFCTAPASLTAKVPDDVTSEVAASALLKGLTAHYLLKSVYPVKRGDTVLVHAGAGGVGL
ILTQWATHLGVRVITTVSTAEKAKLSKDAGADVVLDYPEDAWQFAGRVRELTGGTGVQAVYDGVGATTFDASLASLAVRG
TLALFGAASGPVPPVDPQRLNAAGSVYLTRPSLFHFTRTGEEFSWRAAELFDAINSEAITVAVGGRYPLADALRAHQDLE
ARKTVGSVVLLP
;
_entity_poly.pdbx_strand_id   A,B,C,D
#
loop_
_chem_comp.id
_chem_comp.type
_chem_comp.name
_chem_comp.formula
NDP non-polymer 'NADPH DIHYDRO-NICOTINAMIDE-ADENINE-DINUCLEOTIDE PHOSPHATE' 'C21 H30 N7 O17 P3'
#
# COMPACT_ATOMS: atom_id res chain seq x y z
N SER A 4 -12.35 -57.69 -22.76
CA SER A 4 -11.74 -56.39 -23.04
C SER A 4 -12.37 -55.31 -22.18
N MET A 5 -11.73 -54.14 -22.12
CA MET A 5 -12.27 -53.01 -21.36
C MET A 5 -12.35 -51.78 -22.25
N HIS A 6 -13.14 -50.80 -21.83
CA HIS A 6 -13.16 -49.51 -22.51
C HIS A 6 -12.03 -48.61 -21.97
N ALA A 7 -11.45 -47.82 -22.87
CA ALA A 7 -10.38 -46.89 -22.53
C ALA A 7 -10.36 -45.73 -23.51
N ILE A 8 -9.70 -44.66 -23.11
CA ILE A 8 -9.53 -43.50 -23.98
C ILE A 8 -8.07 -43.45 -24.41
N GLU A 9 -7.83 -43.74 -25.67
CA GLU A 9 -6.46 -43.87 -26.15
C GLU A 9 -6.11 -42.72 -27.09
N VAL A 10 -4.87 -42.26 -27.00
CA VAL A 10 -4.35 -41.24 -27.91
C VAL A 10 -3.33 -41.92 -28.83
N THR A 11 -3.64 -41.91 -30.13
CA THR A 11 -2.79 -42.53 -31.15
C THR A 11 -1.94 -41.45 -31.80
N GLU A 12 -2.49 -40.26 -31.88
CA GLU A 12 -1.75 -39.10 -32.34
C GLU A 12 -2.13 -37.93 -31.44
N THR A 13 -1.18 -37.04 -31.16
CA THR A 13 -1.45 -35.89 -30.32
C THR A 13 -2.24 -34.82 -31.09
N GLY A 14 -2.90 -33.92 -30.36
CA GLY A 14 -3.70 -32.87 -30.98
C GLY A 14 -4.81 -32.37 -30.07
N GLY A 15 -5.92 -31.94 -30.66
CA GLY A 15 -7.01 -31.39 -29.89
C GLY A 15 -7.82 -32.46 -29.19
N PRO A 16 -8.88 -32.06 -28.48
CA PRO A 16 -9.76 -32.99 -27.75
C PRO A 16 -10.27 -34.11 -28.65
N GLY A 17 -10.32 -33.85 -29.96
CA GLY A 17 -10.80 -34.82 -30.93
C GLY A 17 -10.02 -36.12 -30.98
N VAL A 18 -8.75 -36.09 -30.62
CA VAL A 18 -7.91 -37.30 -30.67
C VAL A 18 -8.21 -38.27 -29.53
N LEU A 19 -9.01 -37.84 -28.55
CA LEU A 19 -9.38 -38.73 -27.45
C LEU A 19 -10.39 -39.81 -27.92
N ARG A 20 -9.87 -40.96 -28.35
CA ARG A 20 -10.72 -42.02 -28.89
C ARG A 20 -11.11 -43.05 -27.84
N HIS A 21 -12.41 -43.33 -27.76
CA HIS A 21 -12.97 -44.35 -26.88
C HIS A 21 -12.85 -45.70 -27.57
N VAL A 22 -12.00 -46.58 -27.05
CA VAL A 22 -11.69 -47.85 -27.71
C VAL A 22 -11.66 -49.05 -26.76
N ASP A 23 -11.64 -50.25 -27.35
CA ASP A 23 -11.44 -51.48 -26.58
C ASP A 23 -9.95 -51.78 -26.41
N GLN A 24 -9.56 -52.14 -25.20
CA GLN A 24 -8.18 -52.49 -24.89
C GLN A 24 -8.22 -53.75 -24.04
N PRO A 25 -7.12 -54.53 -24.04
CA PRO A 25 -7.07 -55.62 -23.07
C PRO A 25 -6.93 -55.02 -21.67
N GLN A 26 -7.51 -55.69 -20.68
CA GLN A 26 -7.36 -55.30 -19.28
C GLN A 26 -5.88 -55.40 -18.90
N PRO A 27 -5.33 -54.33 -18.28
CA PRO A 27 -3.90 -54.35 -17.97
C PRO A 27 -3.57 -55.28 -16.82
N GLN A 28 -2.31 -55.66 -16.72
CA GLN A 28 -1.83 -56.48 -15.61
C GLN A 28 -0.85 -55.65 -14.79
N PRO A 29 -1.03 -55.62 -13.46
CA PRO A 29 -0.13 -54.87 -12.59
C PRO A 29 1.28 -55.45 -12.56
N GLY A 30 2.30 -54.58 -12.64
CA GLY A 30 3.68 -55.00 -12.58
C GLY A 30 4.19 -54.94 -11.17
N HIS A 31 5.50 -55.08 -10.99
CA HIS A 31 6.08 -54.99 -9.65
C HIS A 31 5.78 -53.64 -9.00
N GLY A 32 5.34 -53.67 -7.75
CA GLY A 32 5.01 -52.46 -7.01
C GLY A 32 3.66 -51.85 -7.35
N GLU A 33 2.93 -52.49 -8.27
CA GLU A 33 1.66 -51.93 -8.76
C GLU A 33 0.40 -52.62 -8.26
N LEU A 34 -0.68 -51.83 -8.21
CA LEU A 34 -2.01 -52.35 -7.95
C LEU A 34 -2.79 -52.27 -9.24
N LEU A 35 -3.77 -53.15 -9.43
CA LEU A 35 -4.68 -53.04 -10.53
C LEU A 35 -5.99 -52.51 -9.95
N ILE A 36 -6.45 -51.36 -10.44
CA ILE A 36 -7.61 -50.70 -9.89
C ILE A 36 -8.78 -50.79 -10.85
N LYS A 37 -9.93 -51.24 -10.36
CA LYS A 37 -11.14 -51.15 -11.17
C LYS A 37 -11.79 -49.80 -10.89
N ALA A 38 -11.80 -48.93 -11.91
CA ALA A 38 -12.25 -47.54 -11.75
C ALA A 38 -13.72 -47.39 -11.33
N GLU A 39 -13.94 -46.49 -10.37
CA GLU A 39 -15.30 -46.05 -10.02
C GLU A 39 -15.51 -44.60 -10.41
N ALA A 40 -14.45 -43.80 -10.32
CA ALA A 40 -14.48 -42.40 -10.76
C ALA A 40 -13.08 -42.01 -11.20
N ILE A 41 -13.00 -41.22 -12.27
CA ILE A 41 -11.71 -40.89 -12.87
C ILE A 41 -11.53 -39.39 -12.87
N GLY A 42 -10.40 -38.91 -12.36
CA GLY A 42 -10.19 -37.48 -12.26
C GLY A 42 -9.78 -36.87 -13.60
N VAL A 43 -10.28 -35.68 -13.87
CA VAL A 43 -9.82 -34.91 -15.03
C VAL A 43 -8.90 -33.80 -14.53
N ASN A 44 -7.74 -33.66 -15.17
CA ASN A 44 -6.77 -32.65 -14.74
C ASN A 44 -6.24 -31.86 -15.92
N PHE A 45 -5.94 -30.59 -15.72
CA PHE A 45 -5.52 -29.76 -16.85
C PHE A 45 -4.27 -30.33 -17.52
N ILE A 46 -3.42 -30.99 -16.75
CA ILE A 46 -2.23 -31.61 -17.32
C ILE A 46 -2.56 -32.67 -18.35
N ASP A 47 -3.74 -33.31 -18.21
CA ASP A 47 -4.17 -34.30 -19.19
C ASP A 47 -4.19 -33.67 -20.59
N THR A 48 -4.56 -32.39 -20.66
CA THR A 48 -4.68 -31.70 -21.94
C THR A 48 -3.30 -31.46 -22.57
N TYR A 49 -2.27 -31.31 -21.73
CA TYR A 49 -0.91 -31.05 -22.23
C TYR A 49 -0.34 -32.33 -22.82
N PHE A 50 -0.64 -33.47 -22.21
CA PHE A 50 -0.26 -34.76 -22.75
C PHE A 50 -1.02 -35.12 -24.01
N ARG A 51 -2.32 -34.79 -24.01
CA ARG A 51 -3.14 -35.03 -25.19
C ARG A 51 -2.63 -34.20 -26.37
N SER A 52 -2.27 -32.95 -26.10
CA SER A 52 -1.85 -32.03 -27.16
C SER A 52 -0.43 -32.30 -27.64
N GLY A 53 0.35 -33.03 -26.83
CA GLY A 53 1.74 -33.32 -27.16
C GLY A 53 2.67 -32.23 -26.66
N GLN A 54 2.12 -31.30 -25.89
CA GLN A 54 2.90 -30.27 -25.22
C GLN A 54 3.92 -30.95 -24.33
N TYR A 55 3.41 -31.65 -23.32
CA TYR A 55 4.23 -32.55 -22.53
C TYR A 55 4.35 -33.82 -23.36
N PRO A 56 5.55 -34.07 -23.93
CA PRO A 56 5.71 -35.23 -24.81
C PRO A 56 5.62 -36.56 -24.07
N ARG A 57 5.12 -37.57 -24.77
CA ARG A 57 5.00 -38.92 -24.24
C ARG A 57 5.01 -39.88 -25.42
N GLU A 58 5.42 -41.12 -25.20
CA GLU A 58 5.42 -42.14 -26.24
C GLU A 58 4.00 -42.54 -26.68
N LEU A 59 3.80 -42.62 -28.00
CA LEU A 59 2.52 -42.97 -28.60
C LEU A 59 2.48 -44.45 -28.98
N PRO A 60 1.28 -45.06 -28.93
CA PRO A 60 0.06 -44.48 -28.35
C PRO A 60 0.04 -44.66 -26.83
N PHE A 61 -0.88 -44.00 -26.15
CA PHE A 61 -1.03 -44.19 -24.72
C PHE A 61 -2.48 -43.99 -24.29
N VAL A 62 -2.87 -44.67 -23.22
CA VAL A 62 -4.15 -44.40 -22.56
C VAL A 62 -3.87 -43.27 -21.58
N ILE A 63 -4.67 -42.22 -21.64
CA ILE A 63 -4.38 -40.96 -20.96
C ILE A 63 -4.90 -40.90 -19.50
N GLY A 64 -4.29 -40.04 -18.69
CA GLY A 64 -4.80 -39.71 -17.35
C GLY A 64 -4.05 -40.37 -16.21
N SER A 65 -4.02 -39.72 -15.05
CA SER A 65 -3.29 -40.28 -13.91
C SER A 65 -4.08 -40.34 -12.60
N GLU A 66 -5.30 -39.83 -12.58
CA GLU A 66 -6.06 -39.81 -11.33
C GLU A 66 -7.25 -40.76 -11.40
N VAL A 67 -7.34 -41.67 -10.44
CA VAL A 67 -8.43 -42.66 -10.42
C VAL A 67 -8.78 -43.03 -8.99
N CYS A 68 -10.06 -43.23 -8.73
CA CYS A 68 -10.49 -43.88 -7.49
C CYS A 68 -11.27 -45.13 -7.89
N GLY A 69 -10.97 -46.25 -7.24
CA GLY A 69 -11.75 -47.46 -7.47
C GLY A 69 -11.32 -48.57 -6.54
N THR A 70 -11.66 -49.82 -6.88
CA THR A 70 -11.36 -50.92 -5.98
C THR A 70 -10.15 -51.71 -6.48
N VAL A 71 -9.36 -52.20 -5.53
CA VAL A 71 -8.19 -53.00 -5.89
C VAL A 71 -8.66 -54.37 -6.40
N GLU A 72 -8.46 -54.59 -7.70
CA GLU A 72 -8.88 -55.83 -8.35
C GLU A 72 -7.78 -56.89 -8.19
N ALA A 73 -6.54 -56.43 -8.16
CA ALA A 73 -5.38 -57.32 -8.03
C ALA A 73 -4.16 -56.54 -7.57
N VAL A 74 -3.24 -57.25 -6.92
CA VAL A 74 -1.97 -56.68 -6.49
C VAL A 74 -0.88 -57.30 -7.37
N GLY A 75 0.10 -56.50 -7.78
CA GLY A 75 1.18 -57.00 -8.62
C GLY A 75 1.87 -58.22 -8.02
N PRO A 76 2.46 -59.06 -8.87
CA PRO A 76 3.12 -60.29 -8.42
C PRO A 76 4.47 -60.00 -7.78
N GLY A 77 5.12 -61.02 -7.25
CA GLY A 77 6.39 -60.85 -6.60
C GLY A 77 6.27 -60.23 -5.22
N VAL A 78 7.21 -59.35 -4.90
CA VAL A 78 7.35 -58.78 -3.59
C VAL A 78 6.25 -57.77 -3.22
N THR A 79 5.57 -57.23 -4.23
CA THR A 79 4.57 -56.15 -4.07
C THR A 79 3.70 -56.19 -2.82
N ALA A 80 2.98 -57.29 -2.63
CA ALA A 80 2.03 -57.38 -1.52
C ALA A 80 2.68 -57.31 -0.14
N ALA A 81 3.98 -57.59 -0.08
CA ALA A 81 4.70 -57.55 1.18
C ALA A 81 5.05 -56.10 1.54
N ASP A 82 4.98 -55.21 0.56
CA ASP A 82 5.44 -53.84 0.74
C ASP A 82 4.31 -52.83 0.91
N THR A 83 3.07 -53.31 0.96
CA THR A 83 1.93 -52.40 1.13
C THR A 83 0.85 -53.02 2.00
N ALA A 84 0.14 -52.17 2.73
CA ALA A 84 -0.99 -52.60 3.54
C ALA A 84 -2.28 -52.62 2.73
N ILE A 85 -2.23 -52.12 1.50
CA ILE A 85 -3.38 -52.17 0.59
C ILE A 85 -3.66 -53.60 0.17
N SER A 86 -4.93 -54.00 0.16
CA SER A 86 -5.32 -55.36 -0.19
C SER A 86 -6.41 -55.38 -1.27
N VAL A 87 -6.52 -56.49 -1.99
CA VAL A 87 -7.61 -56.67 -2.94
C VAL A 87 -8.94 -56.37 -2.27
N GLY A 88 -9.80 -55.60 -2.96
CA GLY A 88 -11.08 -55.21 -2.40
C GLY A 88 -11.11 -53.81 -1.81
N ASP A 89 -9.94 -53.29 -1.44
CA ASP A 89 -9.88 -51.95 -0.85
C ASP A 89 -10.27 -50.87 -1.86
N ARG A 90 -10.98 -49.85 -1.38
CA ARG A 90 -11.27 -48.64 -2.17
C ARG A 90 -10.06 -47.74 -2.05
N VAL A 91 -9.49 -47.34 -3.17
CA VAL A 91 -8.23 -46.60 -3.16
C VAL A 91 -8.25 -45.46 -4.16
N VAL A 92 -7.31 -44.53 -4.02
CA VAL A 92 -7.24 -43.43 -4.96
C VAL A 92 -5.77 -43.08 -5.19
N SER A 93 -5.45 -42.75 -6.43
CA SER A 93 -4.08 -42.39 -6.79
C SER A 93 -4.11 -41.26 -7.78
N ALA A 94 -3.06 -40.44 -7.75
CA ALA A 94 -2.87 -39.35 -8.70
C ALA A 94 -1.68 -39.68 -9.60
N SER A 95 -1.21 -40.92 -9.50
CA SER A 95 0.01 -41.34 -10.20
C SER A 95 -0.20 -42.60 -11.02
N ALA A 96 -1.43 -42.83 -11.47
CA ALA A 96 -1.78 -44.04 -12.19
C ALA A 96 -1.30 -43.96 -13.64
N ASN A 97 -1.21 -45.12 -14.28
CA ASN A 97 -0.93 -45.18 -15.71
C ASN A 97 -2.21 -45.55 -16.43
N GLY A 98 -2.64 -44.72 -17.38
CA GLY A 98 -3.82 -45.02 -18.17
C GLY A 98 -5.13 -44.93 -17.40
N ALA A 99 -5.32 -43.86 -16.65
CA ALA A 99 -6.48 -43.74 -15.77
C ALA A 99 -7.84 -43.65 -16.48
N TYR A 100 -7.86 -43.14 -17.71
CA TYR A 100 -9.14 -43.03 -18.44
C TYR A 100 -9.49 -44.41 -19.02
N ALA A 101 -9.91 -45.33 -18.16
CA ALA A 101 -10.21 -46.70 -18.57
C ALA A 101 -11.01 -47.36 -17.46
N GLU A 102 -11.57 -48.54 -17.73
CA GLU A 102 -12.29 -49.28 -16.70
C GLU A 102 -11.34 -49.84 -15.66
N PHE A 103 -10.11 -50.12 -16.10
CA PHE A 103 -9.06 -50.67 -15.24
C PHE A 103 -7.74 -49.99 -15.56
N CYS A 104 -6.96 -49.70 -14.53
CA CYS A 104 -5.62 -49.14 -14.73
C CYS A 104 -4.70 -49.62 -13.63
N THR A 105 -3.42 -49.27 -13.74
CA THR A 105 -2.44 -49.63 -12.71
C THR A 105 -1.94 -48.39 -12.02
N ALA A 106 -1.50 -48.54 -10.77
CA ALA A 106 -0.86 -47.44 -10.05
C ALA A 106 0.14 -47.98 -9.05
N PRO A 107 1.22 -47.23 -8.79
CA PRO A 107 2.17 -47.71 -7.77
C PRO A 107 1.50 -47.71 -6.42
N ALA A 108 1.60 -48.82 -5.67
CA ALA A 108 1.04 -48.90 -4.33
C ALA A 108 1.52 -47.78 -3.41
N SER A 109 2.79 -47.39 -3.54
CA SER A 109 3.36 -46.38 -2.66
C SER A 109 2.77 -44.97 -2.90
N LEU A 110 2.14 -44.77 -4.06
CA LEU A 110 1.50 -43.50 -4.39
C LEU A 110 -0.01 -43.69 -4.55
N THR A 111 -0.56 -44.60 -3.74
CA THR A 111 -2.00 -44.85 -3.72
C THR A 111 -2.45 -44.78 -2.26
N ALA A 112 -3.57 -44.13 -2.02
CA ALA A 112 -4.11 -44.03 -0.66
C ALA A 112 -5.43 -44.76 -0.54
N LYS A 113 -5.67 -45.36 0.62
CA LYS A 113 -6.99 -45.91 0.92
C LYS A 113 -7.97 -44.76 1.11
N VAL A 114 -9.17 -44.90 0.56
CA VAL A 114 -10.20 -43.90 0.71
C VAL A 114 -10.96 -44.19 2.01
N PRO A 115 -11.19 -43.16 2.84
CA PRO A 115 -11.94 -43.30 4.08
C PRO A 115 -13.36 -43.78 3.78
N ASP A 116 -13.97 -44.52 4.70
CA ASP A 116 -15.28 -45.10 4.42
C ASP A 116 -16.40 -44.07 4.24
N ASP A 117 -16.19 -42.85 4.72
CA ASP A 117 -17.23 -41.81 4.61
C ASP A 117 -17.03 -40.88 3.40
N VAL A 118 -16.08 -41.22 2.53
CA VAL A 118 -15.78 -40.42 1.34
C VAL A 118 -16.17 -41.22 0.10
N THR A 119 -16.99 -40.63 -0.77
CA THR A 119 -17.40 -41.32 -1.99
C THR A 119 -16.26 -41.36 -2.98
N SER A 120 -16.36 -42.30 -3.93
CA SER A 120 -15.32 -42.45 -4.93
C SER A 120 -15.25 -41.22 -5.84
N GLU A 121 -16.40 -40.62 -6.15
CA GLU A 121 -16.42 -39.39 -6.95
C GLU A 121 -15.70 -38.25 -6.25
N VAL A 122 -15.94 -38.07 -4.96
CA VAL A 122 -15.24 -37.04 -4.20
C VAL A 122 -13.75 -37.32 -4.13
N ALA A 123 -13.37 -38.57 -3.89
CA ALA A 123 -11.95 -38.94 -3.87
C ALA A 123 -11.23 -38.60 -5.18
N ALA A 124 -11.88 -38.88 -6.30
CA ALA A 124 -11.28 -38.61 -7.62
C ALA A 124 -11.38 -37.15 -7.99
N SER A 125 -12.15 -36.40 -7.20
CA SER A 125 -12.20 -34.95 -7.33
C SER A 125 -11.09 -34.31 -6.51
N ALA A 126 -10.66 -35.02 -5.46
CA ALA A 126 -9.89 -34.39 -4.39
C ALA A 126 -8.40 -34.67 -4.40
N LEU A 127 -8.00 -35.88 -4.78
CA LEU A 127 -6.60 -36.29 -4.52
C LEU A 127 -5.50 -35.53 -5.25
N LEU A 128 -5.46 -35.57 -6.57
CA LEU A 128 -4.36 -34.91 -7.28
C LEU A 128 -4.34 -33.42 -6.97
N LYS A 129 -5.51 -32.79 -7.05
CA LYS A 129 -5.59 -31.35 -6.82
C LYS A 129 -5.40 -31.00 -5.35
N GLY A 130 -5.87 -31.85 -4.45
CA GLY A 130 -5.71 -31.65 -3.02
C GLY A 130 -4.28 -31.81 -2.53
N LEU A 131 -3.57 -32.81 -3.08
CA LEU A 131 -2.14 -32.99 -2.79
C LEU A 131 -1.38 -31.76 -3.28
N THR A 132 -1.84 -31.21 -4.40
CA THR A 132 -1.21 -30.01 -4.95
C THR A 132 -1.45 -28.80 -4.05
N ALA A 133 -2.70 -28.59 -3.63
CA ALA A 133 -2.97 -27.51 -2.68
C ALA A 133 -2.15 -27.68 -1.41
N HIS A 134 -2.03 -28.93 -0.94
CA HIS A 134 -1.26 -29.18 0.28
C HIS A 134 0.19 -28.72 0.11
N TYR A 135 0.86 -29.19 -0.93
CA TYR A 135 2.28 -28.85 -1.06
C TYR A 135 2.46 -27.35 -1.32
N LEU A 136 1.50 -26.75 -2.02
CA LEU A 136 1.56 -25.32 -2.29
C LEU A 136 1.48 -24.49 -1.00
N LEU A 137 0.58 -24.91 -0.09
CA LEU A 137 0.31 -24.17 1.15
C LEU A 137 1.20 -24.56 2.32
N LYS A 138 1.79 -25.75 2.26
CA LYS A 138 2.57 -26.25 3.40
C LYS A 138 4.07 -26.30 3.13
N SER A 139 4.46 -26.36 1.85
CA SER A 139 5.84 -26.62 1.49
C SER A 139 6.46 -25.55 0.58
N VAL A 140 5.77 -25.22 -0.50
CA VAL A 140 6.30 -24.20 -1.43
C VAL A 140 6.35 -22.81 -0.77
N TYR A 141 5.22 -22.38 -0.24
CA TYR A 141 5.20 -21.23 0.65
C TYR A 141 4.34 -21.60 1.83
N PRO A 142 4.95 -21.77 3.02
CA PRO A 142 4.17 -22.20 4.18
C PRO A 142 3.34 -21.05 4.74
N VAL A 143 2.07 -21.00 4.38
CA VAL A 143 1.22 -19.89 4.80
C VAL A 143 1.10 -19.86 6.31
N LYS A 144 0.95 -18.66 6.86
CA LYS A 144 0.75 -18.51 8.30
C LYS A 144 -0.46 -17.61 8.52
N ARG A 145 -1.07 -17.72 9.69
CA ARG A 145 -2.25 -16.94 10.00
C ARG A 145 -1.86 -15.46 9.88
N GLY A 146 -2.68 -14.68 9.18
CA GLY A 146 -2.41 -13.26 8.99
C GLY A 146 -1.89 -12.91 7.60
N ASP A 147 -1.43 -13.93 6.87
CA ASP A 147 -0.97 -13.69 5.50
C ASP A 147 -2.16 -13.34 4.60
N THR A 148 -1.84 -12.77 3.44
CA THR A 148 -2.81 -12.62 2.36
C THR A 148 -2.18 -13.22 1.13
N VAL A 149 -2.92 -14.05 0.40
CA VAL A 149 -2.39 -14.64 -0.82
C VAL A 149 -3.32 -14.39 -1.99
N LEU A 150 -2.77 -14.41 -3.19
CA LEU A 150 -3.56 -14.32 -4.42
C LEU A 150 -3.63 -15.70 -5.08
N VAL A 151 -4.85 -16.13 -5.41
CA VAL A 151 -5.06 -17.42 -6.08
C VAL A 151 -5.84 -17.18 -7.36
N HIS A 152 -5.18 -17.35 -8.50
CA HIS A 152 -5.86 -17.21 -9.79
C HIS A 152 -6.80 -18.40 -10.04
N ALA A 153 -7.80 -18.20 -10.90
CA ALA A 153 -8.80 -19.23 -11.20
C ALA A 153 -9.39 -19.82 -9.93
N GLY A 154 -9.95 -18.94 -9.09
CA GLY A 154 -10.46 -19.30 -7.79
C GLY A 154 -11.57 -20.34 -7.78
N ALA A 155 -12.25 -20.53 -8.91
CA ALA A 155 -13.36 -21.50 -8.95
C ALA A 155 -13.01 -22.75 -9.74
N GLY A 156 -11.71 -22.94 -10.01
CA GLY A 156 -11.21 -24.16 -10.63
C GLY A 156 -11.01 -25.25 -9.59
N GLY A 157 -10.57 -26.43 -10.04
CA GLY A 157 -10.36 -27.55 -9.13
C GLY A 157 -9.36 -27.25 -8.02
N VAL A 158 -8.15 -26.86 -8.41
CA VAL A 158 -7.14 -26.51 -7.41
C VAL A 158 -7.52 -25.24 -6.68
N GLY A 159 -8.03 -24.25 -7.41
CA GLY A 159 -8.39 -22.97 -6.85
C GLY A 159 -9.31 -23.03 -5.64
N LEU A 160 -10.39 -23.81 -5.74
CA LEU A 160 -11.35 -23.90 -4.66
C LEU A 160 -10.73 -24.58 -3.44
N ILE A 161 -9.85 -25.56 -3.67
CA ILE A 161 -9.22 -26.25 -2.55
C ILE A 161 -8.22 -25.33 -1.85
N LEU A 162 -7.42 -24.61 -2.64
CA LEU A 162 -6.48 -23.62 -2.09
C LEU A 162 -7.21 -22.60 -1.23
N THR A 163 -8.34 -22.12 -1.74
CA THR A 163 -9.08 -21.03 -1.08
C THR A 163 -9.64 -21.49 0.25
N GLN A 164 -10.31 -22.65 0.25
CA GLN A 164 -10.85 -23.19 1.48
C GLN A 164 -9.79 -23.47 2.51
N TRP A 165 -8.72 -24.14 2.06
CA TRP A 165 -7.69 -24.61 2.98
C TRP A 165 -6.92 -23.44 3.58
N ALA A 166 -6.53 -22.49 2.74
CA ALA A 166 -5.87 -21.27 3.21
C ALA A 166 -6.76 -20.51 4.20
N THR A 167 -8.04 -20.35 3.85
CA THR A 167 -8.98 -19.66 4.74
C THR A 167 -9.05 -20.35 6.10
N HIS A 168 -9.13 -21.67 6.09
CA HIS A 168 -9.11 -22.46 7.33
C HIS A 168 -7.85 -22.19 8.15
N LEU A 169 -6.73 -21.98 7.46
CA LEU A 169 -5.46 -21.71 8.14
C LEU A 169 -5.29 -20.24 8.59
N GLY A 170 -6.34 -19.44 8.45
CA GLY A 170 -6.29 -18.04 8.87
C GLY A 170 -5.67 -17.08 7.87
N VAL A 171 -5.67 -17.47 6.60
CA VAL A 171 -5.11 -16.69 5.51
C VAL A 171 -6.21 -15.97 4.74
N ARG A 172 -6.00 -14.69 4.46
CA ARG A 172 -6.93 -13.93 3.61
C ARG A 172 -6.65 -14.25 2.15
N VAL A 173 -7.69 -14.59 1.40
CA VAL A 173 -7.48 -15.01 0.01
C VAL A 173 -8.15 -14.07 -0.96
N ILE A 174 -7.40 -13.60 -1.94
CA ILE A 174 -7.95 -12.84 -3.05
C ILE A 174 -7.87 -13.72 -4.28
N THR A 175 -8.96 -13.81 -5.05
CA THR A 175 -8.99 -14.66 -6.23
C THR A 175 -9.32 -13.90 -7.51
N THR A 176 -9.07 -14.55 -8.64
CA THR A 176 -9.60 -14.09 -9.92
C THR A 176 -10.49 -15.17 -10.54
N VAL A 177 -11.58 -14.76 -11.18
CA VAL A 177 -12.46 -15.70 -11.89
C VAL A 177 -13.02 -15.00 -13.13
N SER A 178 -13.63 -15.78 -14.02
CA SER A 178 -14.09 -15.22 -15.29
C SER A 178 -15.59 -14.86 -15.35
N THR A 179 -16.38 -15.34 -14.39
CA THR A 179 -17.84 -15.13 -14.41
C THR A 179 -18.38 -14.83 -13.02
N ALA A 180 -19.56 -14.22 -12.98
CA ALA A 180 -20.23 -13.94 -11.71
C ALA A 180 -20.64 -15.22 -10.98
N GLU A 181 -20.96 -16.28 -11.75
CA GLU A 181 -21.28 -17.58 -11.14
C GLU A 181 -20.08 -18.11 -10.38
N LYS A 182 -18.90 -18.02 -11.01
CA LYS A 182 -17.65 -18.46 -10.39
C LYS A 182 -17.28 -17.58 -9.20
N ALA A 183 -17.57 -16.29 -9.31
CA ALA A 183 -17.31 -15.38 -8.21
C ALA A 183 -18.04 -15.79 -6.94
N LYS A 184 -19.29 -16.25 -7.06
CA LYS A 184 -20.02 -16.64 -5.87
C LYS A 184 -19.43 -17.91 -5.25
N LEU A 185 -19.10 -18.89 -6.09
CA LEU A 185 -18.48 -20.13 -5.64
C LEU A 185 -17.17 -19.84 -4.90
N SER A 186 -16.44 -18.87 -5.42
CA SER A 186 -15.16 -18.48 -4.83
C SER A 186 -15.38 -17.84 -3.47
N LYS A 187 -16.37 -16.94 -3.38
CA LYS A 187 -16.74 -16.34 -2.10
C LYS A 187 -17.19 -17.41 -1.10
N ASP A 188 -18.05 -18.32 -1.55
CA ASP A 188 -18.52 -19.42 -0.71
C ASP A 188 -17.36 -20.27 -0.20
N ALA A 189 -16.30 -20.36 -1.01
CA ALA A 189 -15.10 -21.11 -0.63
C ALA A 189 -14.25 -20.36 0.38
N GLY A 190 -14.54 -19.08 0.56
CA GLY A 190 -13.87 -18.30 1.59
C GLY A 190 -13.06 -17.12 1.09
N ALA A 191 -13.05 -16.91 -0.22
CA ALA A 191 -12.30 -15.79 -0.79
C ALA A 191 -12.82 -14.49 -0.20
N ASP A 192 -11.89 -13.64 0.25
CA ASP A 192 -12.31 -12.41 0.90
C ASP A 192 -12.69 -11.37 -0.15
N VAL A 193 -11.99 -11.37 -1.28
CA VAL A 193 -12.30 -10.49 -2.40
C VAL A 193 -12.06 -11.23 -3.71
N VAL A 194 -12.98 -11.06 -4.66
CA VAL A 194 -12.84 -11.67 -5.98
C VAL A 194 -12.66 -10.59 -7.05
N LEU A 195 -11.58 -10.72 -7.83
CA LEU A 195 -11.27 -9.74 -8.87
C LEU A 195 -11.47 -10.31 -10.26
N ASP A 196 -11.59 -9.43 -11.25
CA ASP A 196 -11.56 -9.88 -12.63
C ASP A 196 -10.12 -10.15 -13.04
N TYR A 197 -9.94 -10.85 -14.16
CA TYR A 197 -8.60 -11.10 -14.69
C TYR A 197 -7.92 -9.80 -15.07
N PRO A 198 -6.60 -9.72 -14.85
CA PRO A 198 -5.83 -8.52 -15.16
C PRO A 198 -5.99 -8.12 -16.62
N GLU A 199 -6.10 -6.82 -16.88
CA GLU A 199 -6.00 -6.31 -18.24
C GLU A 199 -4.61 -5.73 -18.42
N ASP A 200 -4.16 -5.06 -17.36
CA ASP A 200 -2.85 -4.46 -17.30
C ASP A 200 -2.23 -4.80 -15.94
N ALA A 201 -0.98 -5.24 -15.95
CA ALA A 201 -0.30 -5.71 -14.76
C ALA A 201 -0.29 -4.68 -13.62
N TRP A 202 0.04 -3.44 -13.95
CA TRP A 202 0.12 -2.38 -12.95
C TRP A 202 -1.25 -2.00 -12.42
N GLN A 203 -2.23 -1.94 -13.31
CA GLN A 203 -3.63 -1.70 -12.94
C GLN A 203 -4.10 -2.73 -11.91
N PHE A 204 -3.95 -3.99 -12.27
CA PHE A 204 -4.34 -5.10 -11.40
C PHE A 204 -3.55 -5.09 -10.09
N ALA A 205 -2.23 -4.89 -10.17
CA ALA A 205 -1.41 -4.82 -8.97
C ALA A 205 -1.88 -3.72 -8.03
N GLY A 206 -2.28 -2.58 -8.59
CA GLY A 206 -2.87 -1.52 -7.79
C GLY A 206 -4.10 -1.98 -7.00
N ARG A 207 -4.98 -2.76 -7.62
CA ARG A 207 -6.16 -3.29 -6.93
C ARG A 207 -5.71 -4.12 -5.73
N VAL A 208 -4.80 -5.05 -5.98
CA VAL A 208 -4.23 -5.88 -4.92
C VAL A 208 -3.56 -5.05 -3.82
N ARG A 209 -2.78 -4.03 -4.22
CA ARG A 209 -2.16 -3.14 -3.24
C ARG A 209 -3.22 -2.41 -2.41
N GLU A 210 -4.26 -1.92 -3.08
CA GLU A 210 -5.38 -1.27 -2.41
C GLU A 210 -5.91 -2.14 -1.28
N LEU A 211 -6.08 -3.44 -1.57
CA LEU A 211 -6.68 -4.37 -0.64
C LEU A 211 -5.75 -4.76 0.50
N THR A 212 -4.45 -4.60 0.27
CA THR A 212 -3.45 -5.05 1.22
C THR A 212 -2.71 -3.86 1.83
N GLY A 213 -3.21 -2.67 1.56
CA GLY A 213 -2.61 -1.45 2.10
C GLY A 213 -1.28 -1.09 1.48
N GLY A 214 -1.13 -1.39 0.20
CA GLY A 214 0.12 -1.12 -0.50
C GLY A 214 1.14 -2.24 -0.35
N THR A 215 0.95 -3.10 0.64
CA THR A 215 1.93 -4.14 0.96
C THR A 215 2.11 -5.17 -0.15
N GLY A 216 1.00 -5.59 -0.75
CA GLY A 216 1.04 -6.69 -1.68
C GLY A 216 0.81 -7.98 -0.91
N VAL A 217 0.70 -9.09 -1.63
CA VAL A 217 0.44 -10.40 -1.01
C VAL A 217 1.73 -11.17 -0.64
N GLN A 218 1.67 -11.99 0.40
CA GLN A 218 2.84 -12.77 0.82
C GLN A 218 3.21 -13.85 -0.21
N ALA A 219 2.23 -14.29 -0.98
CA ALA A 219 2.45 -15.29 -2.02
C ALA A 219 1.37 -15.20 -3.10
N VAL A 220 1.74 -15.52 -4.33
CA VAL A 220 0.75 -15.69 -5.39
C VAL A 220 0.77 -17.15 -5.82
N TYR A 221 -0.39 -17.78 -5.88
CA TYR A 221 -0.50 -19.09 -6.47
C TYR A 221 -1.10 -18.95 -7.85
N ASP A 222 -0.25 -19.05 -8.88
CA ASP A 222 -0.66 -18.78 -10.25
C ASP A 222 -0.66 -20.06 -11.08
N GLY A 223 -1.85 -20.55 -11.40
CA GLY A 223 -1.99 -21.74 -12.22
C GLY A 223 -2.46 -21.42 -13.63
N VAL A 224 -2.44 -20.13 -13.96
CA VAL A 224 -2.98 -19.64 -15.23
C VAL A 224 -1.87 -19.32 -16.23
N GLY A 225 -0.76 -18.79 -15.73
CA GLY A 225 0.41 -18.63 -16.59
C GLY A 225 0.43 -17.38 -17.44
N ALA A 226 0.38 -17.56 -18.76
CA ALA A 226 0.66 -16.46 -19.69
C ALA A 226 -0.10 -15.15 -19.44
N THR A 227 -1.40 -15.23 -19.20
CA THR A 227 -2.23 -14.02 -19.07
C THR A 227 -2.22 -13.35 -17.70
N THR A 228 -1.61 -13.99 -16.71
CA THR A 228 -1.64 -13.48 -15.36
C THR A 228 -0.25 -13.26 -14.74
N PHE A 229 0.78 -13.83 -15.34
CA PHE A 229 2.11 -13.82 -14.72
C PHE A 229 2.62 -12.41 -14.38
N ASP A 230 2.59 -11.50 -15.36
CA ASP A 230 3.09 -10.15 -15.12
C ASP A 230 2.36 -9.48 -13.94
N ALA A 231 1.04 -9.68 -13.88
CA ALA A 231 0.24 -9.15 -12.79
C ALA A 231 0.56 -9.82 -11.45
N SER A 232 0.75 -11.14 -11.46
CA SER A 232 1.14 -11.86 -10.27
C SER A 232 2.45 -11.31 -9.71
N LEU A 233 3.44 -11.19 -10.59
CA LEU A 233 4.74 -10.70 -10.18
C LEU A 233 4.66 -9.28 -9.59
N ALA A 234 3.83 -8.44 -10.20
CA ALA A 234 3.66 -7.05 -9.75
C ALA A 234 2.86 -6.89 -8.45
N SER A 235 2.18 -7.97 -8.02
CA SER A 235 1.33 -7.90 -6.84
C SER A 235 1.98 -8.32 -5.53
N LEU A 236 3.25 -8.73 -5.58
CA LEU A 236 3.90 -9.34 -4.41
C LEU A 236 4.44 -8.40 -3.34
N ALA A 237 4.36 -8.84 -2.09
CA ALA A 237 5.01 -8.13 -1.01
C ALA A 237 6.51 -8.34 -1.15
N VAL A 238 7.29 -7.50 -0.48
CA VAL A 238 8.76 -7.64 -0.51
C VAL A 238 9.15 -9.04 -0.04
N ARG A 239 10.01 -9.69 -0.83
CA ARG A 239 10.52 -11.03 -0.54
C ARG A 239 9.42 -12.10 -0.58
N GLY A 240 8.32 -11.79 -1.29
CA GLY A 240 7.20 -12.70 -1.40
C GLY A 240 7.51 -13.83 -2.37
N THR A 241 6.61 -14.81 -2.45
CA THR A 241 6.87 -15.99 -3.29
C THR A 241 5.84 -16.10 -4.40
N LEU A 242 6.31 -16.13 -5.64
CA LEU A 242 5.44 -16.40 -6.78
C LEU A 242 5.54 -17.90 -7.07
N ALA A 243 4.48 -18.63 -6.75
CA ALA A 243 4.44 -20.05 -7.09
C ALA A 243 3.65 -20.18 -8.39
N LEU A 244 4.39 -20.29 -9.49
CA LEU A 244 3.79 -20.52 -10.80
C LEU A 244 3.65 -22.02 -10.98
N PHE A 245 2.45 -22.56 -10.76
CA PHE A 245 2.27 -24.02 -10.76
C PHE A 245 1.46 -24.53 -11.95
N GLY A 246 1.04 -23.65 -12.85
CA GLY A 246 0.24 -24.07 -13.97
C GLY A 246 0.35 -23.10 -15.14
N ALA A 247 -0.23 -23.46 -16.27
CA ALA A 247 -0.18 -22.64 -17.47
C ALA A 247 -1.44 -22.79 -18.31
N ALA A 248 -2.60 -22.73 -17.65
CA ALA A 248 -3.88 -22.94 -18.33
C ALA A 248 -4.10 -22.01 -19.53
N SER A 249 -3.70 -20.75 -19.39
CA SER A 249 -3.86 -19.78 -20.48
C SER A 249 -2.73 -19.85 -21.50
N GLY A 250 -1.74 -20.70 -21.24
CA GLY A 250 -0.58 -20.77 -22.11
C GLY A 250 0.70 -20.57 -21.33
N PRO A 251 1.84 -20.94 -21.91
CA PRO A 251 3.13 -20.90 -21.21
C PRO A 251 3.60 -19.48 -20.91
N VAL A 252 4.28 -19.31 -19.78
CA VAL A 252 4.89 -18.03 -19.40
C VAL A 252 6.20 -17.84 -20.16
N PRO A 253 6.34 -16.71 -20.87
CA PRO A 253 7.57 -16.42 -21.62
C PRO A 253 8.76 -16.27 -20.67
N PRO A 254 9.98 -16.53 -21.16
CA PRO A 254 11.22 -16.41 -20.36
C PRO A 254 11.25 -15.13 -19.53
N VAL A 255 11.62 -15.27 -18.26
CA VAL A 255 11.58 -14.17 -17.29
C VAL A 255 12.98 -13.63 -16.99
N ASP A 256 13.24 -12.37 -17.33
CA ASP A 256 14.48 -11.71 -16.91
C ASP A 256 14.56 -11.77 -15.39
N PRO A 257 15.59 -12.43 -14.85
CA PRO A 257 15.69 -12.54 -13.39
C PRO A 257 15.71 -11.19 -12.68
N GLN A 258 16.19 -10.15 -13.35
CA GLN A 258 16.18 -8.82 -12.74
C GLN A 258 14.76 -8.30 -12.48
N ARG A 259 13.77 -8.86 -13.14
CA ARG A 259 12.38 -8.55 -12.82
C ARG A 259 12.07 -8.95 -11.38
N LEU A 260 12.71 -10.01 -10.90
CA LEU A 260 12.44 -10.50 -9.54
C LEU A 260 13.03 -9.55 -8.51
N ASN A 261 14.11 -8.87 -8.90
CA ASN A 261 14.75 -7.86 -8.08
C ASN A 261 13.81 -6.65 -7.98
N ALA A 262 13.46 -6.08 -9.13
CA ALA A 262 12.58 -4.92 -9.18
C ALA A 262 11.25 -5.15 -8.45
N ALA A 263 10.74 -6.38 -8.50
CA ALA A 263 9.45 -6.69 -7.91
C ALA A 263 9.51 -6.76 -6.38
N GLY A 264 10.72 -6.73 -5.83
CA GLY A 264 10.89 -6.79 -4.37
C GLY A 264 11.79 -7.89 -3.83
N SER A 265 12.83 -8.26 -4.58
CA SER A 265 13.70 -9.39 -4.22
C SER A 265 12.84 -10.62 -3.90
N VAL A 266 11.98 -10.96 -4.84
CA VAL A 266 11.00 -12.01 -4.61
C VAL A 266 11.56 -13.35 -5.04
N TYR A 267 10.83 -14.41 -4.71
CA TYR A 267 11.20 -15.75 -5.15
C TYR A 267 10.25 -16.15 -6.25
N LEU A 268 10.79 -16.82 -7.27
CA LEU A 268 9.96 -17.47 -8.29
C LEU A 268 10.19 -18.97 -8.22
N THR A 269 9.13 -19.76 -8.18
CA THR A 269 9.32 -21.19 -8.23
C THR A 269 8.27 -21.80 -9.14
N ARG A 270 8.64 -22.86 -9.86
CA ARG A 270 7.69 -23.55 -10.74
C ARG A 270 7.66 -25.02 -10.33
N PRO A 271 6.79 -25.36 -9.36
CA PRO A 271 6.82 -26.72 -8.83
C PRO A 271 5.99 -27.72 -9.66
N SER A 272 6.34 -28.99 -9.47
CA SER A 272 5.58 -30.11 -10.01
C SER A 272 5.32 -31.09 -8.88
N LEU A 273 4.10 -31.65 -8.86
CA LEU A 273 3.67 -32.63 -7.86
C LEU A 273 4.68 -33.77 -7.68
N PHE A 274 5.33 -34.15 -8.78
CA PHE A 274 6.36 -35.19 -8.74
C PHE A 274 7.39 -34.97 -7.63
N HIS A 275 7.81 -33.72 -7.42
CA HIS A 275 8.86 -33.44 -6.44
C HIS A 275 8.33 -33.28 -5.01
N PHE A 276 7.02 -33.48 -4.83
CA PHE A 276 6.44 -33.43 -3.49
C PHE A 276 5.74 -34.74 -3.12
N THR A 277 5.95 -35.76 -3.94
CA THR A 277 5.52 -37.13 -3.65
C THR A 277 6.68 -38.08 -3.93
N ARG A 278 7.83 -37.76 -3.34
CA ARG A 278 9.08 -38.46 -3.67
C ARG A 278 9.24 -39.81 -3.00
N THR A 279 8.47 -40.06 -1.95
CA THR A 279 8.50 -41.34 -1.25
C THR A 279 7.07 -41.70 -0.87
N GLY A 280 6.84 -42.97 -0.55
CA GLY A 280 5.53 -43.37 -0.05
C GLY A 280 5.22 -42.63 1.23
N GLU A 281 6.27 -42.39 2.01
CA GLU A 281 6.13 -41.72 3.29
C GLU A 281 5.65 -40.27 3.12
N GLU A 282 6.18 -39.60 2.10
CA GLU A 282 5.81 -38.20 1.86
C GLU A 282 4.41 -38.14 1.30
N PHE A 283 4.12 -39.04 0.36
CA PHE A 283 2.80 -39.12 -0.24
C PHE A 283 1.74 -39.39 0.83
N SER A 284 2.04 -40.33 1.73
CA SER A 284 1.06 -40.72 2.75
C SER A 284 0.78 -39.60 3.72
N TRP A 285 1.81 -38.81 4.02
CA TRP A 285 1.67 -37.66 4.91
C TRP A 285 0.73 -36.63 4.32
N ARG A 286 0.96 -36.24 3.08
CA ARG A 286 0.09 -35.27 2.41
C ARG A 286 -1.34 -35.78 2.23
N ALA A 287 -1.48 -37.04 1.84
CA ALA A 287 -2.81 -37.63 1.63
C ALA A 287 -3.58 -37.65 2.95
N ALA A 288 -2.91 -38.01 4.02
CA ALA A 288 -3.55 -38.02 5.35
C ALA A 288 -3.98 -36.63 5.80
N GLU A 289 -3.12 -35.61 5.63
CA GLU A 289 -3.51 -34.25 5.97
C GLU A 289 -4.69 -33.78 5.11
N LEU A 290 -4.70 -34.18 3.83
CA LEU A 290 -5.85 -33.88 2.97
C LEU A 290 -7.16 -34.50 3.47
N PHE A 291 -7.12 -35.79 3.80
CA PHE A 291 -8.35 -36.44 4.27
C PHE A 291 -8.76 -35.97 5.67
N ASP A 292 -7.77 -35.57 6.48
CA ASP A 292 -8.09 -34.93 7.76
C ASP A 292 -8.87 -33.63 7.56
N ALA A 293 -8.42 -32.81 6.60
CA ALA A 293 -9.07 -31.54 6.30
C ALA A 293 -10.48 -31.75 5.74
N ILE A 294 -10.65 -32.70 4.86
CA ILE A 294 -11.96 -33.01 4.36
C ILE A 294 -12.89 -33.48 5.49
N ASN A 295 -12.41 -34.39 6.33
CA ASN A 295 -13.31 -34.91 7.37
C ASN A 295 -13.60 -33.97 8.51
N SER A 296 -12.78 -32.94 8.70
CA SER A 296 -13.14 -31.93 9.69
C SER A 296 -13.96 -30.80 9.06
N GLU A 297 -14.18 -30.92 7.75
CA GLU A 297 -14.84 -29.88 6.95
C GLU A 297 -14.05 -28.57 6.95
N ALA A 298 -12.75 -28.68 7.20
CA ALA A 298 -11.82 -27.58 6.94
C ALA A 298 -11.90 -27.24 5.46
N ILE A 299 -12.06 -28.27 4.64
CA ILE A 299 -12.38 -28.09 3.24
C ILE A 299 -13.50 -29.04 2.87
N THR A 300 -14.23 -28.70 1.82
CA THR A 300 -15.23 -29.60 1.24
C THR A 300 -15.01 -29.63 -0.27
N VAL A 301 -14.68 -30.81 -0.80
CA VAL A 301 -14.42 -30.93 -2.22
C VAL A 301 -15.68 -31.37 -2.94
N ALA A 302 -16.28 -30.46 -3.68
CA ALA A 302 -17.53 -30.76 -4.39
C ALA A 302 -17.20 -31.42 -5.71
N VAL A 303 -18.12 -32.24 -6.23
CA VAL A 303 -17.95 -32.76 -7.57
C VAL A 303 -18.54 -31.75 -8.54
N GLY A 304 -17.68 -31.01 -9.24
CA GLY A 304 -18.12 -29.87 -10.04
C GLY A 304 -18.74 -30.22 -11.39
N GLY A 305 -18.44 -31.41 -11.89
CA GLY A 305 -19.02 -31.83 -13.15
C GLY A 305 -18.76 -33.30 -13.36
N ARG A 306 -19.65 -33.96 -14.10
CA ARG A 306 -19.56 -35.39 -14.36
C ARG A 306 -19.78 -35.67 -15.84
N TYR A 307 -19.00 -36.58 -16.39
CA TYR A 307 -19.10 -36.98 -17.78
C TYR A 307 -18.94 -38.49 -17.88
N PRO A 308 -19.63 -39.10 -18.85
CA PRO A 308 -19.33 -40.51 -19.14
C PRO A 308 -17.87 -40.62 -19.61
N LEU A 309 -17.22 -41.74 -19.30
CA LEU A 309 -15.85 -41.98 -19.72
C LEU A 309 -15.70 -41.77 -21.21
N ALA A 310 -16.69 -42.23 -21.97
CA ALA A 310 -16.62 -42.11 -23.43
C ALA A 310 -16.64 -40.67 -23.91
N ASP A 311 -17.08 -39.76 -23.04
CA ASP A 311 -17.13 -38.35 -23.37
C ASP A 311 -15.96 -37.55 -22.79
N ALA A 312 -14.81 -38.20 -22.67
CA ALA A 312 -13.59 -37.50 -22.26
C ALA A 312 -13.35 -36.29 -23.17
N LEU A 313 -13.65 -36.44 -24.46
CA LEU A 313 -13.52 -35.36 -25.43
C LEU A 313 -14.26 -34.11 -24.98
N ARG A 314 -15.50 -34.31 -24.54
CA ARG A 314 -16.39 -33.24 -24.15
C ARG A 314 -15.84 -32.54 -22.91
N ALA A 315 -15.31 -33.31 -21.97
CA ALA A 315 -14.70 -32.76 -20.77
C ALA A 315 -13.50 -31.90 -21.12
N HIS A 316 -12.65 -32.39 -22.01
CA HIS A 316 -11.47 -31.60 -22.40
C HIS A 316 -11.88 -30.30 -23.09
N GLN A 317 -12.90 -30.35 -23.93
CA GLN A 317 -13.45 -29.13 -24.53
C GLN A 317 -13.91 -28.12 -23.48
N ASP A 318 -14.75 -28.57 -22.56
CA ASP A 318 -15.30 -27.67 -21.52
C ASP A 318 -14.19 -27.11 -20.62
N LEU A 319 -13.20 -27.94 -20.32
CA LEU A 319 -12.11 -27.53 -19.43
C LEU A 319 -11.29 -26.44 -20.10
N GLU A 320 -10.91 -26.67 -21.36
CA GLU A 320 -10.11 -25.69 -22.10
C GLU A 320 -10.88 -24.41 -22.43
N ALA A 321 -12.20 -24.51 -22.45
CA ALA A 321 -13.05 -23.36 -22.78
C ALA A 321 -13.43 -22.56 -21.54
N ARG A 322 -12.88 -22.91 -20.38
CA ARG A 322 -13.13 -22.20 -19.12
C ARG A 322 -14.57 -22.38 -18.64
N LYS A 323 -15.20 -23.47 -19.05
CA LYS A 323 -16.61 -23.67 -18.75
C LYS A 323 -16.87 -24.54 -17.52
N THR A 324 -15.83 -25.18 -17.01
CA THR A 324 -16.01 -26.05 -15.84
C THR A 324 -15.91 -25.26 -14.56
N VAL A 325 -16.49 -25.79 -13.48
CA VAL A 325 -16.29 -25.24 -12.15
C VAL A 325 -15.87 -26.38 -11.25
N GLY A 326 -14.89 -26.12 -10.40
CA GLY A 326 -14.38 -27.15 -9.51
C GLY A 326 -13.79 -28.35 -10.21
N SER A 327 -13.74 -29.46 -9.49
CA SER A 327 -13.18 -30.71 -10.01
C SER A 327 -14.23 -31.39 -10.88
N VAL A 328 -13.79 -31.95 -12.00
CA VAL A 328 -14.70 -32.78 -12.78
C VAL A 328 -14.17 -34.20 -12.88
N VAL A 329 -15.10 -35.15 -13.04
CA VAL A 329 -14.75 -36.56 -13.08
C VAL A 329 -15.36 -37.23 -14.30
N LEU A 330 -14.71 -38.30 -14.76
CA LEU A 330 -15.25 -39.18 -15.78
C LEU A 330 -15.82 -40.41 -15.07
N LEU A 331 -16.96 -40.90 -15.55
CA LEU A 331 -17.61 -42.03 -14.93
C LEU A 331 -17.65 -43.24 -15.87
N PRO A 332 -16.98 -44.35 -15.48
CA PRO A 332 -16.88 -45.52 -16.36
C PRO A 332 -18.12 -46.42 -16.29
N SER B 4 6.77 56.23 -20.08
CA SER B 4 6.05 54.96 -20.03
C SER B 4 6.89 53.92 -19.27
N MET B 5 6.31 52.76 -19.01
CA MET B 5 7.01 51.68 -18.36
C MET B 5 6.81 50.39 -19.14
N HIS B 6 7.71 49.43 -18.94
CA HIS B 6 7.58 48.07 -19.49
C HIS B 6 6.66 47.24 -18.61
N ALA B 7 5.77 46.46 -19.23
CA ALA B 7 4.88 45.58 -18.49
C ALA B 7 4.63 44.32 -19.31
N ILE B 8 4.16 43.26 -18.66
CA ILE B 8 3.77 42.05 -19.37
C ILE B 8 2.25 41.94 -19.29
N GLU B 9 1.58 42.05 -20.44
CA GLU B 9 0.11 42.06 -20.51
C GLU B 9 -0.44 40.73 -21.05
N VAL B 10 -1.61 40.34 -20.56
CA VAL B 10 -2.38 39.27 -21.19
C VAL B 10 -3.60 39.93 -21.83
N THR B 11 -3.67 39.94 -23.16
CA THR B 11 -4.74 40.66 -23.86
C THR B 11 -5.94 39.76 -24.04
N GLU B 12 -5.67 38.51 -24.41
CA GLU B 12 -6.68 37.47 -24.42
C GLU B 12 -5.98 36.25 -23.84
N THR B 13 -6.72 35.44 -23.11
CA THR B 13 -6.13 34.38 -22.29
C THR B 13 -5.70 33.15 -23.11
N GLY B 14 -4.81 32.33 -22.54
CA GLY B 14 -4.32 31.15 -23.23
C GLY B 14 -3.01 30.62 -22.67
N GLY B 15 -2.19 30.00 -23.53
CA GLY B 15 -0.91 29.43 -23.13
C GLY B 15 0.15 30.50 -22.88
N PRO B 16 1.37 30.09 -22.46
CA PRO B 16 2.46 31.03 -22.16
C PRO B 16 2.71 32.07 -23.26
N GLY B 17 2.42 31.73 -24.52
CA GLY B 17 2.63 32.62 -25.64
C GLY B 17 1.70 33.83 -25.75
N VAL B 18 0.73 33.91 -24.85
CA VAL B 18 -0.16 35.07 -24.85
C VAL B 18 0.45 36.17 -24.00
N LEU B 19 1.56 35.87 -23.32
CA LEU B 19 2.24 36.90 -22.55
C LEU B 19 2.83 37.87 -23.56
N ARG B 20 2.55 39.15 -23.38
CA ARG B 20 2.86 40.16 -24.38
C ARG B 20 3.66 41.33 -23.78
N HIS B 21 4.76 41.72 -24.43
CA HIS B 21 5.50 42.90 -24.00
C HIS B 21 4.74 44.17 -24.39
N VAL B 22 4.37 44.98 -23.40
CA VAL B 22 3.75 46.26 -23.70
C VAL B 22 4.46 47.40 -22.98
N ASP B 23 4.34 48.60 -23.54
CA ASP B 23 4.74 49.80 -22.85
C ASP B 23 3.44 50.50 -22.49
N GLN B 24 3.38 51.09 -21.31
CA GLN B 24 2.15 51.76 -20.88
C GLN B 24 2.45 52.82 -19.84
N PRO B 25 1.49 53.75 -19.62
CA PRO B 25 1.76 54.76 -18.60
C PRO B 25 1.91 54.13 -17.22
N GLN B 26 2.73 54.78 -16.39
CA GLN B 26 2.89 54.41 -14.99
C GLN B 26 1.54 54.53 -14.30
N PRO B 27 1.16 53.50 -13.51
CA PRO B 27 -0.13 53.49 -12.80
C PRO B 27 -0.21 54.65 -11.82
N GLN B 28 -1.43 55.07 -11.49
CA GLN B 28 -1.63 56.01 -10.41
C GLN B 28 -2.38 55.30 -9.29
N PRO B 29 -1.89 55.43 -8.04
CA PRO B 29 -2.50 54.67 -6.94
C PRO B 29 -3.85 55.25 -6.55
N GLY B 30 -4.84 54.40 -6.36
CA GLY B 30 -6.16 54.86 -5.97
C GLY B 30 -6.30 54.81 -4.46
N HIS B 31 -7.53 54.95 -3.98
CA HIS B 31 -7.79 54.86 -2.55
C HIS B 31 -7.33 53.52 -1.98
N GLY B 32 -6.61 53.58 -0.86
CA GLY B 32 -6.17 52.37 -0.19
C GLY B 32 -4.85 51.83 -0.75
N GLU B 33 -4.35 52.44 -1.81
CA GLU B 33 -3.21 51.88 -2.54
C GLU B 33 -1.89 52.61 -2.41
N LEU B 34 -0.83 51.85 -2.68
CA LEU B 34 0.53 52.34 -2.78
C LEU B 34 0.97 52.17 -4.23
N LEU B 35 1.81 53.08 -4.71
CA LEU B 35 2.48 52.88 -6.00
C LEU B 35 3.88 52.37 -5.71
N ILE B 36 4.23 51.20 -6.25
CA ILE B 36 5.52 50.57 -5.95
C ILE B 36 6.42 50.54 -7.17
N LYS B 37 7.67 50.98 -7.01
CA LYS B 37 8.67 50.80 -8.06
C LYS B 37 9.35 49.45 -7.80
N ALA B 38 9.15 48.50 -8.71
CA ALA B 38 9.63 47.14 -8.49
C ALA B 38 11.15 47.06 -8.38
N GLU B 39 11.61 46.24 -7.45
CA GLU B 39 13.01 45.82 -7.39
C GLU B 39 13.14 44.33 -7.72
N ALA B 40 12.13 43.55 -7.35
CA ALA B 40 12.04 42.13 -7.69
C ALA B 40 10.57 41.74 -7.72
N ILE B 41 10.20 40.90 -8.68
CA ILE B 41 8.81 40.51 -8.91
C ILE B 41 8.68 39.02 -8.71
N GLY B 42 7.70 38.58 -7.93
CA GLY B 42 7.54 37.16 -7.67
C GLY B 42 6.80 36.46 -8.79
N VAL B 43 7.23 35.24 -9.11
CA VAL B 43 6.51 34.36 -10.03
C VAL B 43 5.81 33.28 -9.21
N ASN B 44 4.55 33.04 -9.51
CA ASN B 44 3.73 32.11 -8.74
C ASN B 44 2.90 31.26 -9.67
N PHE B 45 2.60 30.01 -9.27
CA PHE B 45 1.87 29.15 -10.18
C PHE B 45 0.50 29.73 -10.50
N ILE B 46 -0.08 30.48 -9.58
CA ILE B 46 -1.38 31.10 -9.83
C ILE B 46 -1.37 32.08 -11.00
N ASP B 47 -0.21 32.67 -11.29
CA ASP B 47 -0.08 33.58 -12.43
C ASP B 47 -0.50 32.82 -13.68
N THR B 48 -0.18 31.53 -13.65
CA THR B 48 -0.37 30.61 -14.76
C THR B 48 -1.86 30.29 -14.95
N TYR B 49 -2.62 30.29 -13.87
CA TYR B 49 -4.06 30.03 -13.96
C TYR B 49 -4.80 31.26 -14.45
N PHE B 50 -4.34 32.45 -14.09
CA PHE B 50 -4.92 33.67 -14.63
C PHE B 50 -4.55 33.85 -16.10
N ARG B 51 -3.34 33.47 -16.46
CA ARG B 51 -2.93 33.56 -17.86
C ARG B 51 -3.78 32.61 -18.71
N SER B 52 -4.05 31.43 -18.17
CA SER B 52 -4.77 30.38 -18.91
C SER B 52 -6.27 30.61 -18.94
N GLY B 53 -6.75 31.44 -18.04
CA GLY B 53 -8.18 31.67 -17.91
C GLY B 53 -8.84 30.64 -17.03
N GLN B 54 -8.05 29.70 -16.51
CA GLN B 54 -8.55 28.69 -15.55
C GLN B 54 -9.10 29.41 -14.31
N TYR B 55 -8.54 30.58 -14.02
CA TYR B 55 -9.09 31.54 -13.07
C TYR B 55 -9.46 32.79 -13.85
N PRO B 56 -10.77 33.06 -14.03
CA PRO B 56 -11.24 34.18 -14.86
C PRO B 56 -10.95 35.57 -14.30
N ARG B 57 -10.79 36.54 -15.20
CA ARG B 57 -10.45 37.90 -14.83
C ARG B 57 -10.74 38.82 -16.01
N GLU B 58 -11.10 40.08 -15.73
CA GLU B 58 -11.39 41.07 -16.78
C GLU B 58 -10.17 41.42 -17.65
N LEU B 59 -10.34 41.35 -18.96
CA LEU B 59 -9.24 41.59 -19.93
C LEU B 59 -9.33 42.98 -20.55
N PRO B 60 -8.15 43.55 -20.92
CA PRO B 60 -6.83 42.96 -20.72
C PRO B 60 -6.31 43.24 -19.32
N PHE B 61 -5.28 42.51 -18.90
CA PHE B 61 -4.64 42.79 -17.61
C PHE B 61 -3.12 42.58 -17.66
N VAL B 62 -2.43 43.29 -16.78
CA VAL B 62 -1.03 43.02 -16.51
C VAL B 62 -0.97 41.93 -15.44
N ILE B 63 -0.19 40.89 -15.69
CA ILE B 63 -0.21 39.68 -14.87
C ILE B 63 0.64 39.84 -13.59
N GLY B 64 0.34 39.06 -12.55
CA GLY B 64 1.21 38.99 -11.38
C GLY B 64 0.71 39.73 -10.17
N SER B 65 0.96 39.17 -8.98
CA SER B 65 0.51 39.83 -7.76
C SER B 65 1.57 39.99 -6.68
N GLU B 66 2.77 39.45 -6.90
CA GLU B 66 3.83 39.52 -5.88
C GLU B 66 4.95 40.46 -6.31
N VAL B 67 5.29 41.43 -5.45
CA VAL B 67 6.31 42.42 -5.80
C VAL B 67 6.98 42.93 -4.53
N CYS B 68 8.28 43.16 -4.62
CA CYS B 68 9.00 43.93 -3.63
C CYS B 68 9.61 45.15 -4.31
N GLY B 69 9.44 46.31 -3.70
CA GLY B 69 10.07 47.51 -4.24
C GLY B 69 9.90 48.69 -3.31
N THR B 70 10.11 49.88 -3.84
CA THR B 70 10.03 51.07 -2.99
C THR B 70 8.72 51.81 -3.22
N VAL B 71 8.21 52.45 -2.19
CA VAL B 71 6.96 53.21 -2.33
C VAL B 71 7.26 54.56 -3.00
N GLU B 72 6.76 54.70 -4.22
CA GLU B 72 6.98 55.91 -5.02
C GLU B 72 5.91 56.96 -4.68
N ALA B 73 4.72 56.50 -4.30
CA ALA B 73 3.64 57.41 -3.96
C ALA B 73 2.55 56.68 -3.17
N VAL B 74 1.73 57.44 -2.46
CA VAL B 74 0.60 56.88 -1.73
C VAL B 74 -0.68 57.44 -2.36
N GLY B 75 -1.71 56.62 -2.46
CA GLY B 75 -3.01 57.04 -2.95
C GLY B 75 -3.50 58.26 -2.19
N PRO B 76 -4.12 59.20 -2.91
CA PRO B 76 -4.61 60.43 -2.28
C PRO B 76 -5.79 60.14 -1.37
N GLY B 77 -6.10 61.05 -0.45
CA GLY B 77 -7.19 60.81 0.47
C GLY B 77 -6.70 60.29 1.80
N VAL B 78 -7.50 59.46 2.45
CA VAL B 78 -7.22 59.06 3.83
C VAL B 78 -6.11 58.02 3.92
N THR B 79 -5.73 57.47 2.78
CA THR B 79 -4.84 56.29 2.74
C THR B 79 -3.59 56.37 3.61
N ALA B 80 -2.83 57.45 3.51
CA ALA B 80 -1.59 57.56 4.27
C ALA B 80 -1.81 57.60 5.79
N ALA B 81 -3.01 57.97 6.21
CA ALA B 81 -3.31 58.01 7.65
C ALA B 81 -3.62 56.62 8.18
N ASP B 82 -3.91 55.68 7.28
CA ASP B 82 -4.30 54.30 7.65
C ASP B 82 -3.14 53.31 7.61
N THR B 83 -1.96 53.78 7.27
CA THR B 83 -0.79 52.89 7.22
C THR B 83 0.46 53.58 7.76
N ALA B 84 1.39 52.79 8.29
CA ALA B 84 2.67 53.33 8.74
C ALA B 84 3.68 53.38 7.60
N ILE B 85 3.29 52.83 6.44
CA ILE B 85 4.16 52.82 5.27
C ILE B 85 4.22 54.21 4.66
N SER B 86 5.43 54.68 4.34
CA SER B 86 5.60 56.01 3.76
C SER B 86 6.36 55.94 2.45
N VAL B 87 6.28 57.02 1.67
CA VAL B 87 7.07 57.14 0.45
C VAL B 87 8.54 56.89 0.76
N GLY B 88 9.19 56.06 -0.05
CA GLY B 88 10.60 55.73 0.12
C GLY B 88 10.84 54.37 0.79
N ASP B 89 9.82 53.88 1.50
CA ASP B 89 9.93 52.61 2.20
C ASP B 89 10.03 51.45 1.23
N ARG B 90 10.85 50.47 1.59
CA ARG B 90 10.94 49.22 0.87
C ARG B 90 9.87 48.31 1.40
N VAL B 91 9.05 47.79 0.50
CA VAL B 91 7.88 47.02 0.90
C VAL B 91 7.69 45.81 0.01
N VAL B 92 6.86 44.87 0.46
CA VAL B 92 6.52 43.70 -0.33
C VAL B 92 5.04 43.37 -0.17
N SER B 93 4.36 43.01 -1.26
CA SER B 93 2.95 42.62 -1.21
C SER B 93 2.74 41.37 -2.07
N ALA B 94 1.74 40.57 -1.69
CA ALA B 94 1.35 39.41 -2.47
C ALA B 94 -0.01 39.65 -3.13
N SER B 95 -0.48 40.89 -3.02
CA SER B 95 -1.81 41.28 -3.48
C SER B 95 -1.79 42.44 -4.47
N ALA B 96 -0.69 42.59 -5.20
CA ALA B 96 -0.52 43.72 -6.10
C ALA B 96 -1.38 43.54 -7.35
N ASN B 97 -1.66 44.64 -8.01
CA ASN B 97 -2.31 44.60 -9.33
C ASN B 97 -1.25 44.91 -10.38
N GLY B 98 -1.01 43.97 -11.29
CA GLY B 98 -0.06 44.20 -12.38
C GLY B 98 1.40 44.16 -11.98
N ALA B 99 1.80 43.15 -11.21
CA ALA B 99 3.17 43.06 -10.72
C ALA B 99 4.27 42.88 -11.78
N TYR B 100 3.98 42.22 -12.90
CA TYR B 100 5.01 42.03 -13.93
C TYR B 100 5.15 43.34 -14.71
N ALA B 101 5.77 44.33 -14.07
CA ALA B 101 5.93 45.67 -14.64
C ALA B 101 6.95 46.46 -13.83
N GLU B 102 7.42 47.57 -14.38
CA GLU B 102 8.38 48.39 -13.66
C GLU B 102 7.75 49.06 -12.43
N PHE B 103 6.45 49.30 -12.50
CA PHE B 103 5.70 49.92 -11.42
C PHE B 103 4.36 49.24 -11.30
N CYS B 104 3.83 49.08 -10.08
CA CYS B 104 2.47 48.57 -9.92
C CYS B 104 1.86 49.17 -8.66
N THR B 105 0.60 48.84 -8.43
CA THR B 105 -0.08 49.26 -7.20
C THR B 105 -0.37 48.06 -6.31
N ALA B 106 -0.51 48.30 -5.00
CA ALA B 106 -0.92 47.27 -4.06
C ALA B 106 -1.69 47.93 -2.92
N PRO B 107 -2.61 47.19 -2.30
CA PRO B 107 -3.32 47.80 -1.16
C PRO B 107 -2.38 47.87 0.02
N ALA B 108 -2.34 49.00 0.70
CA ALA B 108 -1.42 49.20 1.81
C ALA B 108 -1.69 48.20 2.94
N SER B 109 -2.95 47.82 3.09
CA SER B 109 -3.32 46.95 4.20
C SER B 109 -2.81 45.53 3.99
N LEU B 110 -2.43 45.21 2.74
CA LEU B 110 -1.87 43.90 2.42
C LEU B 110 -0.45 44.05 1.89
N THR B 111 0.26 45.04 2.42
CA THR B 111 1.66 45.27 2.08
C THR B 111 2.46 45.34 3.37
N ALA B 112 3.65 44.74 3.36
CA ALA B 112 4.52 44.73 4.54
C ALA B 112 5.82 45.46 4.26
N LYS B 113 6.33 46.19 5.25
CA LYS B 113 7.68 46.73 5.15
C LYS B 113 8.70 45.59 5.17
N VAL B 114 9.73 45.70 4.34
CA VAL B 114 10.79 44.69 4.32
C VAL B 114 11.84 45.04 5.37
N PRO B 115 12.23 44.08 6.21
CA PRO B 115 13.31 44.36 7.17
C PRO B 115 14.61 44.69 6.44
N ASP B 116 15.45 45.54 7.03
CA ASP B 116 16.68 45.95 6.38
C ASP B 116 17.59 44.78 5.99
N ASP B 117 17.52 43.70 6.77
CA ASP B 117 18.40 42.54 6.58
C ASP B 117 17.93 41.58 5.51
N VAL B 118 16.79 41.88 4.89
CA VAL B 118 16.21 41.00 3.86
C VAL B 118 16.30 41.67 2.50
N THR B 119 16.96 41.02 1.55
CA THR B 119 17.09 41.59 0.21
C THR B 119 15.76 41.60 -0.49
N SER B 120 15.62 42.46 -1.49
CA SER B 120 14.36 42.55 -2.22
C SER B 120 14.03 41.25 -2.95
N GLU B 121 15.06 40.58 -3.46
CA GLU B 121 14.84 39.34 -4.16
C GLU B 121 14.38 38.24 -3.21
N VAL B 122 14.91 38.23 -1.99
CA VAL B 122 14.42 37.27 -0.99
C VAL B 122 12.99 37.60 -0.61
N ALA B 123 12.68 38.88 -0.43
CA ALA B 123 11.32 39.27 -0.08
C ALA B 123 10.31 38.80 -1.13
N ALA B 124 10.66 38.96 -2.40
CA ALA B 124 9.75 38.59 -3.50
C ALA B 124 9.79 37.09 -3.77
N SER B 125 10.74 36.40 -3.13
CA SER B 125 10.77 34.95 -3.15
C SER B 125 9.96 34.37 -2.00
N ALA B 126 9.73 35.20 -0.99
CA ALA B 126 9.24 34.72 0.31
C ALA B 126 7.81 35.04 0.68
N LEU B 127 7.31 36.22 0.32
CA LEU B 127 6.03 36.64 0.90
C LEU B 127 4.80 35.81 0.53
N LEU B 128 4.48 35.69 -0.76
CA LEU B 128 3.23 35.01 -1.11
C LEU B 128 3.30 33.56 -0.67
N LYS B 129 4.44 32.93 -0.95
CA LYS B 129 4.63 31.52 -0.67
C LYS B 129 4.85 31.23 0.82
N GLY B 130 5.45 32.19 1.53
CA GLY B 130 5.66 32.08 2.97
C GLY B 130 4.40 32.34 3.78
N LEU B 131 3.59 33.34 3.38
CA LEU B 131 2.25 33.49 3.96
C LEU B 131 1.44 32.21 3.76
N THR B 132 1.57 31.62 2.57
CA THR B 132 0.88 30.37 2.29
C THR B 132 1.37 29.25 3.20
N ALA B 133 2.69 29.09 3.32
CA ALA B 133 3.21 28.09 4.24
C ALA B 133 2.75 28.36 5.67
N HIS B 134 2.68 29.63 6.07
CA HIS B 134 2.26 29.94 7.43
C HIS B 134 0.82 29.48 7.66
N TYR B 135 -0.10 29.84 6.78
CA TYR B 135 -1.49 29.48 7.04
C TYR B 135 -1.70 27.97 6.98
N LEU B 136 -0.91 27.31 6.12
CA LEU B 136 -1.04 25.85 5.96
C LEU B 136 -0.59 25.09 7.21
N LEU B 137 0.49 25.58 7.83
CA LEU B 137 1.11 24.89 8.96
C LEU B 137 0.57 25.37 10.30
N LYS B 138 -0.03 26.55 10.34
CA LYS B 138 -0.50 27.12 11.60
C LYS B 138 -2.03 27.11 11.71
N SER B 139 -2.72 27.18 10.57
CA SER B 139 -4.17 27.39 10.58
C SER B 139 -4.96 26.27 9.95
N VAL B 140 -4.56 25.84 8.76
CA VAL B 140 -5.29 24.78 8.05
C VAL B 140 -5.16 23.43 8.78
N TYR B 141 -3.92 23.00 9.01
CA TYR B 141 -3.64 21.92 9.94
C TYR B 141 -2.49 22.34 10.85
N PRO B 142 -2.80 22.56 12.14
CA PRO B 142 -1.77 23.03 13.07
C PRO B 142 -0.80 21.89 13.39
N VAL B 143 0.32 21.82 12.68
CA VAL B 143 1.28 20.76 12.89
C VAL B 143 1.85 20.84 14.32
N LYS B 144 2.15 19.67 14.90
CA LYS B 144 2.76 19.62 16.22
C LYS B 144 4.00 18.71 16.18
N ARG B 145 4.92 18.89 17.11
CA ARG B 145 6.11 18.04 17.15
C ARG B 145 5.70 16.57 17.21
N GLY B 146 6.32 15.74 16.38
CA GLY B 146 5.98 14.32 16.36
C GLY B 146 5.12 13.93 15.18
N ASP B 147 4.41 14.90 14.61
CA ASP B 147 3.61 14.65 13.41
C ASP B 147 4.54 14.28 12.25
N THR B 148 3.99 13.58 11.27
CA THR B 148 4.65 13.41 10.00
C THR B 148 3.70 13.93 8.93
N VAL B 149 4.20 14.69 7.97
CA VAL B 149 3.35 15.20 6.91
C VAL B 149 3.98 14.90 5.55
N LEU B 150 3.14 14.83 4.53
CA LEU B 150 3.60 14.67 3.15
C LEU B 150 3.46 16.01 2.42
N VAL B 151 4.54 16.45 1.78
CA VAL B 151 4.52 17.69 1.00
C VAL B 151 4.94 17.36 -0.42
N HIS B 152 4.01 17.40 -1.35
CA HIS B 152 4.35 17.22 -2.77
C HIS B 152 5.12 18.40 -3.33
N ALA B 153 5.88 18.14 -4.39
CA ALA B 153 6.76 19.16 -5.00
C ALA B 153 7.67 19.81 -3.97
N GLY B 154 8.47 18.98 -3.29
CA GLY B 154 9.30 19.42 -2.18
C GLY B 154 10.33 20.47 -2.51
N ALA B 155 10.70 20.58 -3.79
CA ALA B 155 11.75 21.53 -4.17
C ALA B 155 11.19 22.75 -4.89
N GLY B 156 9.87 22.93 -4.84
CA GLY B 156 9.25 24.10 -5.44
C GLY B 156 9.26 25.24 -4.45
N GLY B 157 8.68 26.38 -4.83
CA GLY B 157 8.73 27.56 -3.99
C GLY B 157 8.09 27.33 -2.64
N VAL B 158 6.82 26.93 -2.66
CA VAL B 158 6.09 26.65 -1.43
C VAL B 158 6.66 25.44 -0.69
N GLY B 159 6.95 24.37 -1.42
CA GLY B 159 7.46 23.14 -0.83
C GLY B 159 8.70 23.32 0.03
N LEU B 160 9.65 24.11 -0.43
CA LEU B 160 10.87 24.34 0.33
C LEU B 160 10.58 25.07 1.64
N ILE B 161 9.67 26.05 1.59
CA ILE B 161 9.32 26.80 2.78
C ILE B 161 8.53 25.93 3.77
N LEU B 162 7.52 25.21 3.26
CA LEU B 162 6.79 24.26 4.09
C LEU B 162 7.75 23.29 4.79
N THR B 163 8.71 22.76 4.04
CA THR B 163 9.62 21.76 4.58
C THR B 163 10.51 22.32 5.69
N GLN B 164 11.12 23.47 5.46
CA GLN B 164 11.97 24.07 6.50
C GLN B 164 11.18 24.46 7.73
N TRP B 165 10.01 25.05 7.52
CA TRP B 165 9.22 25.55 8.64
C TRP B 165 8.68 24.38 9.47
N ALA B 166 8.15 23.36 8.79
CA ALA B 166 7.60 22.20 9.49
C ALA B 166 8.71 21.49 10.29
N THR B 167 9.85 21.28 9.63
CA THR B 167 10.99 20.62 10.28
C THR B 167 11.46 21.44 11.48
N HIS B 168 11.47 22.76 11.32
CA HIS B 168 11.79 23.64 12.44
C HIS B 168 10.86 23.39 13.62
N LEU B 169 9.61 23.06 13.32
CA LEU B 169 8.59 22.85 14.35
C LEU B 169 8.56 21.41 14.87
N GLY B 170 9.57 20.62 14.55
CA GLY B 170 9.65 19.25 15.04
C GLY B 170 8.82 18.25 14.27
N VAL B 171 8.34 18.67 13.11
CA VAL B 171 7.53 17.80 12.24
C VAL B 171 8.41 17.04 11.25
N ARG B 172 8.15 15.74 11.09
CA ARG B 172 8.83 14.97 10.08
C ARG B 172 8.18 15.19 8.71
N VAL B 173 8.99 15.36 7.69
CA VAL B 173 8.48 15.66 6.35
C VAL B 173 8.92 14.63 5.31
N ILE B 174 7.95 14.14 4.55
CA ILE B 174 8.20 13.29 3.39
C ILE B 174 7.80 14.08 2.15
N THR B 175 8.64 14.07 1.12
CA THR B 175 8.33 14.87 -0.07
C THR B 175 8.37 14.07 -1.36
N THR B 176 7.85 14.66 -2.43
CA THR B 176 8.04 14.15 -3.77
C THR B 176 8.75 15.22 -4.61
N VAL B 177 9.67 14.79 -5.47
CA VAL B 177 10.31 15.66 -6.45
C VAL B 177 10.57 14.84 -7.70
N SER B 178 10.91 15.52 -8.80
CA SER B 178 11.14 14.82 -10.07
C SER B 178 12.62 14.59 -10.44
N THR B 179 13.56 15.24 -9.75
CA THR B 179 14.98 15.06 -10.10
C THR B 179 15.89 14.84 -8.90
N ALA B 180 17.10 14.34 -9.16
CA ALA B 180 18.10 14.15 -8.12
C ALA B 180 18.57 15.47 -7.53
N GLU B 181 18.66 16.50 -8.37
CA GLU B 181 19.03 17.84 -7.90
C GLU B 181 17.98 18.30 -6.90
N LYS B 182 16.72 18.09 -7.24
CA LYS B 182 15.63 18.50 -6.37
C LYS B 182 15.55 17.68 -5.09
N ALA B 183 15.84 16.38 -5.18
CA ALA B 183 15.86 15.54 -3.99
C ALA B 183 16.91 16.03 -3.00
N LYS B 184 18.06 16.46 -3.52
CA LYS B 184 19.12 16.98 -2.68
C LYS B 184 18.67 18.26 -1.95
N LEU B 185 18.08 19.18 -2.70
CA LEU B 185 17.58 20.42 -2.12
C LEU B 185 16.51 20.16 -1.07
N SER B 186 15.65 19.18 -1.34
CA SER B 186 14.55 18.87 -0.44
C SER B 186 15.08 18.29 0.87
N LYS B 187 16.06 17.40 0.76
CA LYS B 187 16.75 16.87 1.94
C LYS B 187 17.42 17.98 2.75
N ASP B 188 18.06 18.92 2.04
CA ASP B 188 18.73 20.04 2.70
C ASP B 188 17.70 20.93 3.41
N ALA B 189 16.50 21.01 2.84
CA ALA B 189 15.42 21.81 3.41
C ALA B 189 14.79 21.16 4.65
N GLY B 190 15.06 19.86 4.85
CA GLY B 190 14.62 19.16 6.04
C GLY B 190 13.84 17.87 5.80
N ALA B 191 13.66 17.48 4.53
CA ALA B 191 12.89 16.28 4.21
C ALA B 191 13.59 15.02 4.73
N ASP B 192 12.86 14.19 5.47
CA ASP B 192 13.46 12.98 6.01
C ASP B 192 13.53 11.88 4.95
N VAL B 193 12.52 11.84 4.08
CA VAL B 193 12.53 10.94 2.94
C VAL B 193 12.00 11.69 1.73
N VAL B 194 12.65 11.49 0.59
CA VAL B 194 12.18 12.02 -0.68
C VAL B 194 11.79 10.85 -1.59
N LEU B 195 10.56 10.89 -2.11
CA LEU B 195 10.06 9.83 -3.00
C LEU B 195 9.88 10.36 -4.41
N ASP B 196 9.87 9.47 -5.40
CA ASP B 196 9.45 9.88 -6.73
C ASP B 196 7.94 10.04 -6.72
N TYR B 197 7.40 10.70 -7.75
CA TYR B 197 5.96 10.90 -7.85
C TYR B 197 5.24 9.56 -7.99
N PRO B 198 4.06 9.43 -7.35
CA PRO B 198 3.32 8.17 -7.38
C PRO B 198 2.95 7.76 -8.80
N GLU B 199 3.01 6.45 -9.08
CA GLU B 199 2.50 5.95 -10.34
C GLU B 199 1.23 5.16 -10.04
N ASP B 200 1.31 4.34 -8.99
CA ASP B 200 0.12 3.73 -8.42
C ASP B 200 -0.09 4.29 -7.03
N ALA B 201 -1.29 4.80 -6.78
CA ALA B 201 -1.58 5.47 -5.52
C ALA B 201 -1.33 4.60 -4.30
N TRP B 202 -1.70 3.31 -4.37
CA TRP B 202 -1.55 2.45 -3.19
C TRP B 202 -0.15 1.97 -2.93
N GLN B 203 0.59 1.73 -4.00
CA GLN B 203 2.00 1.43 -3.88
C GLN B 203 2.66 2.58 -3.13
N PHE B 204 2.42 3.81 -3.59
CA PHE B 204 2.92 5.01 -2.95
C PHE B 204 2.45 5.10 -1.49
N ALA B 205 1.16 4.94 -1.27
CA ALA B 205 0.59 5.07 0.07
C ALA B 205 1.14 4.05 1.06
N GLY B 206 1.43 2.83 0.58
CA GLY B 206 1.98 1.81 1.45
C GLY B 206 3.35 2.16 1.98
N ARG B 207 4.16 2.79 1.14
CA ARG B 207 5.48 3.29 1.55
C ARG B 207 5.35 4.29 2.67
N VAL B 208 4.48 5.27 2.45
CA VAL B 208 4.21 6.30 3.44
C VAL B 208 3.79 5.66 4.76
N ARG B 209 2.92 4.67 4.67
CA ARG B 209 2.47 3.96 5.86
C ARG B 209 3.62 3.24 6.55
N GLU B 210 4.45 2.56 5.77
CA GLU B 210 5.59 1.82 6.31
C GLU B 210 6.53 2.76 7.08
N LEU B 211 6.66 3.98 6.57
CA LEU B 211 7.45 5.03 7.22
C LEU B 211 6.66 5.61 8.37
N GLY B 213 4.72 4.46 10.85
CA GLY B 213 4.77 3.08 11.31
C GLY B 213 3.40 2.41 11.22
N GLY B 214 2.88 2.33 10.00
CA GLY B 214 1.56 1.79 9.76
C GLY B 214 0.54 2.93 9.70
N THR B 215 0.74 3.93 10.56
CA THR B 215 -0.21 5.01 10.81
C THR B 215 -0.61 5.82 9.57
N GLY B 216 0.36 6.20 8.76
CA GLY B 216 0.10 7.13 7.67
C GLY B 216 0.40 8.52 8.16
N VAL B 217 0.33 9.54 7.29
CA VAL B 217 0.68 10.90 7.70
C VAL B 217 -0.48 11.66 8.35
N GLN B 218 -0.16 12.53 9.30
CA GLN B 218 -1.18 13.36 9.95
C GLN B 218 -1.84 14.32 8.97
N ALA B 219 -1.10 14.69 7.92
CA ALA B 219 -1.63 15.61 6.92
C ALA B 219 -0.85 15.51 5.63
N VAL B 220 -1.52 15.83 4.52
CA VAL B 220 -0.85 15.99 3.23
C VAL B 220 -1.02 17.42 2.77
N TYR B 221 0.08 18.04 2.34
CA TYR B 221 0.01 19.33 1.68
C TYR B 221 0.23 19.13 0.19
N ASP B 222 -0.86 19.21 -0.57
CA ASP B 222 -0.82 18.86 -1.98
C ASP B 222 -1.06 20.08 -2.85
N GLY B 223 -0.01 20.56 -3.51
CA GLY B 223 -0.12 21.67 -4.43
C GLY B 223 -0.03 21.22 -5.87
N VAL B 224 0.03 19.91 -6.09
CA VAL B 224 0.20 19.35 -7.44
C VAL B 224 -1.14 18.98 -8.08
N GLY B 225 -2.05 18.45 -7.29
CA GLY B 225 -3.41 18.24 -7.76
C GLY B 225 -3.66 16.96 -8.51
N ALA B 226 -3.93 17.07 -9.81
CA ALA B 226 -4.43 15.93 -10.61
C ALA B 226 -3.63 14.63 -10.47
N THR B 227 -2.31 14.73 -10.60
CA THR B 227 -1.48 13.53 -10.64
C THR B 227 -1.13 12.96 -9.27
N THR B 228 -1.45 13.69 -8.21
CA THR B 228 -1.08 13.23 -6.87
C THR B 228 -2.24 13.00 -5.90
N PHE B 229 -3.43 13.49 -6.23
CA PHE B 229 -4.52 13.54 -5.26
C PHE B 229 -4.91 12.18 -4.67
N ASP B 230 -5.07 11.19 -5.55
CA ASP B 230 -5.45 9.85 -5.10
C ASP B 230 -4.41 9.27 -4.14
N ALA B 231 -3.13 9.50 -4.42
CA ALA B 231 -2.05 9.05 -3.57
C ALA B 231 -2.05 9.79 -2.24
N SER B 232 -2.33 11.09 -2.29
CA SER B 232 -2.40 11.88 -1.07
C SER B 232 -3.52 11.33 -0.18
N LEU B 233 -4.67 11.11 -0.80
CA LEU B 233 -5.83 10.64 -0.05
C LEU B 233 -5.53 9.28 0.60
N ALA B 234 -4.86 8.42 -0.15
CA ALA B 234 -4.56 7.06 0.34
C ALA B 234 -3.49 7.02 1.43
N SER B 235 -2.64 8.06 1.48
CA SER B 235 -1.52 8.09 2.43
C SER B 235 -1.90 8.62 3.81
N LEU B 236 -3.12 9.11 3.94
CA LEU B 236 -3.54 9.78 5.16
C LEU B 236 -3.80 8.83 6.32
N ALA B 237 -3.37 9.24 7.51
CA ALA B 237 -3.77 8.55 8.74
C ALA B 237 -5.26 8.75 8.96
N VAL B 238 -5.84 7.93 9.82
CA VAL B 238 -7.25 8.07 10.17
C VAL B 238 -7.53 9.47 10.71
N ARG B 239 -8.59 10.10 10.19
CA ARG B 239 -9.01 11.45 10.58
C ARG B 239 -7.94 12.53 10.28
N GLY B 240 -7.05 12.22 9.33
CA GLY B 240 -6.03 13.16 8.91
C GLY B 240 -6.59 14.25 8.00
N THR B 241 -5.77 15.25 7.67
CA THR B 241 -6.22 16.38 6.85
C THR B 241 -5.50 16.43 5.50
N LEU B 242 -6.27 16.36 4.41
CA LEU B 242 -5.74 16.58 3.08
C LEU B 242 -5.94 18.05 2.71
N ALA B 243 -4.86 18.82 2.73
CA ALA B 243 -4.93 20.22 2.30
C ALA B 243 -4.52 20.31 0.84
N LEU B 244 -5.51 20.25 -0.05
CA LEU B 244 -5.31 20.49 -1.47
C LEU B 244 -5.26 21.99 -1.70
N PHE B 245 -4.05 22.54 -1.87
CA PHE B 245 -3.93 23.99 -1.99
C PHE B 245 -3.43 24.44 -3.35
N GLY B 246 -3.24 23.50 -4.27
CA GLY B 246 -2.77 23.86 -5.60
C GLY B 246 -3.19 22.86 -6.64
N ALA B 247 -2.85 23.14 -7.90
CA ALA B 247 -3.22 22.27 -9.02
C ALA B 247 -2.20 22.39 -10.13
N ALA B 248 -0.91 22.25 -9.80
CA ALA B 248 0.14 22.43 -10.79
C ALA B 248 0.02 21.46 -11.97
N SER B 249 -0.33 20.21 -11.67
CA SER B 249 -0.42 19.17 -12.70
C SER B 249 -1.78 19.19 -13.39
N GLY B 250 -2.70 20.01 -12.88
CA GLY B 250 -4.05 20.07 -13.41
C GLY B 250 -5.07 19.97 -12.30
N PRO B 251 -6.33 20.34 -12.58
CA PRO B 251 -7.38 20.35 -11.55
C PRO B 251 -7.74 18.94 -11.07
N VAL B 252 -8.12 18.84 -9.80
CA VAL B 252 -8.58 17.57 -9.25
C VAL B 252 -10.04 17.38 -9.68
N PRO B 253 -10.36 16.20 -10.23
CA PRO B 253 -11.74 15.87 -10.61
C PRO B 253 -12.63 15.82 -9.37
N PRO B 254 -13.94 16.04 -9.53
CA PRO B 254 -14.89 15.98 -8.41
C PRO B 254 -14.71 14.74 -7.55
N VAL B 255 -14.68 14.93 -6.23
CA VAL B 255 -14.41 13.86 -5.28
C VAL B 255 -15.71 13.39 -4.64
N ASP B 256 -16.03 12.11 -4.84
CA ASP B 256 -17.15 11.49 -4.14
C ASP B 256 -16.83 11.53 -2.65
N PRO B 257 -17.70 12.17 -1.85
CA PRO B 257 -17.40 12.34 -0.42
C PRO B 257 -17.20 11.03 0.31
N GLN B 258 -17.79 9.94 -0.18
CA GLN B 258 -17.60 8.64 0.46
C GLN B 258 -16.16 8.16 0.36
N ARG B 259 -15.38 8.73 -0.53
CA ARG B 259 -13.96 8.44 -0.57
C ARG B 259 -13.25 8.95 0.69
N LEU B 260 -13.78 10.01 1.29
CA LEU B 260 -13.20 10.54 2.52
C LEU B 260 -13.54 9.63 3.70
N ASN B 261 -14.68 8.96 3.59
CA ASN B 261 -15.07 7.96 4.57
C ASN B 261 -14.10 6.77 4.48
N ALA B 262 -14.02 6.18 3.30
CA ALA B 262 -13.22 4.97 3.07
C ALA B 262 -11.75 5.20 3.37
N ALA B 263 -11.28 6.43 3.17
CA ALA B 263 -9.89 6.76 3.42
C ALA B 263 -9.57 6.87 4.90
N GLY B 264 -10.61 6.83 5.74
CA GLY B 264 -10.43 6.89 7.18
C GLY B 264 -11.10 8.09 7.86
N SER B 265 -12.30 8.44 7.40
CA SER B 265 -13.01 9.62 7.92
C SER B 265 -12.10 10.84 7.94
N VAL B 266 -11.45 11.11 6.81
CA VAL B 266 -10.47 12.20 6.74
C VAL B 266 -11.17 13.51 6.40
N TYR B 267 -10.42 14.61 6.52
CA TYR B 267 -10.92 15.93 6.13
C TYR B 267 -10.30 16.31 4.80
N LEU B 268 -11.10 16.91 3.92
CA LEU B 268 -10.59 17.51 2.70
C LEU B 268 -10.83 19.02 2.79
N THR B 269 -9.81 19.81 2.52
CA THR B 269 -10.00 21.27 2.49
C THR B 269 -9.25 21.86 1.30
N ARG B 270 -9.84 22.85 0.65
CA ARG B 270 -9.14 23.50 -0.47
C ARG B 270 -9.01 24.99 -0.16
N PRO B 271 -7.92 25.38 0.51
CA PRO B 271 -7.84 26.78 0.96
C PRO B 271 -7.24 27.68 -0.11
N SER B 272 -7.47 28.99 0.05
CA SER B 272 -6.76 29.99 -0.74
C SER B 272 -6.34 31.13 0.18
N LEU B 273 -5.20 31.73 -0.16
CA LEU B 273 -4.62 32.81 0.63
C LEU B 273 -5.61 33.92 1.01
N PHE B 274 -6.57 34.20 0.13
CA PHE B 274 -7.61 35.20 0.36
C PHE B 274 -8.29 35.06 1.73
N HIS B 275 -8.59 33.83 2.11
CA HIS B 275 -9.37 33.56 3.32
C HIS B 275 -8.48 33.54 4.55
N PHE B 276 -7.21 33.81 4.35
CA PHE B 276 -6.25 33.82 5.45
C PHE B 276 -5.54 35.17 5.54
N THR B 277 -6.01 36.14 4.76
CA THR B 277 -5.49 37.50 4.81
C THR B 277 -6.70 38.44 4.75
N ARG B 278 -7.68 38.16 5.61
CA ARG B 278 -9.00 38.77 5.49
C ARG B 278 -9.04 40.21 6.01
N THR B 279 -8.10 40.56 6.87
CA THR B 279 -7.98 41.93 7.37
C THR B 279 -6.51 42.33 7.35
N GLY B 280 -6.25 43.62 7.54
CA GLY B 280 -4.88 44.09 7.64
C GLY B 280 -4.23 43.48 8.87
N GLU B 281 -5.02 43.27 9.92
CA GLU B 281 -4.50 42.68 11.16
C GLU B 281 -4.04 41.24 10.93
N GLU B 282 -4.86 40.47 10.24
CA GLU B 282 -4.48 39.08 9.95
C GLU B 282 -3.24 39.00 9.05
N PHE B 283 -3.22 39.84 8.02
CA PHE B 283 -2.04 39.90 7.16
C PHE B 283 -0.77 40.25 7.94
N SER B 284 -0.84 41.29 8.78
CA SER B 284 0.35 41.75 9.51
C SER B 284 0.83 40.68 10.47
N TRP B 285 -0.10 39.94 11.07
CA TRP B 285 0.29 38.84 11.95
C TRP B 285 1.10 37.79 11.21
N ARG B 286 0.55 37.27 10.12
CA ARG B 286 1.23 36.25 9.33
C ARG B 286 2.55 36.74 8.75
N ALA B 287 2.56 37.96 8.21
CA ALA B 287 3.80 38.50 7.66
C ALA B 287 4.87 38.66 8.74
N ALA B 288 4.46 39.07 9.94
CA ALA B 288 5.42 39.23 11.04
C ALA B 288 6.00 37.88 11.49
N GLU B 289 5.18 36.82 11.50
CA GLU B 289 5.68 35.49 11.86
C GLU B 289 6.66 34.98 10.80
N LEU B 290 6.34 35.26 9.54
CA LEU B 290 7.22 34.91 8.43
C LEU B 290 8.57 35.61 8.58
N PHE B 291 8.55 36.92 8.83
CA PHE B 291 9.80 37.65 8.96
C PHE B 291 10.57 37.30 10.23
N ASP B 292 9.85 36.91 11.28
CA ASP B 292 10.51 36.45 12.50
C ASP B 292 11.24 35.12 12.23
N ALA B 293 10.61 34.23 11.45
CA ALA B 293 11.23 32.96 11.09
C ALA B 293 12.47 33.18 10.21
N ILE B 294 12.38 34.15 9.30
CA ILE B 294 13.55 34.51 8.49
C ILE B 294 14.65 35.18 9.33
N ASN B 295 14.25 36.10 10.19
CA ASN B 295 15.21 36.82 11.03
C ASN B 295 15.95 35.90 11.99
N SER B 296 15.28 34.85 12.46
CA SER B 296 15.87 33.96 13.45
C SER B 296 16.55 32.75 12.80
N GLU B 297 16.53 32.70 11.46
CA GLU B 297 17.05 31.57 10.70
C GLU B 297 16.34 30.23 10.95
N ALA B 298 15.10 30.29 11.46
CA ALA B 298 14.23 29.13 11.51
C ALA B 298 14.03 28.62 10.09
N ILE B 299 13.90 29.57 9.16
CA ILE B 299 13.90 29.22 7.74
C ILE B 299 14.86 30.13 6.98
N THR B 300 15.24 29.69 5.79
CA THR B 300 16.04 30.53 4.91
C THR B 300 15.46 30.42 3.52
N VAL B 301 14.95 31.53 2.99
CA VAL B 301 14.31 31.48 1.69
C VAL B 301 15.36 31.87 0.65
N ALA B 302 15.66 30.95 -0.26
CA ALA B 302 16.65 31.21 -1.28
C ALA B 302 15.97 31.65 -2.57
N VAL B 303 16.71 32.42 -3.38
CA VAL B 303 16.25 32.83 -4.70
C VAL B 303 16.66 31.70 -5.63
N GLY B 304 15.69 30.92 -6.10
CA GLY B 304 15.99 29.72 -6.87
C GLY B 304 16.16 29.94 -8.36
N GLY B 305 15.63 31.05 -8.87
CA GLY B 305 15.71 31.34 -10.29
C GLY B 305 15.55 32.82 -10.55
N ARG B 306 16.27 33.34 -11.54
CA ARG B 306 16.27 34.78 -11.81
C ARG B 306 16.10 35.02 -13.30
N TYR B 307 15.06 35.77 -13.67
CA TYR B 307 14.82 36.10 -15.07
C TYR B 307 14.62 37.59 -15.25
N PRO B 308 15.19 38.16 -16.31
CA PRO B 308 14.77 39.54 -16.62
C PRO B 308 13.26 39.58 -16.93
N LEU B 309 12.60 40.70 -16.66
CA LEU B 309 11.16 40.84 -16.85
C LEU B 309 10.74 40.47 -18.27
N ALA B 310 11.59 40.80 -19.23
CA ALA B 310 11.28 40.54 -20.64
C ALA B 310 11.19 39.05 -20.95
N ASP B 311 11.72 38.23 -20.06
CA ASP B 311 11.71 36.77 -20.24
C ASP B 311 10.63 36.08 -19.42
N ALA B 312 9.54 36.81 -19.13
CA ALA B 312 8.38 36.23 -18.46
C ALA B 312 7.91 34.95 -19.15
N LEU B 313 7.95 34.93 -20.48
CA LEU B 313 7.59 33.72 -21.23
C LEU B 313 8.44 32.51 -20.84
N ARG B 314 9.77 32.67 -20.83
CA ARG B 314 10.65 31.58 -20.43
C ARG B 314 10.37 31.12 -19.00
N ALA B 315 10.03 32.07 -18.13
CA ALA B 315 9.76 31.74 -16.73
C ALA B 315 8.51 30.87 -16.61
N HIS B 316 7.47 31.22 -17.35
CA HIS B 316 6.25 30.41 -17.38
C HIS B 316 6.45 29.06 -18.06
N GLN B 317 7.25 29.02 -19.13
CA GLN B 317 7.54 27.74 -19.78
C GLN B 317 8.27 26.81 -18.82
N ASP B 318 9.36 27.32 -18.24
CA ASP B 318 10.13 26.57 -17.24
C ASP B 318 9.26 26.09 -16.09
N LEU B 319 8.37 26.97 -15.63
CA LEU B 319 7.47 26.66 -14.51
C LEU B 319 6.61 25.45 -14.85
N GLU B 320 5.95 25.51 -16.00
CA GLU B 320 5.01 24.48 -16.38
C GLU B 320 5.72 23.18 -16.79
N ALA B 321 6.97 23.31 -17.21
CA ALA B 321 7.75 22.13 -17.64
C ALA B 321 8.50 21.47 -16.48
N ARG B 322 8.25 21.95 -15.26
CA ARG B 322 8.83 21.39 -14.03
C ARG B 322 10.32 21.63 -13.92
N LYS B 323 10.80 22.66 -14.62
CA LYS B 323 12.23 22.94 -14.69
C LYS B 323 12.73 23.90 -13.63
N THR B 324 11.82 24.65 -13.01
CA THR B 324 12.24 25.62 -12.00
C THR B 324 12.56 24.91 -10.72
N VAL B 325 13.37 25.58 -9.90
CA VAL B 325 13.81 25.06 -8.63
C VAL B 325 13.58 26.18 -7.62
N GLY B 326 12.76 25.94 -6.61
CA GLY B 326 12.51 26.96 -5.58
C GLY B 326 11.74 28.16 -6.08
N SER B 327 11.87 29.28 -5.36
CA SER B 327 11.21 30.53 -5.72
C SER B 327 11.91 31.18 -6.90
N VAL B 328 11.11 31.64 -7.85
CA VAL B 328 11.61 32.27 -9.07
C VAL B 328 11.24 33.76 -9.04
N VAL B 329 12.14 34.64 -9.46
CA VAL B 329 11.82 36.08 -9.52
C VAL B 329 12.05 36.67 -10.89
N LEU B 330 11.28 37.71 -11.23
CA LEU B 330 11.56 38.52 -12.42
C LEU B 330 12.21 39.83 -11.99
N LEU B 331 13.15 40.34 -12.80
CA LEU B 331 13.87 41.55 -12.45
C LEU B 331 13.64 42.59 -13.53
N PRO B 332 13.29 43.82 -13.13
CA PRO B 332 13.02 44.94 -14.05
C PRO B 332 14.29 45.54 -14.66
N MET C 5 -35.30 -19.39 16.12
CA MET C 5 -35.60 -18.00 16.45
C MET C 5 -36.09 -17.24 15.22
N HIS C 6 -36.89 -16.21 15.44
CA HIS C 6 -37.29 -15.33 14.36
C HIS C 6 -36.16 -14.37 14.02
N ALA C 7 -35.94 -14.14 12.73
CA ALA C 7 -35.03 -13.11 12.27
C ALA C 7 -35.65 -12.38 11.09
N ILE C 8 -35.08 -11.24 10.73
CA ILE C 8 -35.48 -10.54 9.51
C ILE C 8 -34.30 -10.59 8.55
N GLU C 9 -34.50 -11.19 7.39
CA GLU C 9 -33.41 -11.51 6.49
C GLU C 9 -33.63 -10.93 5.09
N VAL C 10 -32.53 -10.53 4.45
CA VAL C 10 -32.57 -10.02 3.08
C VAL C 10 -31.89 -11.03 2.14
N THR C 11 -32.59 -11.45 1.09
CA THR C 11 -32.03 -12.39 0.12
C THR C 11 -31.69 -11.72 -1.21
N GLU C 12 -32.29 -10.55 -1.42
CA GLU C 12 -31.91 -9.66 -2.52
C GLU C 12 -32.23 -8.23 -2.11
N THR C 13 -31.43 -7.28 -2.58
CA THR C 13 -31.65 -5.88 -2.25
C THR C 13 -32.91 -5.34 -2.92
N GLY C 14 -33.49 -4.31 -2.33
CA GLY C 14 -34.70 -3.72 -2.86
C GLY C 14 -35.37 -2.81 -1.85
N GLY C 15 -36.67 -2.59 -2.03
CA GLY C 15 -37.43 -1.78 -1.10
C GLY C 15 -37.69 -2.54 0.18
N PRO C 16 -38.41 -1.91 1.12
CA PRO C 16 -38.77 -2.50 2.41
C PRO C 16 -39.35 -3.91 2.28
N GLY C 17 -40.07 -4.15 1.18
CA GLY C 17 -40.65 -5.45 0.90
C GLY C 17 -39.70 -6.65 0.82
N VAL C 18 -38.40 -6.42 0.65
CA VAL C 18 -37.45 -7.54 0.60
C VAL C 18 -37.05 -8.01 2.00
N LEU C 19 -37.52 -7.30 3.02
CA LEU C 19 -37.33 -7.75 4.40
C LEU C 19 -38.29 -8.91 4.70
N ARG C 20 -37.74 -10.09 4.95
CA ARG C 20 -38.56 -11.29 5.13
C ARG C 20 -38.43 -11.91 6.52
N HIS C 21 -39.55 -12.35 7.07
CA HIS C 21 -39.52 -13.15 8.30
C HIS C 21 -38.89 -14.47 7.96
N VAL C 22 -37.97 -14.92 8.81
CA VAL C 22 -37.35 -16.21 8.62
C VAL C 22 -37.13 -16.84 9.99
N ASP C 23 -37.18 -18.17 10.04
CA ASP C 23 -36.78 -18.89 11.24
C ASP C 23 -35.34 -19.33 11.09
N GLN C 24 -34.58 -19.23 12.17
CA GLN C 24 -33.18 -19.59 12.18
C GLN C 24 -32.79 -20.20 13.52
N PRO C 25 -31.80 -21.10 13.50
CA PRO C 25 -31.17 -21.54 14.74
C PRO C 25 -30.40 -20.38 15.37
N GLN C 26 -30.39 -20.33 16.70
CA GLN C 26 -29.60 -19.37 17.45
C GLN C 26 -28.18 -19.32 16.95
N PRO C 27 -27.61 -18.11 16.83
CA PRO C 27 -26.20 -18.00 16.44
C PRO C 27 -25.28 -18.49 17.56
N GLN C 28 -24.03 -18.74 17.20
CA GLN C 28 -22.99 -19.17 18.14
C GLN C 28 -21.98 -18.05 18.27
N PRO C 29 -21.75 -17.57 19.51
CA PRO C 29 -20.77 -16.49 19.65
C PRO C 29 -19.34 -16.99 19.45
N GLY C 30 -18.57 -16.27 18.64
CA GLY C 30 -17.19 -16.65 18.38
C GLY C 30 -16.24 -15.99 19.35
N HIS C 31 -14.95 -16.00 19.02
CA HIS C 31 -13.93 -15.43 19.89
C HIS C 31 -14.18 -13.97 20.22
N GLY C 32 -14.20 -13.65 21.52
CA GLY C 32 -14.33 -12.27 21.96
C GLY C 32 -15.75 -11.75 21.85
N GLU C 33 -16.69 -12.63 21.52
CA GLU C 33 -18.08 -12.21 21.29
C GLU C 33 -19.04 -12.54 22.43
N LEU C 34 -20.16 -11.82 22.46
CA LEU C 34 -21.27 -12.11 23.36
C LEU C 34 -22.43 -12.60 22.53
N LEU C 35 -23.22 -13.52 23.07
CA LEU C 35 -24.51 -13.87 22.46
C LEU C 35 -25.55 -13.10 23.22
N ILE C 36 -26.30 -12.25 22.51
CA ILE C 36 -27.26 -11.37 23.15
C ILE C 36 -28.70 -11.78 22.86
N LYS C 37 -29.48 -11.95 23.92
CA LYS C 37 -30.91 -12.17 23.76
C LYS C 37 -31.57 -10.81 23.75
N ALA C 38 -32.08 -10.41 22.59
CA ALA C 38 -32.61 -9.05 22.42
C ALA C 38 -33.80 -8.72 23.31
N GLU C 39 -33.81 -7.51 23.85
CA GLU C 39 -34.99 -6.96 24.53
C GLU C 39 -35.55 -5.79 23.70
N ALA C 40 -34.64 -5.07 23.05
CA ALA C 40 -34.99 -3.98 22.15
C ALA C 40 -33.93 -3.88 21.06
N ILE C 41 -34.36 -3.63 19.82
CA ILE C 41 -33.46 -3.59 18.69
C ILE C 41 -33.48 -2.20 18.07
N GLY C 42 -32.31 -1.63 17.81
CA GLY C 42 -32.26 -0.29 17.26
C GLY C 42 -32.57 -0.28 15.78
N VAL C 43 -33.22 0.78 15.31
CA VAL C 43 -33.41 0.98 13.89
C VAL C 43 -32.57 2.18 13.46
N ASN C 44 -31.79 2.01 12.40
CA ASN C 44 -30.90 3.06 11.94
C ASN C 44 -30.98 3.25 10.44
N PHE C 45 -30.85 4.48 9.96
CA PHE C 45 -30.94 4.71 8.53
C PHE C 45 -29.98 3.85 7.71
N ILE C 46 -28.80 3.55 8.25
CA ILE C 46 -27.86 2.69 7.53
C ILE C 46 -28.44 1.30 7.25
N ASP C 47 -29.39 0.86 8.06
CA ASP C 47 -30.05 -0.42 7.81
C ASP C 47 -30.70 -0.42 6.43
N THR C 48 -31.24 0.73 6.04
CA THR C 48 -31.90 0.84 4.73
C THR C 48 -30.90 0.84 3.57
N TYR C 49 -29.69 1.36 3.79
CA TYR C 49 -28.65 1.36 2.76
C TYR C 49 -28.24 -0.06 2.44
N PHE C 50 -28.14 -0.87 3.47
CA PHE C 50 -27.79 -2.27 3.30
C PHE C 50 -28.93 -3.01 2.63
N ARG C 51 -30.16 -2.71 3.03
CA ARG C 51 -31.31 -3.37 2.45
C ARG C 51 -31.48 -3.01 0.97
N SER C 52 -31.23 -1.75 0.62
CA SER C 52 -31.42 -1.28 -0.75
C SER C 52 -30.23 -1.56 -1.64
N GLY C 53 -29.08 -1.83 -1.04
CA GLY C 53 -27.87 -2.07 -1.82
C GLY C 53 -27.04 -0.83 -2.05
N GLN C 54 -27.51 0.32 -1.56
CA GLN C 54 -26.72 1.55 -1.61
C GLN C 54 -25.38 1.31 -0.93
N TYR C 55 -25.40 0.58 0.17
CA TYR C 55 -24.18 0.06 0.81
C TYR C 55 -24.07 -1.43 0.49
N PRO C 56 -23.03 -1.83 -0.27
CA PRO C 56 -22.90 -3.24 -0.65
C PRO C 56 -22.59 -4.16 0.53
N ARG C 57 -23.08 -5.40 0.44
CA ARG C 57 -22.92 -6.41 1.47
C ARG C 57 -23.25 -7.77 0.85
N GLU C 58 -22.51 -8.81 1.24
CA GLU C 58 -22.73 -10.13 0.63
C GLU C 58 -24.04 -10.75 1.08
N LEU C 59 -24.82 -11.20 0.11
CA LEU C 59 -26.13 -11.81 0.36
C LEU C 59 -26.00 -13.29 0.68
N PRO C 60 -26.94 -13.83 1.49
CA PRO C 60 -28.01 -13.10 2.19
C PRO C 60 -27.52 -12.65 3.56
N PHE C 61 -28.24 -11.76 4.21
CA PHE C 61 -27.85 -11.34 5.55
C PHE C 61 -29.03 -10.98 6.43
N VAL C 62 -28.82 -11.12 7.73
CA VAL C 62 -29.75 -10.59 8.72
C VAL C 62 -29.26 -9.19 9.05
N ILE C 63 -30.19 -8.24 9.00
CA ILE C 63 -29.86 -6.83 8.95
C ILE C 63 -29.79 -6.24 10.37
N GLY C 64 -29.06 -5.14 10.53
CA GLY C 64 -29.05 -4.41 11.79
C GLY C 64 -27.79 -4.61 12.62
N SER C 65 -27.37 -3.58 13.34
CA SER C 65 -26.17 -3.69 14.17
C SER C 65 -26.37 -3.17 15.59
N GLU C 66 -27.54 -2.61 15.88
CA GLU C 66 -27.77 -2.05 17.21
C GLU C 66 -28.76 -2.91 17.99
N VAL C 67 -28.40 -3.28 19.21
CA VAL C 67 -29.25 -4.16 20.01
C VAL C 67 -29.02 -3.94 21.51
N CYS C 68 -30.09 -4.05 22.29
CA CYS C 68 -29.95 -4.12 23.73
C CYS C 68 -30.65 -5.36 24.26
N GLY C 69 -29.95 -6.15 25.06
CA GLY C 69 -30.55 -7.31 25.70
C GLY C 69 -29.66 -7.94 26.76
N THR C 70 -30.02 -9.16 27.16
CA THR C 70 -29.24 -9.88 28.16
C THR C 70 -28.17 -10.76 27.51
N VAL C 71 -27.04 -10.92 28.19
CA VAL C 71 -26.03 -11.85 27.69
C VAL C 71 -26.45 -13.28 27.94
N GLU C 72 -26.71 -14.00 26.86
CA GLU C 72 -27.23 -15.37 26.92
C GLU C 72 -26.05 -16.34 27.05
N ALA C 73 -24.93 -15.95 26.45
CA ALA C 73 -23.73 -16.77 26.44
C ALA C 73 -22.52 -15.93 26.02
N VAL C 74 -21.33 -16.41 26.35
CA VAL C 74 -20.09 -15.72 25.99
C VAL C 74 -19.23 -16.63 25.12
N GLY C 75 -18.55 -16.04 24.15
CA GLY C 75 -17.60 -16.77 23.34
C GLY C 75 -16.28 -16.86 24.07
N PRO C 76 -15.35 -17.69 23.59
CA PRO C 76 -14.07 -17.81 24.29
C PRO C 76 -13.28 -16.51 24.28
N GLY C 77 -12.50 -16.26 25.33
CA GLY C 77 -11.75 -15.02 25.45
C GLY C 77 -12.52 -13.92 26.17
N VAL C 78 -13.68 -14.27 26.69
CA VAL C 78 -14.52 -13.28 27.37
C VAL C 78 -14.78 -13.66 28.83
N THR C 79 -14.06 -13.01 29.75
CA THR C 79 -14.25 -13.27 31.18
C THR C 79 -14.20 -11.99 32.02
N ALA C 80 -14.17 -12.17 33.35
CA ALA C 80 -14.13 -11.05 34.29
C ALA C 80 -12.80 -10.29 34.24
N ALA C 81 -11.79 -10.90 33.63
CA ALA C 81 -10.49 -10.23 33.45
C ALA C 81 -10.54 -9.13 32.38
N ASP C 82 -11.33 -9.33 31.32
CA ASP C 82 -11.53 -8.32 30.28
C ASP C 82 -12.53 -7.29 30.75
N THR C 83 -13.65 -7.78 31.26
CA THR C 83 -14.86 -6.99 31.38
C THR C 83 -15.72 -7.40 32.56
N ALA C 84 -16.55 -6.48 33.04
CA ALA C 84 -17.50 -6.79 34.10
C ALA C 84 -18.78 -7.38 33.51
N ILE C 85 -18.74 -7.76 32.23
CA ILE C 85 -19.88 -8.36 31.56
C ILE C 85 -19.96 -9.88 31.80
N SER C 86 -21.04 -10.29 32.46
CA SER C 86 -21.28 -11.69 32.75
C SER C 86 -22.52 -12.18 31.99
N VAL C 87 -22.65 -13.49 31.81
CA VAL C 87 -23.91 -14.06 31.32
C VAL C 87 -25.04 -13.56 32.21
N GLY C 88 -26.11 -13.03 31.62
CA GLY C 88 -27.22 -12.52 32.38
C GLY C 88 -27.23 -11.01 32.49
N ASP C 89 -26.07 -10.40 32.26
CA ASP C 89 -25.96 -8.94 32.25
C ASP C 89 -26.76 -8.36 31.09
N ARG C 90 -27.41 -7.23 31.35
CA ARG C 90 -28.10 -6.47 30.33
C ARG C 90 -27.11 -5.52 29.66
N VAL C 91 -26.92 -5.67 28.35
CA VAL C 91 -25.92 -4.91 27.62
C VAL C 91 -26.49 -4.24 26.36
N VAL C 92 -25.70 -3.34 25.76
CA VAL C 92 -26.12 -2.67 24.53
C VAL C 92 -24.91 -2.50 23.60
N SER C 93 -25.10 -2.77 22.31
CA SER C 93 -24.03 -2.64 21.33
C SER C 93 -24.52 -2.00 20.03
N ALA C 94 -23.63 -1.28 19.34
CA ALA C 94 -23.95 -0.69 18.05
C ALA C 94 -23.18 -1.38 16.95
N SER C 95 -22.47 -2.45 17.31
CA SER C 95 -21.64 -3.19 16.36
C SER C 95 -21.95 -4.68 16.35
N ALA C 96 -23.22 -5.03 16.53
CA ALA C 96 -23.64 -6.42 16.50
C ALA C 96 -23.79 -6.89 15.06
N ASN C 97 -23.79 -8.21 14.88
CA ASN C 97 -24.08 -8.81 13.57
C ASN C 97 -25.45 -9.46 13.59
N GLY C 98 -26.31 -9.08 12.65
CA GLY C 98 -27.64 -9.65 12.54
C GLY C 98 -28.60 -9.27 13.68
N ALA C 99 -28.68 -7.97 13.97
CA ALA C 99 -29.43 -7.50 15.15
C ALA C 99 -30.95 -7.66 15.05
N TYR C 100 -31.51 -7.67 13.84
CA TYR C 100 -32.96 -7.87 13.70
C TYR C 100 -33.32 -9.33 13.93
N ALA C 101 -33.24 -9.77 15.18
CA ALA C 101 -33.47 -11.17 15.52
C ALA C 101 -33.65 -11.30 17.02
N GLU C 102 -34.18 -12.42 17.48
CA GLU C 102 -34.32 -12.63 18.92
C GLU C 102 -32.95 -12.79 19.59
N PHE C 103 -31.99 -13.32 18.84
CA PHE C 103 -30.62 -13.49 19.31
C PHE C 103 -29.64 -13.00 18.24
N CYS C 104 -28.57 -12.35 18.68
CA CYS C 104 -27.49 -11.92 17.79
C CYS C 104 -26.17 -11.91 18.55
N THR C 105 -25.06 -11.71 17.85
CA THR C 105 -23.74 -11.61 18.47
C THR C 105 -23.19 -10.21 18.38
N ALA C 106 -22.32 -9.84 19.32
CA ALA C 106 -21.58 -8.59 19.25
C ALA C 106 -20.23 -8.77 19.91
N PRO C 107 -19.22 -8.00 19.48
CA PRO C 107 -17.92 -8.04 20.17
C PRO C 107 -18.05 -7.45 21.57
N ALA C 108 -17.52 -8.13 22.57
CA ALA C 108 -17.53 -7.62 23.93
C ALA C 108 -16.85 -6.26 24.03
N SER C 109 -15.82 -6.04 23.20
CA SER C 109 -15.06 -4.78 23.24
C SER C 109 -15.88 -3.57 22.78
N LEU C 110 -16.93 -3.84 22.01
CA LEU C 110 -17.80 -2.78 21.51
C LEU C 110 -19.22 -2.92 22.07
N THR C 111 -19.29 -3.45 23.30
CA THR C 111 -20.56 -3.61 24.01
C THR C 111 -20.44 -2.99 25.38
N ALA C 112 -21.44 -2.22 25.78
CA ALA C 112 -21.45 -1.55 27.08
C ALA C 112 -22.55 -2.14 27.98
N LYS C 113 -22.29 -2.22 29.28
CA LYS C 113 -23.32 -2.63 30.21
C LYS C 113 -24.32 -1.50 30.35
N VAL C 114 -25.61 -1.82 30.34
CA VAL C 114 -26.64 -0.81 30.48
C VAL C 114 -26.82 -0.46 31.95
N PRO C 115 -26.84 0.85 32.27
CA PRO C 115 -27.15 1.29 33.63
C PRO C 115 -28.53 0.83 34.05
N ASP C 116 -28.69 0.50 35.34
CA ASP C 116 -29.93 -0.09 35.81
C ASP C 116 -31.15 0.83 35.66
N ASP C 117 -30.93 2.14 35.69
CA ASP C 117 -32.03 3.09 35.49
C ASP C 117 -32.22 3.52 34.03
N VAL C 118 -31.69 2.75 33.11
CA VAL C 118 -31.94 2.96 31.68
C VAL C 118 -32.67 1.76 31.09
N THR C 119 -33.88 1.99 30.57
CA THR C 119 -34.68 0.91 30.01
C THR C 119 -33.97 0.36 28.78
N SER C 120 -34.30 -0.89 28.42
CA SER C 120 -33.71 -1.49 27.23
C SER C 120 -34.12 -0.76 25.95
N GLU C 121 -35.35 -0.24 25.91
CA GLU C 121 -35.79 0.55 24.77
C GLU C 121 -34.98 1.83 24.60
N VAL C 122 -34.71 2.53 25.70
CA VAL C 122 -33.89 3.74 25.63
C VAL C 122 -32.47 3.40 25.19
N ALA C 123 -31.89 2.35 25.76
CA ALA C 123 -30.55 1.91 25.39
C ALA C 123 -30.45 1.62 23.88
N ALA C 124 -31.47 0.97 23.33
CA ALA C 124 -31.48 0.66 21.90
C ALA C 124 -31.86 1.88 21.06
N SER C 125 -32.33 2.93 21.73
CA SER C 125 -32.67 4.18 21.07
C SER C 125 -31.46 5.10 21.06
N ALA C 126 -30.55 4.88 22.01
CA ALA C 126 -29.53 5.88 22.33
C ALA C 126 -28.09 5.56 21.91
N LEU C 127 -27.70 4.29 21.92
CA LEU C 127 -26.27 3.98 21.77
C LEU C 127 -25.64 4.34 20.41
N LEU C 128 -26.15 3.77 19.31
CA LEU C 128 -25.51 4.04 18.02
C LEU C 128 -25.54 5.54 17.68
N LYS C 129 -26.72 6.15 17.81
CA LYS C 129 -26.92 7.55 17.44
C LYS C 129 -26.25 8.48 18.45
N GLY C 130 -26.17 8.02 19.70
CA GLY C 130 -25.54 8.81 20.75
C GLY C 130 -24.03 8.80 20.65
N LEU C 131 -23.45 7.64 20.32
CA LEU C 131 -22.00 7.56 20.04
C LEU C 131 -21.68 8.42 18.83
N THR C 132 -22.60 8.43 17.87
CA THR C 132 -22.45 9.26 16.69
C THR C 132 -22.47 10.75 17.04
N ALA C 133 -23.45 11.16 17.83
CA ALA C 133 -23.52 12.54 18.31
C ALA C 133 -22.26 12.93 19.10
N HIS C 134 -21.80 12.03 19.97
CA HIS C 134 -20.56 12.28 20.72
C HIS C 134 -19.39 12.60 19.79
N TYR C 135 -19.11 11.73 18.83
CA TYR C 135 -17.92 11.93 18.00
C TYR C 135 -18.06 13.15 17.09
N LEU C 136 -19.29 13.43 16.68
CA LEU C 136 -19.53 14.60 15.81
C LEU C 136 -19.25 15.88 16.57
N LEU C 137 -19.65 15.92 17.84
CA LEU C 137 -19.54 17.15 18.63
C LEU C 137 -18.19 17.30 19.34
N LYS C 138 -17.50 16.20 19.56
CA LYS C 138 -16.26 16.25 20.33
C LYS C 138 -15.02 15.94 19.51
N SER C 139 -15.18 15.27 18.37
CA SER C 139 -14.04 14.83 17.58
C SER C 139 -13.98 15.40 16.17
N VAL C 140 -15.09 15.32 15.45
CA VAL C 140 -15.10 15.76 14.05
C VAL C 140 -15.00 17.28 13.97
N TYR C 141 -15.92 17.96 14.66
CA TYR C 141 -15.75 19.39 14.95
C TYR C 141 -16.02 19.60 16.43
N PRO C 142 -14.97 19.96 17.18
CA PRO C 142 -15.11 20.15 18.62
C PRO C 142 -15.84 21.45 18.91
N VAL C 143 -17.16 21.38 19.05
CA VAL C 143 -17.95 22.57 19.35
C VAL C 143 -17.48 23.23 20.65
N LYS C 144 -17.57 24.55 20.71
CA LYS C 144 -17.24 25.27 21.93
C LYS C 144 -18.35 26.24 22.24
N ARG C 145 -18.51 26.58 23.51
CA ARG C 145 -19.49 27.55 23.95
C ARG C 145 -19.36 28.81 23.09
N GLY C 146 -20.49 29.30 22.57
CA GLY C 146 -20.47 30.45 21.69
C GLY C 146 -20.65 30.12 20.21
N ASP C 147 -20.33 28.88 19.82
CA ASP C 147 -20.49 28.43 18.44
C ASP C 147 -21.97 28.39 18.07
N THR C 148 -22.25 28.48 16.77
CA THR C 148 -23.57 28.18 16.24
C THR C 148 -23.38 27.08 15.21
N VAL C 149 -24.20 26.04 15.26
CA VAL C 149 -24.09 24.96 14.28
C VAL C 149 -25.43 24.72 13.61
N LEU C 150 -25.40 24.16 12.41
CA LEU C 150 -26.62 23.75 11.71
C LEU C 150 -26.74 22.23 11.77
N VAL C 151 -27.91 21.75 12.21
CA VAL C 151 -28.18 20.32 12.26
C VAL C 151 -29.42 20.04 11.41
N HIS C 152 -29.24 19.38 10.27
CA HIS C 152 -30.42 18.97 9.48
C HIS C 152 -31.15 17.81 10.13
N ALA C 153 -32.42 17.66 9.81
CA ALA C 153 -33.28 16.61 10.37
C ALA C 153 -33.22 16.65 11.89
N GLY C 154 -33.59 17.79 12.45
CA GLY C 154 -33.49 18.04 13.88
C GLY C 154 -34.34 17.14 14.75
N ALA C 155 -35.39 16.53 14.19
CA ALA C 155 -36.29 15.69 14.97
C ALA C 155 -36.09 14.20 14.73
N GLY C 156 -34.99 13.86 14.06
CA GLY C 156 -34.61 12.47 13.86
C GLY C 156 -33.83 11.93 15.03
N GLY C 157 -33.43 10.66 14.96
CA GLY C 157 -32.72 10.02 16.06
C GLY C 157 -31.43 10.76 16.43
N VAL C 158 -30.53 10.88 15.46
CA VAL C 158 -29.27 11.59 15.69
C VAL C 158 -29.51 13.07 15.97
N GLY C 159 -30.42 13.68 15.20
CA GLY C 159 -30.70 15.11 15.33
C GLY C 159 -31.10 15.57 16.71
N LEU C 160 -31.99 14.84 17.36
CA LEU C 160 -32.45 15.22 18.69
C LEU C 160 -31.33 15.14 19.70
N ILE C 161 -30.50 14.10 19.58
CA ILE C 161 -29.36 13.96 20.49
C ILE C 161 -28.31 15.05 20.25
N LEU C 162 -27.97 15.31 18.99
CA LEU C 162 -27.02 16.39 18.66
C LEU C 162 -27.49 17.72 19.24
N THR C 163 -28.77 18.00 19.07
CA THR C 163 -29.35 19.27 19.50
C THR C 163 -29.27 19.44 21.02
N GLN C 164 -29.73 18.44 21.77
CA GLN C 164 -29.71 18.52 23.22
C GLN C 164 -28.29 18.63 23.76
N TRP C 165 -27.40 17.78 23.25
CA TRP C 165 -26.03 17.75 23.74
C TRP C 165 -25.30 19.06 23.42
N ALA C 166 -25.42 19.52 22.18
CA ALA C 166 -24.75 20.76 21.80
C ALA C 166 -25.27 21.93 22.63
N THR C 167 -26.59 21.95 22.84
CA THR C 167 -27.22 22.99 23.65
C THR C 167 -26.66 22.96 25.08
N HIS C 168 -26.54 21.76 25.63
CA HIS C 168 -25.97 21.59 26.97
C HIS C 168 -24.56 22.14 27.04
N LEU C 169 -23.83 22.04 25.95
CA LEU C 169 -22.45 22.51 25.88
C LEU C 169 -22.35 24.00 25.54
N GLY C 170 -23.49 24.69 25.58
CA GLY C 170 -23.51 26.13 25.32
C GLY C 170 -23.45 26.51 23.86
N VAL C 171 -23.75 25.55 22.97
CA VAL C 171 -23.79 25.82 21.53
C VAL C 171 -25.20 26.21 21.09
N ARG C 172 -25.30 27.23 20.25
CA ARG C 172 -26.59 27.60 19.65
C ARG C 172 -26.86 26.69 18.45
N VAL C 173 -28.06 26.12 18.39
CA VAL C 173 -28.39 25.19 17.31
C VAL C 173 -29.54 25.66 16.41
N ILE C 174 -29.31 25.66 15.10
CA ILE C 174 -30.35 25.84 14.11
C ILE C 174 -30.62 24.49 13.46
N THR C 175 -31.89 24.12 13.31
CA THR C 175 -32.21 22.84 12.70
C THR C 175 -33.15 23.00 11.52
N THR C 176 -33.28 21.93 10.75
CA THR C 176 -34.34 21.82 9.74
C THR C 176 -35.21 20.60 10.07
N VAL C 177 -36.52 20.72 9.87
CA VAL C 177 -37.45 19.59 9.98
C VAL C 177 -38.54 19.72 8.92
N SER C 178 -39.33 18.67 8.71
CA SER C 178 -40.33 18.70 7.65
C SER C 178 -41.76 19.03 8.12
N THR C 179 -42.02 18.99 9.43
CA THR C 179 -43.37 19.24 9.92
C THR C 179 -43.40 20.11 11.16
N ALA C 180 -44.57 20.68 11.43
CA ALA C 180 -44.80 21.50 12.60
C ALA C 180 -44.64 20.72 13.88
N GLU C 181 -45.12 19.47 13.88
CA GLU C 181 -44.95 18.59 15.04
C GLU C 181 -43.46 18.45 15.36
N LYS C 182 -42.67 18.19 14.31
CA LYS C 182 -41.22 18.01 14.46
C LYS C 182 -40.53 19.31 14.88
N ALA C 183 -41.04 20.44 14.39
CA ALA C 183 -40.46 21.72 14.77
C ALA C 183 -40.62 21.96 16.26
N LYS C 184 -41.77 21.59 16.81
CA LYS C 184 -41.99 21.75 18.24
C LYS C 184 -41.06 20.84 19.04
N LEU C 185 -40.91 19.60 18.59
CA LEU C 185 -39.99 18.65 19.24
C LEU C 185 -38.55 19.16 19.20
N SER C 186 -38.15 19.72 18.06
CA SER C 186 -36.78 20.23 17.90
C SER C 186 -36.50 21.42 18.81
N LYS C 187 -37.47 22.31 18.92
CA LYS C 187 -37.36 23.44 19.83
C LYS C 187 -37.24 22.96 21.28
N ASP C 188 -38.11 22.02 21.67
CA ASP C 188 -38.05 21.47 23.02
C ASP C 188 -36.72 20.77 23.30
N ALA C 189 -36.04 20.36 22.23
CA ALA C 189 -34.73 19.74 22.35
C ALA C 189 -33.62 20.76 22.57
N GLY C 190 -33.93 22.04 22.35
CA GLY C 190 -32.97 23.08 22.58
C GLY C 190 -32.65 23.92 21.36
N ALA C 191 -33.13 23.51 20.19
CA ALA C 191 -32.92 24.29 18.97
C ALA C 191 -33.39 25.75 19.15
N ASP C 192 -32.52 26.71 18.84
CA ASP C 192 -32.87 28.11 18.98
C ASP C 192 -33.74 28.56 17.82
N VAL C 193 -33.44 28.05 16.63
CA VAL C 193 -34.22 28.37 15.43
C VAL C 193 -34.48 27.09 14.64
N VAL C 194 -35.72 26.88 14.20
CA VAL C 194 -36.08 25.71 13.41
C VAL C 194 -36.61 26.17 12.06
N LEU C 195 -35.91 25.77 11.01
CA LEU C 195 -36.22 26.23 9.66
C LEU C 195 -36.83 25.14 8.83
N ASP C 196 -37.45 25.53 7.71
CA ASP C 196 -37.82 24.57 6.69
C ASP C 196 -36.59 24.12 5.92
N TYR C 197 -36.69 22.97 5.26
CA TYR C 197 -35.63 22.48 4.39
C TYR C 197 -35.38 23.45 3.25
N PRO C 198 -34.11 23.55 2.81
CA PRO C 198 -33.71 24.46 1.73
C PRO C 198 -34.52 24.23 0.47
N GLU C 199 -34.95 25.31 -0.15
CA GLU C 199 -35.56 25.26 -1.47
C GLU C 199 -34.53 25.74 -2.47
N ASP C 200 -33.93 26.88 -2.13
CA ASP C 200 -32.82 27.43 -2.89
C ASP C 200 -31.64 27.61 -1.94
N ALA C 201 -30.51 27.00 -2.30
CA ALA C 201 -29.32 27.01 -1.46
C ALA C 201 -28.86 28.42 -1.07
N TRP C 202 -28.83 29.33 -2.05
CA TRP C 202 -28.48 30.73 -1.79
C TRP C 202 -29.45 31.37 -0.82
N GLN C 203 -30.74 31.18 -1.07
CA GLN C 203 -31.79 31.75 -0.23
C GLN C 203 -31.67 31.20 1.18
N PHE C 204 -31.50 29.89 1.28
CA PHE C 204 -31.34 29.23 2.58
C PHE C 204 -30.09 29.75 3.29
N ALA C 205 -28.95 29.80 2.59
CA ALA C 205 -27.72 30.31 3.20
C ALA C 205 -27.88 31.75 3.69
N GLY C 206 -28.60 32.55 2.91
CA GLY C 206 -28.84 33.95 3.28
C GLY C 206 -29.60 34.04 4.59
N ARG C 207 -30.56 33.15 4.77
CA ARG C 207 -31.32 33.10 6.00
C ARG C 207 -30.43 32.69 7.19
N VAL C 208 -29.57 31.70 6.98
CA VAL C 208 -28.63 31.26 8.02
C VAL C 208 -27.67 32.37 8.40
N ARG C 209 -27.16 33.09 7.41
CA ARG C 209 -26.22 34.16 7.68
C ARG C 209 -26.91 35.31 8.40
N GLU C 210 -28.18 35.52 8.08
CA GLU C 210 -28.99 36.54 8.73
C GLU C 210 -29.08 36.22 10.22
N LEU C 211 -29.25 34.94 10.53
CA LEU C 211 -29.39 34.50 11.91
C LEU C 211 -28.05 34.48 12.66
N THR C 212 -26.95 34.60 11.92
CA THR C 212 -25.64 34.48 12.54
C THR C 212 -24.82 35.76 12.38
N GLY C 213 -25.52 36.89 12.22
CA GLY C 213 -24.84 38.16 12.12
C GLY C 213 -23.95 38.28 10.90
N GLY C 214 -24.37 37.62 9.82
CA GLY C 214 -23.60 37.65 8.58
C GLY C 214 -22.48 36.64 8.53
N THR C 215 -22.24 35.95 9.65
CA THR C 215 -21.08 35.06 9.79
C THR C 215 -21.22 33.69 9.11
N GLY C 216 -22.40 33.10 9.23
CA GLY C 216 -22.57 31.71 8.82
C GLY C 216 -22.33 30.86 10.05
N VAL C 217 -22.54 29.55 9.94
CA VAL C 217 -22.33 28.66 11.08
C VAL C 217 -20.91 28.11 11.14
N GLN C 218 -20.43 27.87 12.36
CA GLN C 218 -19.12 27.26 12.57
C GLN C 218 -19.05 25.85 12.00
N ALA C 219 -20.17 25.14 11.97
CA ALA C 219 -20.19 23.80 11.42
C ALA C 219 -21.58 23.39 10.98
N VAL C 220 -21.64 22.50 10.00
CA VAL C 220 -22.91 21.86 9.63
C VAL C 220 -22.82 20.37 9.85
N TYR C 221 -23.80 19.83 10.57
CA TYR C 221 -23.94 18.40 10.68
C TYR C 221 -25.05 17.99 9.73
N ASP C 222 -24.66 17.35 8.63
CA ASP C 222 -25.60 17.04 7.57
C ASP C 222 -25.75 15.54 7.42
N GLY C 223 -26.87 15.00 7.92
CA GLY C 223 -27.16 13.59 7.78
C GLY C 223 -28.19 13.31 6.69
N VAL C 224 -28.53 14.34 5.94
CA VAL C 224 -29.55 14.26 4.89
C VAL C 224 -28.95 14.06 3.48
N GLY C 225 -27.85 14.74 3.20
CA GLY C 225 -27.12 14.44 1.98
C GLY C 225 -27.56 15.18 0.74
N ALA C 226 -28.10 14.45 -0.23
CA ALA C 226 -28.34 15.03 -1.56
C ALA C 226 -29.11 16.35 -1.59
N THR C 227 -30.24 16.42 -0.89
CA THR C 227 -31.11 17.58 -0.98
C THR C 227 -30.73 18.76 -0.10
N THR C 228 -29.70 18.58 0.75
CA THR C 228 -29.29 19.64 1.65
C THR C 228 -27.82 20.06 1.46
N PHE C 229 -27.05 19.28 0.71
CA PHE C 229 -25.61 19.48 0.68
C PHE C 229 -25.19 20.86 0.22
N ASP C 230 -25.69 21.30 -0.94
CA ASP C 230 -25.29 22.63 -1.45
C ASP C 230 -25.65 23.74 -0.46
N ALA C 231 -26.82 23.65 0.15
CA ALA C 231 -27.24 24.62 1.15
C ALA C 231 -26.34 24.60 2.38
N SER C 232 -25.96 23.40 2.81
CA SER C 232 -25.03 23.27 3.94
C SER C 232 -23.70 23.94 3.61
N LEU C 233 -23.20 23.66 2.41
CA LEU C 233 -21.91 24.22 1.98
C LEU C 233 -21.98 25.75 1.96
N ALA C 234 -23.10 26.28 1.50
CA ALA C 234 -23.27 27.74 1.39
C ALA C 234 -23.51 28.44 2.73
N SER C 235 -23.82 27.68 3.77
CA SER C 235 -24.18 28.26 5.06
C SER C 235 -23.02 28.43 6.02
N LEU C 236 -21.86 27.89 5.65
CA LEU C 236 -20.68 27.86 6.52
C LEU C 236 -19.99 29.20 6.69
N ALA C 237 -19.55 29.47 7.91
CA ALA C 237 -18.56 30.50 8.16
C ALA C 237 -17.27 30.13 7.45
N VAL C 238 -16.46 31.15 7.16
CA VAL C 238 -15.14 30.94 6.57
C VAL C 238 -14.37 29.93 7.41
N ARG C 239 -13.75 28.97 6.75
CA ARG C 239 -12.98 27.90 7.38
C ARG C 239 -13.83 27.01 8.31
N GLY C 240 -15.15 27.02 8.11
CA GLY C 240 -16.04 26.15 8.86
C GLY C 240 -15.95 24.70 8.43
N THR C 241 -16.60 23.80 9.18
CA THR C 241 -16.53 22.37 8.89
C THR C 241 -17.89 21.81 8.49
N LEU C 242 -17.93 21.21 7.30
CA LEU C 242 -19.12 20.50 6.85
C LEU C 242 -18.93 19.02 7.16
N ALA C 243 -19.62 18.55 8.19
CA ALA C 243 -19.59 17.14 8.57
C ALA C 243 -20.75 16.42 7.89
N LEU C 244 -20.49 15.87 6.70
CA LEU C 244 -21.49 15.11 5.97
C LEU C 244 -21.46 13.69 6.50
N PHE C 245 -22.42 13.32 7.34
CA PHE C 245 -22.36 12.03 8.03
C PHE C 245 -23.48 11.07 7.64
N GLY C 246 -24.38 11.54 6.79
CA GLY C 246 -25.48 10.69 6.36
C GLY C 246 -25.95 11.05 4.96
N ALA C 247 -26.94 10.30 4.47
CA ALA C 247 -27.41 10.46 3.11
C ALA C 247 -28.87 10.03 3.01
N ALA C 248 -29.71 10.48 3.96
CA ALA C 248 -31.09 10.00 4.03
C ALA C 248 -31.89 10.28 2.75
N SER C 249 -31.64 11.44 2.15
CA SER C 249 -32.31 11.88 0.93
C SER C 249 -31.64 11.31 -0.32
N GLY C 250 -30.48 10.67 -0.13
CA GLY C 250 -29.76 10.08 -1.23
C GLY C 250 -28.31 10.51 -1.20
N PRO C 251 -27.46 9.85 -1.98
CA PRO C 251 -26.01 10.10 -1.98
C PRO C 251 -25.68 11.50 -2.49
N VAL C 252 -24.64 12.12 -1.94
CA VAL C 252 -24.14 13.40 -2.44
C VAL C 252 -23.25 13.17 -3.65
N PRO C 253 -23.53 13.87 -4.76
CA PRO C 253 -22.72 13.79 -5.99
C PRO C 253 -21.28 14.28 -5.74
N PRO C 254 -20.32 13.77 -6.50
CA PRO C 254 -18.90 14.11 -6.30
C PRO C 254 -18.71 15.62 -6.25
N VAL C 255 -17.81 16.09 -5.39
CA VAL C 255 -17.70 17.51 -5.12
C VAL C 255 -16.40 18.05 -5.71
N ASP C 256 -16.51 19.02 -6.61
CA ASP C 256 -15.34 19.73 -7.12
C ASP C 256 -14.68 20.38 -5.93
N PRO C 257 -13.41 20.04 -5.65
CA PRO C 257 -12.75 20.62 -4.46
C PRO C 257 -12.72 22.13 -4.48
N GLN C 258 -12.70 22.74 -5.66
CA GLN C 258 -12.70 24.21 -5.72
C GLN C 258 -13.98 24.82 -5.17
N ARG C 259 -15.05 24.04 -5.05
CA ARG C 259 -16.24 24.57 -4.39
C ARG C 259 -15.95 24.82 -2.92
N LEU C 260 -15.03 24.05 -2.33
CA LEU C 260 -14.71 24.19 -0.91
C LEU C 260 -13.90 25.47 -0.70
N ASN C 261 -13.14 25.83 -1.73
CA ASN C 261 -12.41 27.10 -1.76
C ASN C 261 -13.43 28.24 -1.79
N ALA C 262 -14.26 28.22 -2.81
CA ALA C 262 -15.24 29.28 -3.02
C ALA C 262 -16.18 29.49 -1.83
N ALA C 263 -16.47 28.42 -1.10
CA ALA C 263 -17.36 28.50 0.06
C ALA C 263 -16.73 29.15 1.30
N GLY C 264 -15.42 29.42 1.21
CA GLY C 264 -14.72 30.07 2.32
C GLY C 264 -13.57 29.24 2.87
N SER C 265 -12.87 28.52 1.98
CA SER C 265 -11.76 27.64 2.40
C SER C 265 -12.25 26.71 3.51
N VAL C 266 -13.37 26.04 3.27
CA VAL C 266 -13.98 25.23 4.32
C VAL C 266 -13.43 23.82 4.33
N TYR C 267 -13.76 23.06 5.38
CA TYR C 267 -13.40 21.65 5.45
C TYR C 267 -14.62 20.79 5.13
N LEU C 268 -14.40 19.69 4.40
CA LEU C 268 -15.43 18.67 4.20
C LEU C 268 -14.91 17.36 4.77
N THR C 269 -15.75 16.67 5.51
CA THR C 269 -15.35 15.39 6.08
C THR C 269 -16.59 14.49 6.03
N ARG C 270 -16.39 13.21 5.71
CA ARG C 270 -17.49 12.25 5.68
C ARG C 270 -17.18 11.13 6.66
N PRO C 271 -17.54 11.30 7.93
CA PRO C 271 -17.05 10.34 8.93
C PRO C 271 -17.94 9.10 9.04
N SER C 272 -17.36 8.03 9.57
CA SER C 272 -18.10 6.80 9.85
C SER C 272 -17.84 6.42 11.30
N LEU C 273 -18.88 5.94 12.00
CA LEU C 273 -18.74 5.51 13.40
C LEU C 273 -17.55 4.54 13.63
N PHE C 274 -17.22 3.77 12.61
CA PHE C 274 -16.14 2.79 12.64
C PHE C 274 -14.79 3.41 13.04
N HIS C 275 -14.56 4.64 12.62
CA HIS C 275 -13.28 5.29 12.84
C HIS C 275 -13.24 6.03 14.17
N PHE C 276 -14.32 5.94 14.92
CA PHE C 276 -14.41 6.59 16.21
C PHE C 276 -14.68 5.57 17.33
N THR C 277 -14.63 4.30 16.97
CA THR C 277 -14.77 3.20 17.93
C THR C 277 -13.69 2.17 17.62
N ARG C 278 -12.46 2.66 17.45
CA ARG C 278 -11.37 1.84 16.95
C ARG C 278 -10.80 0.90 18.02
N THR C 279 -11.00 1.25 19.29
CA THR C 279 -10.57 0.39 20.39
C THR C 279 -11.69 0.28 21.41
N GLY C 280 -11.52 -0.61 22.38
CA GLY C 280 -12.45 -0.74 23.48
C GLY C 280 -12.38 0.48 24.38
N GLU C 281 -11.18 1.03 24.50
CA GLU C 281 -10.96 2.23 25.30
C GLU C 281 -11.69 3.41 24.69
N GLU C 282 -11.65 3.51 23.36
CA GLU C 282 -12.32 4.62 22.70
C GLU C 282 -13.84 4.43 22.81
N PHE C 283 -14.29 3.20 22.54
CA PHE C 283 -15.71 2.87 22.68
C PHE C 283 -16.19 3.18 24.08
N SER C 284 -15.49 2.66 25.09
CA SER C 284 -15.90 2.84 26.48
C SER C 284 -15.93 4.29 26.93
N TRP C 285 -15.01 5.10 26.43
CA TRP C 285 -14.96 6.51 26.75
C TRP C 285 -16.20 7.24 26.24
N ARG C 286 -16.52 7.03 24.96
CA ARG C 286 -17.69 7.70 24.38
C ARG C 286 -18.98 7.16 24.99
N ALA C 287 -19.08 5.85 25.11
CA ALA C 287 -20.26 5.24 25.71
C ALA C 287 -20.45 5.73 27.14
N ALA C 288 -19.35 5.81 27.90
CA ALA C 288 -19.44 6.35 29.26
C ALA C 288 -19.91 7.81 29.31
N GLU C 289 -19.42 8.66 28.41
CA GLU C 289 -19.84 10.07 28.41
C GLU C 289 -21.31 10.23 27.96
N LEU C 290 -21.74 9.35 27.06
CA LEU C 290 -23.14 9.32 26.64
C LEU C 290 -24.04 8.98 27.84
N PHE C 291 -23.68 7.93 28.57
CA PHE C 291 -24.46 7.49 29.71
C PHE C 291 -24.35 8.46 30.88
N ASP C 292 -23.23 9.18 30.98
CA ASP C 292 -23.11 10.25 31.97
C ASP C 292 -24.06 11.41 31.63
N ALA C 293 -24.19 11.69 30.34
CA ALA C 293 -25.09 12.75 29.86
C ALA C 293 -26.56 12.38 30.11
N ILE C 294 -26.90 11.13 29.80
CA ILE C 294 -28.24 10.62 30.09
C ILE C 294 -28.48 10.63 31.59
N ASN C 295 -27.50 10.10 32.33
CA ASN C 295 -27.55 10.04 33.78
C ASN C 295 -27.84 11.38 34.46
N SER C 296 -27.22 12.45 33.96
CA SER C 296 -27.38 13.77 34.55
C SER C 296 -28.53 14.57 33.95
N GLU C 297 -29.21 13.97 32.96
CA GLU C 297 -30.28 14.65 32.21
C GLU C 297 -29.76 15.84 31.39
N ALA C 298 -28.48 15.79 31.05
CA ALA C 298 -27.90 16.71 30.07
C ALA C 298 -28.61 16.48 28.74
N ILE C 299 -28.83 15.21 28.42
CA ILE C 299 -29.71 14.82 27.32
C ILE C 299 -30.78 13.88 27.87
N THR C 300 -31.92 13.83 27.18
CA THR C 300 -32.93 12.81 27.43
C THR C 300 -33.28 12.16 26.10
N VAL C 301 -33.13 10.84 26.00
CA VAL C 301 -33.43 10.13 24.77
C VAL C 301 -34.77 9.43 24.88
N ALA C 302 -35.78 9.98 24.22
CA ALA C 302 -37.11 9.37 24.22
C ALA C 302 -37.21 8.23 23.21
N VAL C 303 -38.10 7.28 23.48
CA VAL C 303 -38.46 6.27 22.51
C VAL C 303 -39.49 6.88 21.57
N GLY C 304 -39.09 7.19 20.34
CA GLY C 304 -39.96 7.90 19.41
C GLY C 304 -40.96 7.02 18.68
N GLY C 305 -40.71 5.71 18.67
CA GLY C 305 -41.58 4.79 17.98
C GLY C 305 -41.22 3.35 18.30
N ARG C 306 -42.23 2.48 18.27
CA ARG C 306 -42.06 1.06 18.56
C ARG C 306 -42.70 0.20 17.49
N TYR C 307 -42.00 -0.84 17.06
CA TYR C 307 -42.56 -1.81 16.12
C TYR C 307 -42.21 -3.20 16.59
N PRO C 308 -43.16 -4.14 16.42
CA PRO C 308 -42.81 -5.55 16.60
C PRO C 308 -41.74 -5.94 15.59
N LEU C 309 -40.79 -6.79 15.98
CA LEU C 309 -39.77 -7.29 15.05
C LEU C 309 -40.36 -7.79 13.73
N ALA C 310 -41.53 -8.42 13.81
CA ALA C 310 -42.23 -8.87 12.61
C ALA C 310 -42.54 -7.75 11.64
N ASP C 311 -42.58 -6.52 12.17
CA ASP C 311 -42.98 -5.37 11.34
C ASP C 311 -41.78 -4.50 10.97
N ALA C 312 -40.62 -5.13 10.84
CA ALA C 312 -39.39 -4.42 10.46
C ALA C 312 -39.61 -3.70 9.13
N LEU C 313 -40.34 -4.35 8.24
CA LEU C 313 -40.72 -3.78 6.95
C LEU C 313 -41.42 -2.41 7.12
N ARG C 314 -42.34 -2.37 8.06
CA ARG C 314 -43.16 -1.18 8.32
C ARG C 314 -42.30 -0.05 8.88
N ALA C 315 -41.31 -0.39 9.71
CA ALA C 315 -40.38 0.60 10.24
C ALA C 315 -39.54 1.21 9.13
N HIS C 316 -39.04 0.37 8.22
CA HIS C 316 -38.31 0.88 7.06
C HIS C 316 -39.16 1.78 6.16
N GLN C 317 -40.41 1.38 5.89
CA GLN C 317 -41.32 2.29 5.18
C GLN C 317 -41.48 3.64 5.86
N ASP C 318 -41.70 3.64 7.16
CA ASP C 318 -41.91 4.89 7.87
C ASP C 318 -40.64 5.73 7.89
N LEU C 319 -39.50 5.09 8.11
CA LEU C 319 -38.21 5.77 8.18
C LEU C 319 -37.92 6.50 6.87
N GLU C 320 -38.06 5.77 5.77
CA GLU C 320 -37.80 6.32 4.44
C GLU C 320 -38.82 7.38 4.00
N ALA C 321 -40.05 7.27 4.51
CA ALA C 321 -41.11 8.22 4.14
C ALA C 321 -41.10 9.47 5.04
N ARG C 322 -40.07 9.61 5.87
CA ARG C 322 -39.90 10.76 6.75
C ARG C 322 -40.99 10.85 7.83
N LYS C 323 -41.54 9.71 8.20
CA LYS C 323 -42.67 9.72 9.13
C LYS C 323 -42.29 9.43 10.58
N THR C 324 -41.07 8.93 10.79
CA THR C 324 -40.63 8.65 12.15
C THR C 324 -40.25 9.94 12.85
N VAL C 325 -40.32 9.90 14.17
CA VAL C 325 -39.95 11.02 15.00
C VAL C 325 -38.99 10.46 16.03
N GLY C 326 -37.78 10.99 16.10
CA GLY C 326 -36.79 10.47 17.03
C GLY C 326 -36.31 9.05 16.74
N SER C 327 -35.77 8.40 17.75
CA SER C 327 -35.31 7.02 17.63
C SER C 327 -36.49 6.06 17.66
N VAL C 328 -36.50 5.07 16.78
CA VAL C 328 -37.50 4.00 16.86
C VAL C 328 -36.80 2.66 17.15
N VAL C 329 -37.54 1.75 17.75
CA VAL C 329 -36.98 0.44 18.12
C VAL C 329 -37.86 -0.70 17.60
N LEU C 330 -37.25 -1.87 17.42
CA LEU C 330 -37.97 -3.09 17.11
C LEU C 330 -38.09 -3.88 18.41
N LEU C 331 -39.25 -4.48 18.67
CA LEU C 331 -39.41 -5.29 19.87
C LEU C 331 -39.56 -6.77 19.52
N PRO C 332 -38.63 -7.59 20.02
CA PRO C 332 -38.71 -9.04 19.82
C PRO C 332 -39.56 -9.67 20.90
N SER D 4 36.73 22.81 -1.49
CA SER D 4 36.65 21.83 -2.58
C SER D 4 37.19 20.45 -2.17
N MET D 5 36.86 19.44 -2.97
CA MET D 5 37.32 18.08 -2.72
C MET D 5 37.52 17.38 -4.06
N HIS D 6 38.30 16.30 -4.06
CA HIS D 6 38.45 15.47 -5.25
C HIS D 6 37.35 14.43 -5.26
N ALA D 7 36.87 14.10 -6.45
CA ALA D 7 35.83 13.09 -6.61
C ALA D 7 35.99 12.42 -7.96
N ILE D 8 35.30 11.29 -8.13
CA ILE D 8 35.27 10.56 -9.40
C ILE D 8 33.84 10.58 -9.92
N GLU D 9 33.66 11.18 -11.10
CA GLU D 9 32.34 11.47 -11.64
C GLU D 9 32.13 10.70 -12.93
N VAL D 10 30.87 10.42 -13.24
CA VAL D 10 30.51 9.90 -14.56
C VAL D 10 29.52 10.88 -15.22
N THR D 11 29.86 11.38 -16.40
CA THR D 11 28.96 12.27 -17.14
C THR D 11 28.30 11.54 -18.31
N GLU D 12 28.91 10.43 -18.73
CA GLU D 12 28.30 9.53 -19.69
C GLU D 12 28.60 8.12 -19.22
N THR D 13 27.73 7.16 -19.52
CA THR D 13 27.98 5.79 -19.13
C THR D 13 28.83 5.06 -20.17
N GLY D 14 29.54 4.02 -19.75
CA GLY D 14 30.43 3.29 -20.64
C GLY D 14 31.43 2.45 -19.85
N GLY D 15 32.57 2.14 -20.46
CA GLY D 15 33.60 1.38 -19.78
C GLY D 15 34.38 2.19 -18.77
N PRO D 16 35.42 1.60 -18.16
CA PRO D 16 36.21 2.28 -17.14
C PRO D 16 36.70 3.64 -17.59
N GLY D 17 36.93 3.80 -18.90
CA GLY D 17 37.37 5.07 -19.45
C GLY D 17 36.48 6.29 -19.19
N VAL D 18 35.20 6.08 -18.89
CA VAL D 18 34.32 7.22 -18.63
C VAL D 18 34.45 7.79 -17.22
N LEU D 19 35.21 7.12 -16.35
CA LEU D 19 35.44 7.67 -15.00
C LEU D 19 36.28 8.95 -15.13
N ARG D 20 35.84 10.04 -14.49
CA ARG D 20 36.46 11.36 -14.64
C ARG D 20 36.88 11.92 -13.30
N HIS D 21 38.05 12.54 -13.24
CA HIS D 21 38.43 13.31 -12.07
C HIS D 21 37.70 14.64 -12.09
N VAL D 22 37.10 15.00 -10.97
CA VAL D 22 36.45 16.31 -10.84
C VAL D 22 36.77 16.85 -9.45
N ASP D 23 36.79 18.17 -9.33
CA ASP D 23 36.76 18.81 -8.03
C ASP D 23 35.34 19.29 -7.84
N GLN D 24 34.83 19.19 -6.62
CA GLN D 24 33.48 19.63 -6.32
C GLN D 24 33.55 20.36 -5.01
N PRO D 25 32.55 21.23 -4.74
CA PRO D 25 32.48 21.78 -3.40
C PRO D 25 32.19 20.67 -2.41
N GLN D 26 32.69 20.77 -1.19
CA GLN D 26 32.33 19.79 -0.17
C GLN D 26 30.83 19.87 0.04
N PRO D 27 30.15 18.70 0.10
CA PRO D 27 28.70 18.64 0.30
C PRO D 27 28.28 19.03 1.72
N GLN D 28 27.05 19.46 1.89
CA GLN D 28 26.47 19.58 3.22
C GLN D 28 25.50 18.42 3.37
N PRO D 29 25.41 17.84 4.58
CA PRO D 29 24.46 16.75 4.78
C PRO D 29 23.05 17.29 4.92
N GLY D 30 22.08 16.60 4.34
CA GLY D 30 20.68 16.93 4.48
C GLY D 30 20.13 16.33 5.76
N HIS D 31 18.82 16.45 5.94
CA HIS D 31 18.16 15.94 7.13
C HIS D 31 18.41 14.44 7.34
N GLY D 32 18.83 14.07 8.55
CA GLY D 32 19.04 12.68 8.87
C GLY D 32 20.32 12.12 8.25
N GLU D 33 21.10 12.98 7.61
CA GLU D 33 22.34 12.54 6.96
C GLU D 33 23.60 12.90 7.75
N LEU D 34 24.65 12.14 7.50
CA LEU D 34 25.98 12.44 8.01
C LEU D 34 26.88 12.87 6.85
N LEU D 35 27.75 13.86 7.09
CA LEU D 35 28.85 14.13 6.16
C LEU D 35 30.08 13.37 6.63
N ILE D 36 30.60 12.49 5.76
CA ILE D 36 31.71 11.63 6.13
C ILE D 36 32.97 12.01 5.38
N LYS D 37 34.04 12.27 6.12
CA LYS D 37 35.38 12.43 5.54
C LYS D 37 36.03 11.07 5.35
N ALA D 38 36.20 10.65 4.10
CA ALA D 38 36.68 9.30 3.80
C ALA D 38 38.08 9.00 4.30
N GLU D 39 38.25 7.80 4.87
CA GLU D 39 39.55 7.23 5.17
C GLU D 39 39.84 6.05 4.24
N ALA D 40 38.79 5.33 3.85
CA ALA D 40 38.86 4.25 2.88
C ALA D 40 37.52 4.14 2.18
N ILE D 41 37.54 3.92 0.87
CA ILE D 41 36.32 3.89 0.07
C ILE D 41 36.18 2.49 -0.48
N GLY D 42 34.99 1.89 -0.34
CA GLY D 42 34.78 0.54 -0.82
C GLY D 42 34.67 0.48 -2.33
N VAL D 43 35.09 -0.62 -2.92
CA VAL D 43 34.89 -0.84 -4.35
C VAL D 43 33.98 -2.05 -4.50
N ASN D 44 32.92 -1.88 -5.29
CA ASN D 44 31.94 -2.93 -5.42
C ASN D 44 31.57 -3.16 -6.86
N PHE D 45 31.30 -4.41 -7.23
CA PHE D 45 30.95 -4.68 -8.60
C PHE D 45 29.75 -3.85 -9.08
N ILE D 46 28.80 -3.57 -8.20
CA ILE D 46 27.69 -2.70 -8.58
C ILE D 46 28.12 -1.31 -9.07
N ASP D 47 29.29 -0.84 -8.61
CA ASP D 47 29.79 0.46 -9.10
C ASP D 47 29.95 0.39 -10.60
N THR D 48 30.32 -0.78 -11.12
CA THR D 48 30.54 -0.93 -12.55
C THR D 48 29.23 -0.96 -13.33
N TYR D 49 28.15 -1.44 -12.70
CA TYR D 49 26.85 -1.52 -13.38
C TYR D 49 26.25 -0.12 -13.51
N PHE D 50 26.46 0.72 -12.49
CA PHE D 50 26.08 2.13 -12.60
C PHE D 50 26.95 2.87 -13.60
N ARG D 51 28.25 2.56 -13.61
CA ARG D 51 29.15 3.24 -14.55
C ARG D 51 28.79 2.86 -15.99
N SER D 52 28.37 1.62 -16.21
CA SER D 52 28.16 1.11 -17.56
C SER D 52 26.77 1.44 -18.07
N GLY D 53 25.89 1.85 -17.17
CA GLY D 53 24.51 2.15 -17.52
C GLY D 53 23.60 0.95 -17.43
N GLN D 54 24.16 -0.20 -17.08
CA GLN D 54 23.36 -1.43 -16.90
C GLN D 54 22.35 -1.22 -15.80
N TYR D 55 22.72 -0.41 -14.82
CA TYR D 55 21.81 0.08 -13.79
C TYR D 55 21.63 1.56 -14.05
N PRO D 56 20.45 1.97 -14.55
CA PRO D 56 20.31 3.38 -14.92
C PRO D 56 20.32 4.30 -13.71
N ARG D 57 20.86 5.51 -13.89
CA ARG D 57 20.83 6.55 -12.88
C ARG D 57 20.96 7.92 -13.58
N GLU D 58 20.29 8.94 -13.06
CA GLU D 58 20.36 10.29 -13.64
C GLU D 58 21.79 10.81 -13.68
N LEU D 59 22.25 11.18 -14.87
CA LEU D 59 23.61 11.69 -15.04
C LEU D 59 23.67 13.19 -14.80
N PRO D 60 24.79 13.78 -14.42
CA PRO D 60 26.01 13.12 -14.01
C PRO D 60 25.90 12.79 -12.56
N PHE D 61 26.77 11.93 -12.11
CA PHE D 61 26.79 11.48 -10.71
C PHE D 61 28.17 10.97 -10.28
N VAL D 62 28.42 11.03 -8.98
CA VAL D 62 29.66 10.51 -8.42
C VAL D 62 29.44 9.06 -8.03
N ILE D 63 30.37 8.20 -8.43
CA ILE D 63 30.25 6.74 -8.27
C ILE D 63 30.38 6.32 -6.80
N GLY D 64 29.69 5.24 -6.42
CA GLY D 64 30.04 4.48 -5.22
C GLY D 64 29.11 4.70 -4.04
N SER D 65 28.98 3.69 -3.18
CA SER D 65 28.12 3.86 -2.01
C SER D 65 28.73 3.37 -0.71
N GLU D 66 29.94 2.85 -0.76
CA GLU D 66 30.55 2.32 0.46
C GLU D 66 31.73 3.17 0.90
N VAL D 67 31.69 3.58 2.17
CA VAL D 67 32.73 4.45 2.70
C VAL D 67 32.89 4.22 4.19
N CYS D 68 34.13 4.30 4.64
CA CYS D 68 34.43 4.45 6.07
C CYS D 68 35.25 5.71 6.30
N GLY D 69 34.84 6.51 7.29
CA GLY D 69 35.57 7.72 7.61
C GLY D 69 35.00 8.37 8.85
N THR D 70 35.39 9.63 9.08
CA THR D 70 34.94 10.30 10.27
C THR D 70 33.77 11.23 9.97
N VAL D 71 32.88 11.36 10.94
CA VAL D 71 31.74 12.26 10.77
C VAL D 71 32.21 13.71 10.87
N GLU D 72 32.11 14.43 9.76
CA GLU D 72 32.57 15.80 9.68
C GLU D 72 31.45 16.77 10.05
N ALA D 73 30.22 16.37 9.78
CA ALA D 73 29.05 17.21 10.05
C ALA D 73 27.81 16.34 10.08
N VAL D 74 26.77 16.83 10.75
CA VAL D 74 25.51 16.10 10.79
C VAL D 74 24.40 16.98 10.24
N GLY D 75 23.42 16.36 9.59
CA GLY D 75 22.26 17.10 9.20
C GLY D 75 21.44 17.30 10.47
N PRO D 76 20.52 18.27 10.45
CA PRO D 76 19.63 18.37 11.61
C PRO D 76 18.71 17.15 11.64
N GLY D 77 18.15 16.84 12.80
CA GLY D 77 17.32 15.66 12.95
C GLY D 77 18.10 14.45 13.41
N ALA D 84 23.01 7.69 17.99
CA ALA D 84 24.12 7.96 18.91
C ALA D 84 25.41 8.34 18.18
N ILE D 85 25.30 8.65 16.90
CA ILE D 85 26.48 9.09 16.13
C ILE D 85 26.68 10.61 16.20
N SER D 86 27.92 11.03 16.48
CA SER D 86 28.28 12.44 16.63
C SER D 86 29.42 12.84 15.70
N VAL D 87 29.56 14.13 15.44
CA VAL D 87 30.72 14.62 14.71
C VAL D 87 31.99 14.12 15.42
N GLY D 88 32.93 13.58 14.65
CA GLY D 88 34.19 13.10 15.21
C GLY D 88 34.24 11.58 15.30
N ASP D 89 33.09 10.93 15.18
CA ASP D 89 32.99 9.48 15.27
C ASP D 89 33.41 8.81 13.95
N ARG D 90 33.96 7.61 14.06
CA ARG D 90 34.42 6.86 12.93
C ARG D 90 33.31 5.88 12.58
N VAL D 91 32.87 5.93 11.32
CA VAL D 91 31.70 5.25 10.87
C VAL D 91 31.88 4.59 9.50
N VAL D 92 30.95 3.74 9.15
CA VAL D 92 30.98 3.09 7.84
C VAL D 92 29.55 2.91 7.33
N SER D 93 29.34 3.15 6.04
CA SER D 93 28.01 2.97 5.43
C SER D 93 28.17 2.31 4.06
N ALA D 94 27.15 1.56 3.65
CA ALA D 94 27.10 0.93 2.34
C ALA D 94 26.03 1.62 1.49
N SER D 95 25.49 2.71 2.01
CA SER D 95 24.34 3.39 1.40
C SER D 95 24.60 4.88 1.19
N ALA D 96 25.87 5.23 1.03
CA ALA D 96 26.28 6.62 0.87
C ALA D 96 25.99 7.11 -0.55
N ASN D 97 25.88 8.41 -0.71
CA ASN D 97 25.76 9.00 -2.05
C ASN D 97 27.09 9.59 -2.45
N GLY D 98 27.64 9.12 -3.56
CA GLY D 98 28.87 9.67 -4.10
C GLY D 98 30.12 9.34 -3.30
N ALA D 99 30.31 8.05 -3.02
CA ALA D 99 31.39 7.62 -2.12
C ALA D 99 32.81 7.75 -2.68
N TYR D 100 32.97 7.72 -4.01
CA TYR D 100 34.30 7.96 -4.60
C TYR D 100 34.67 9.44 -4.54
N ALA D 101 34.95 9.93 -3.33
CA ALA D 101 35.22 11.34 -3.11
C ALA D 101 35.86 11.49 -1.75
N GLU D 102 36.50 12.64 -1.50
CA GLU D 102 37.10 12.87 -0.20
C GLU D 102 36.06 13.02 0.91
N PHE D 103 34.86 13.47 0.55
CA PHE D 103 33.74 13.62 1.47
C PHE D 103 32.48 13.16 0.78
N CYS D 104 31.55 12.58 1.55
CA CYS D 104 30.27 12.21 0.98
C CYS D 104 29.21 12.20 2.06
N THR D 105 27.96 11.99 1.67
CA THR D 105 26.86 11.90 2.62
C THR D 105 26.31 10.47 2.70
N ALA D 106 25.73 10.14 3.85
CA ALA D 106 25.06 8.87 4.04
C ALA D 106 23.98 9.05 5.12
N PRO D 107 22.90 8.28 5.01
CA PRO D 107 21.83 8.34 6.02
C PRO D 107 22.35 7.75 7.33
N ALA D 108 22.16 8.47 8.43
CA ALA D 108 22.57 7.96 9.73
C ALA D 108 21.94 6.61 10.06
N SER D 109 20.69 6.40 9.64
CA SER D 109 20.01 5.16 9.95
C SER D 109 20.64 3.95 9.27
N LEU D 110 21.44 4.21 8.22
CA LEU D 110 22.13 3.14 7.50
C LEU D 110 23.65 3.28 7.59
N THR D 111 24.11 3.81 8.72
CA THR D 111 25.53 3.99 8.99
C THR D 111 25.82 3.31 10.33
N ALA D 112 26.93 2.59 10.42
CA ALA D 112 27.32 1.91 11.65
C ALA D 112 28.56 2.55 12.21
N LYS D 113 28.68 2.58 13.54
CA LYS D 113 29.94 2.98 14.14
C LYS D 113 30.94 1.85 13.92
N VAL D 114 32.18 2.19 13.59
CA VAL D 114 33.22 1.19 13.38
C VAL D 114 33.80 0.77 14.74
N PRO D 115 33.88 -0.55 15.01
CA PRO D 115 34.52 -0.95 16.28
C PRO D 115 35.95 -0.45 16.36
N ASP D 116 36.41 -0.10 17.55
CA ASP D 116 37.65 0.64 17.69
C ASP D 116 38.85 -0.13 17.14
N ASP D 117 38.75 -1.46 17.17
CA ASP D 117 39.86 -2.31 16.71
C ASP D 117 39.66 -2.85 15.30
N VAL D 118 38.78 -2.22 14.53
CA VAL D 118 38.62 -2.55 13.12
C VAL D 118 39.22 -1.40 12.33
N THR D 119 40.17 -1.68 11.45
CA THR D 119 40.78 -0.58 10.68
C THR D 119 39.78 -0.03 9.69
N SER D 120 39.99 1.21 9.27
CA SER D 120 39.06 1.85 8.35
C SER D 120 39.01 1.10 7.01
N GLU D 121 40.16 0.61 6.56
CA GLU D 121 40.18 -0.20 5.33
C GLU D 121 39.38 -1.48 5.47
N VAL D 122 39.47 -2.14 6.62
CA VAL D 122 38.71 -3.36 6.81
C VAL D 122 37.23 -3.04 6.87
N ALA D 123 36.88 -1.92 7.50
CA ALA D 123 35.46 -1.53 7.53
C ALA D 123 34.91 -1.35 6.11
N ALA D 124 35.68 -0.68 5.26
CA ALA D 124 35.24 -0.39 3.88
C ALA D 124 35.42 -1.61 2.97
N SER D 125 36.05 -2.65 3.51
CA SER D 125 36.17 -3.93 2.82
C SER D 125 35.05 -4.89 3.22
N ALA D 126 34.45 -4.62 4.37
CA ALA D 126 33.52 -5.58 4.99
C ALA D 126 32.05 -5.23 4.96
N LEU D 127 31.69 -3.95 5.01
CA LEU D 127 30.29 -3.65 5.32
C LEU D 127 29.31 -4.02 4.22
N LEU D 128 29.47 -3.45 3.02
CA LEU D 128 28.48 -3.70 1.96
C LEU D 128 28.42 -5.20 1.67
N LYS D 129 29.59 -5.78 1.48
CA LYS D 129 29.70 -7.20 1.14
C LYS D 129 29.33 -8.12 2.29
N GLY D 130 29.58 -7.67 3.52
CA GLY D 130 29.25 -8.46 4.71
C GLY D 130 27.77 -8.41 5.04
N LEU D 131 27.13 -7.26 4.86
CA LEU D 131 25.67 -7.19 4.99
C LEU D 131 25.03 -8.10 3.94
N THR D 132 25.64 -8.14 2.76
CA THR D 132 25.15 -9.00 1.69
C THR D 132 25.30 -10.47 2.08
N ALA D 133 26.47 -10.84 2.60
CA ALA D 133 26.66 -12.24 3.06
C ALA D 133 25.66 -12.59 4.15
N HIS D 134 25.42 -11.65 5.06
CA HIS D 134 24.45 -11.88 6.15
C HIS D 134 23.06 -12.18 5.59
N TYR D 135 22.57 -11.32 4.71
CA TYR D 135 21.20 -11.53 4.24
C TYR D 135 21.09 -12.80 3.38
N LEU D 136 22.16 -13.10 2.63
CA LEU D 136 22.19 -14.28 1.78
C LEU D 136 22.13 -15.56 2.61
N LEU D 137 22.87 -15.58 3.72
CA LEU D 137 23.00 -16.78 4.55
C LEU D 137 21.92 -16.92 5.62
N LYS D 138 21.30 -15.81 6.01
CA LYS D 138 20.33 -15.84 7.10
C LYS D 138 18.91 -15.57 6.66
N SER D 139 18.74 -14.92 5.52
CA SER D 139 17.42 -14.48 5.09
C SER D 139 16.95 -15.07 3.78
N VAL D 140 17.77 -14.99 2.73
CA VAL D 140 17.36 -15.49 1.42
C VAL D 140 17.25 -17.01 1.41
N TYR D 141 18.32 -17.66 1.85
CA TYR D 141 18.26 -19.07 2.21
C TYR D 141 18.96 -19.25 3.55
N PRO D 142 18.18 -19.58 4.58
CA PRO D 142 18.74 -19.75 5.92
C PRO D 142 19.50 -21.05 6.01
N VAL D 143 20.82 -20.98 5.88
CA VAL D 143 21.63 -22.19 5.88
C VAL D 143 21.57 -22.87 7.24
N LYS D 144 21.70 -24.20 7.24
CA LYS D 144 21.65 -25.00 8.46
C LYS D 144 22.93 -25.81 8.54
N ARG D 145 23.36 -26.13 9.75
CA ARG D 145 24.47 -27.04 9.91
C ARG D 145 24.16 -28.33 9.16
N GLY D 146 25.13 -28.82 8.39
CA GLY D 146 24.91 -30.02 7.60
C GLY D 146 24.59 -29.74 6.13
N ASP D 147 24.24 -28.50 5.81
CA ASP D 147 23.99 -28.12 4.42
C ASP D 147 25.30 -28.09 3.65
N THR D 148 25.20 -28.20 2.32
CA THR D 148 26.30 -27.90 1.41
C THR D 148 25.82 -26.80 0.45
N VAL D 149 26.63 -25.77 0.26
CA VAL D 149 26.26 -24.72 -0.69
C VAL D 149 27.35 -24.51 -1.72
N LEU D 150 26.97 -23.98 -2.87
CA LEU D 150 27.92 -23.62 -3.91
C LEU D 150 28.02 -22.11 -3.93
N VAL D 151 29.24 -21.58 -3.84
CA VAL D 151 29.49 -20.13 -3.93
C VAL D 151 30.43 -19.89 -5.10
N HIS D 152 29.92 -19.25 -6.16
CA HIS D 152 30.81 -18.86 -7.26
C HIS D 152 31.73 -17.69 -6.87
N ALA D 153 32.86 -17.55 -7.57
CA ALA D 153 33.85 -16.49 -7.30
C ALA D 153 34.24 -16.49 -5.83
N GLY D 154 34.74 -17.64 -5.37
CA GLY D 154 35.05 -17.82 -3.96
C GLY D 154 36.12 -16.91 -3.39
N ALA D 155 36.98 -16.34 -4.23
CA ALA D 155 38.02 -15.44 -3.74
C ALA D 155 37.71 -13.97 -3.97
N GLY D 156 36.45 -13.67 -4.29
CA GLY D 156 36.03 -12.29 -4.45
C GLY D 156 35.66 -11.73 -3.10
N GLY D 157 35.28 -10.46 -3.05
CA GLY D 157 34.94 -9.84 -1.79
C GLY D 157 33.79 -10.53 -1.07
N VAL D 158 32.66 -10.66 -1.73
CA VAL D 158 31.49 -11.33 -1.15
C VAL D 158 31.80 -12.80 -0.93
N GLY D 159 32.48 -13.43 -1.90
CA GLY D 159 32.74 -14.86 -1.84
C GLY D 159 33.54 -15.32 -0.65
N LEU D 160 34.57 -14.57 -0.28
CA LEU D 160 35.40 -14.92 0.88
C LEU D 160 34.59 -14.83 2.19
N ILE D 161 33.75 -13.82 2.29
CA ILE D 161 32.95 -13.65 3.49
C ILE D 161 31.87 -14.75 3.59
N LEU D 162 31.16 -14.98 2.49
CA LEU D 162 30.16 -16.05 2.44
C LEU D 162 30.79 -17.37 2.86
N THR D 163 32.00 -17.63 2.39
CA THR D 163 32.67 -18.91 2.66
C THR D 163 33.03 -19.04 4.13
N GLN D 164 33.61 -17.99 4.71
CA GLN D 164 34.02 -18.06 6.09
C GLN D 164 32.82 -18.15 7.00
N TRP D 165 31.81 -17.32 6.74
CA TRP D 165 30.62 -17.27 7.58
C TRP D 165 29.85 -18.58 7.51
N ALA D 166 29.63 -19.08 6.30
CA ALA D 166 28.95 -20.36 6.14
C ALA D 166 29.69 -21.48 6.88
N THR D 167 31.01 -21.52 6.72
CA THR D 167 31.84 -22.54 7.37
C THR D 167 31.70 -22.48 8.88
N HIS D 168 31.70 -21.26 9.41
CA HIS D 168 31.47 -21.02 10.83
C HIS D 168 30.14 -21.59 11.28
N LEU D 169 29.12 -21.49 10.42
CA LEU D 169 27.78 -21.96 10.74
C LEU D 169 27.61 -23.47 10.56
N GLY D 170 28.70 -24.16 10.22
CA GLY D 170 28.64 -25.62 10.10
C GLY D 170 28.18 -26.07 8.73
N VAL D 171 28.33 -25.18 7.74
CA VAL D 171 27.92 -25.47 6.36
C VAL D 171 29.13 -25.83 5.51
N ARG D 172 28.99 -26.86 4.67
CA ARG D 172 30.04 -27.23 3.72
C ARG D 172 29.97 -26.31 2.49
N VAL D 173 31.11 -25.79 2.06
CA VAL D 173 31.10 -24.86 0.94
C VAL D 173 31.94 -25.37 -0.23
N ILE D 174 31.33 -25.40 -1.41
CA ILE D 174 32.07 -25.63 -2.64
C ILE D 174 32.17 -24.31 -3.41
N THR D 175 33.35 -23.98 -3.93
CA THR D 175 33.52 -22.72 -4.65
C THR D 175 34.07 -22.90 -6.06
N THR D 176 33.98 -21.83 -6.85
CA THR D 176 34.70 -21.72 -8.11
C THR D 176 35.60 -20.48 -8.06
N VAL D 177 36.79 -20.59 -8.65
CA VAL D 177 37.71 -19.47 -8.82
C VAL D 177 38.47 -19.67 -10.13
N SER D 178 39.15 -18.62 -10.59
CA SER D 178 39.82 -18.65 -11.89
C SER D 178 41.32 -18.99 -11.86
N THR D 179 41.94 -18.90 -10.68
CA THR D 179 43.40 -19.07 -10.56
C THR D 179 43.81 -19.91 -9.37
N ALA D 180 45.06 -20.36 -9.39
CA ALA D 180 45.56 -21.19 -8.30
C ALA D 180 45.75 -20.37 -7.04
N GLU D 181 46.14 -19.11 -7.20
CA GLU D 181 46.30 -18.19 -6.07
C GLU D 181 44.96 -18.07 -5.36
N LYS D 182 43.91 -17.84 -6.16
CA LYS D 182 42.57 -17.68 -5.62
C LYS D 182 42.08 -18.98 -4.98
N ALA D 183 42.43 -20.11 -5.59
CA ALA D 183 42.01 -21.40 -5.04
C ALA D 183 42.57 -21.60 -3.64
N LYS D 184 43.82 -21.22 -3.44
CA LYS D 184 44.46 -21.32 -2.13
C LYS D 184 43.71 -20.46 -1.12
N LEU D 185 43.38 -19.22 -1.50
CA LEU D 185 42.70 -18.31 -0.58
C LEU D 185 41.31 -18.82 -0.21
N SER D 186 40.65 -19.43 -1.19
CA SER D 186 39.31 -19.94 -0.97
C SER D 186 39.31 -21.12 0.01
N LYS D 187 40.28 -22.02 -0.15
CA LYS D 187 40.44 -23.11 0.81
C LYS D 187 40.75 -22.58 2.21
N ASP D 188 41.62 -21.57 2.27
CA ASP D 188 41.97 -20.99 3.57
C ASP D 188 40.77 -20.30 4.22
N ALA D 189 39.82 -19.85 3.39
CA ALA D 189 38.59 -19.25 3.90
C ALA D 189 37.63 -20.32 4.43
N GLY D 190 37.92 -21.59 4.13
CA GLY D 190 37.09 -22.67 4.63
C GLY D 190 36.42 -23.52 3.58
N ALA D 191 36.64 -23.22 2.30
CA ALA D 191 36.00 -23.99 1.24
C ALA D 191 36.47 -25.44 1.29
N ASP D 192 35.53 -26.37 1.23
CA ASP D 192 35.90 -27.77 1.32
C ASP D 192 36.42 -28.29 -0.02
N VAL D 193 35.83 -27.82 -1.11
CA VAL D 193 36.28 -28.17 -2.45
C VAL D 193 36.30 -26.91 -3.29
N VAL D 194 37.37 -26.69 -4.05
CA VAL D 194 37.44 -25.54 -4.94
C VAL D 194 37.56 -26.01 -6.39
N LEU D 195 36.58 -25.62 -7.21
CA LEU D 195 36.47 -26.16 -8.57
C LEU D 195 36.82 -25.13 -9.61
N ASP D 196 37.17 -25.59 -10.82
CA ASP D 196 37.24 -24.67 -11.93
C ASP D 196 35.84 -24.23 -12.33
N TYR D 197 35.74 -23.06 -12.98
CA TYR D 197 34.46 -22.59 -13.52
C TYR D 197 33.89 -23.60 -14.49
N PRO D 198 32.55 -23.67 -14.59
CA PRO D 198 31.88 -24.63 -15.47
C PRO D 198 32.26 -24.40 -16.91
N GLU D 199 32.55 -25.47 -17.65
CA GLU D 199 32.66 -25.39 -19.10
C GLU D 199 31.37 -25.93 -19.69
N ASP D 200 30.99 -27.12 -19.24
CA ASP D 200 29.69 -27.68 -19.58
C ASP D 200 28.85 -27.79 -18.31
N ALA D 201 27.68 -27.17 -18.34
CA ALA D 201 26.78 -27.14 -17.19
C ALA D 201 26.48 -28.53 -16.65
N TRP D 202 26.18 -29.47 -17.54
CA TRP D 202 25.80 -30.81 -17.11
C TRP D 202 26.97 -31.55 -16.44
N GLN D 203 28.16 -31.38 -16.99
CA GLN D 203 29.35 -32.03 -16.43
C GLN D 203 29.73 -31.40 -15.10
N PHE D 204 29.62 -30.08 -15.02
CA PHE D 204 29.86 -29.38 -13.76
C PHE D 204 28.89 -29.87 -12.69
N ALA D 205 27.60 -29.86 -13.01
CA ALA D 205 26.57 -30.33 -12.08
C ALA D 205 26.83 -31.78 -11.68
N GLY D 206 27.27 -32.58 -12.66
CA GLY D 206 27.61 -33.96 -12.38
C GLY D 206 28.66 -34.06 -11.28
N ARG D 207 29.67 -33.19 -11.38
CA ARG D 207 30.73 -33.15 -10.38
C ARG D 207 30.18 -32.74 -9.02
N VAL D 208 29.32 -31.73 -9.01
CA VAL D 208 28.74 -31.24 -7.75
C VAL D 208 27.89 -32.33 -7.11
N ARG D 209 27.15 -33.06 -7.93
CA ARG D 209 26.34 -34.15 -7.38
C ARG D 209 27.21 -35.28 -6.81
N GLU D 210 28.33 -35.59 -7.47
CA GLU D 210 29.30 -36.55 -6.93
C GLU D 210 29.80 -36.14 -5.55
N LEU D 211 29.99 -34.83 -5.37
CA LEU D 211 30.52 -34.29 -4.13
C LEU D 211 29.48 -34.25 -3.01
N THR D 212 28.21 -34.37 -3.36
CA THR D 212 27.14 -34.23 -2.38
C THR D 212 26.32 -35.50 -2.21
N GLY D 213 26.93 -36.65 -2.49
CA GLY D 213 26.25 -37.92 -2.36
C GLY D 213 25.07 -38.08 -3.30
N GLY D 214 25.16 -37.46 -4.48
CA GLY D 214 24.10 -37.52 -5.48
C GLY D 214 23.05 -36.41 -5.33
N THR D 215 23.03 -35.78 -4.16
CA THR D 215 21.95 -34.88 -3.78
C THR D 215 21.93 -33.53 -4.51
N GLY D 216 23.10 -32.98 -4.81
CA GLY D 216 23.16 -31.58 -5.25
C GLY D 216 23.23 -30.69 -4.03
N VAL D 217 23.37 -29.38 -4.23
CA VAL D 217 23.53 -28.44 -3.10
C VAL D 217 22.19 -27.85 -2.64
N GLN D 218 22.10 -27.51 -1.36
CA GLN D 218 20.88 -26.92 -0.82
C GLN D 218 20.63 -25.53 -1.39
N ALA D 219 21.70 -24.84 -1.76
CA ALA D 219 21.60 -23.50 -2.32
C ALA D 219 22.83 -23.17 -3.15
N VAL D 220 22.65 -22.32 -4.17
CA VAL D 220 23.79 -21.75 -4.90
C VAL D 220 23.74 -20.24 -4.72
N TYR D 221 24.86 -19.67 -4.30
CA TYR D 221 25.00 -18.22 -4.27
C TYR D 221 25.81 -17.83 -5.49
N ASP D 222 25.13 -17.24 -6.47
CA ASP D 222 25.74 -16.97 -7.77
C ASP D 222 25.80 -15.47 -8.01
N GLY D 223 27.01 -14.91 -7.92
CA GLY D 223 27.21 -13.50 -8.19
C GLY D 223 27.92 -13.25 -9.52
N VAL D 224 28.05 -14.31 -10.32
CA VAL D 224 28.78 -14.25 -11.59
C VAL D 224 27.82 -14.10 -12.78
N GLY D 225 26.67 -14.77 -12.71
CA GLY D 225 25.63 -14.52 -13.68
C GLY D 225 25.73 -15.30 -14.98
N ALA D 226 25.98 -14.59 -16.08
CA ALA D 226 25.88 -15.19 -17.43
C ALA D 226 26.62 -16.51 -17.64
N THR D 227 27.86 -16.59 -17.17
CA THR D 227 28.70 -17.75 -17.46
C THR D 227 28.54 -18.93 -16.50
N THR D 228 27.79 -18.74 -15.42
CA THR D 228 27.62 -19.79 -14.42
C THR D 228 26.17 -20.22 -14.22
N PHE D 229 25.23 -19.41 -14.70
CA PHE D 229 23.83 -19.61 -14.31
C PHE D 229 23.32 -21.00 -14.63
N ASP D 230 23.56 -21.50 -15.84
CA ASP D 230 23.02 -22.81 -16.20
C ASP D 230 23.57 -23.92 -15.31
N ALA D 231 24.87 -23.85 -15.00
CA ALA D 231 25.48 -24.83 -14.10
C ALA D 231 24.95 -24.71 -12.68
N SER D 232 24.73 -23.49 -12.22
CA SER D 232 24.15 -23.26 -10.89
C SER D 232 22.80 -23.97 -10.79
N LEU D 233 21.98 -23.75 -11.82
CA LEU D 233 20.62 -24.30 -11.86
C LEU D 233 20.66 -25.83 -11.88
N ALA D 234 21.62 -26.39 -12.61
CA ALA D 234 21.72 -27.85 -12.73
C ALA D 234 22.33 -28.54 -11.51
N SER D 235 22.90 -27.77 -10.59
CA SER D 235 23.62 -28.33 -9.43
C SER D 235 22.76 -28.42 -8.18
N LEU D 236 21.54 -27.91 -8.25
CA LEU D 236 20.69 -27.81 -7.06
C LEU D 236 20.06 -29.13 -6.63
N ALA D 237 19.98 -29.32 -5.32
CA ALA D 237 19.13 -30.37 -4.76
C ALA D 237 17.68 -30.01 -5.06
N VAL D 238 16.81 -31.02 -5.04
CA VAL D 238 15.38 -30.81 -5.22
C VAL D 238 14.88 -29.76 -4.24
N ARG D 239 14.10 -28.81 -4.76
CA ARG D 239 13.51 -27.70 -3.98
C ARG D 239 14.58 -26.77 -3.37
N GLY D 240 15.78 -26.83 -3.92
CA GLY D 240 16.87 -25.94 -3.50
C GLY D 240 16.66 -24.50 -3.94
N THR D 241 17.53 -23.61 -3.48
CA THR D 241 17.38 -22.18 -3.80
C THR D 241 18.59 -21.66 -4.58
N LEU D 242 18.31 -21.09 -5.74
CA LEU D 242 19.33 -20.43 -6.54
C LEU D 242 19.22 -18.94 -6.21
N ALA D 243 20.18 -18.44 -5.42
CA ALA D 243 20.26 -17.02 -5.12
C ALA D 243 21.19 -16.35 -6.11
N LEU D 244 20.59 -15.80 -7.17
CA LEU D 244 21.33 -15.05 -8.17
C LEU D 244 21.43 -13.60 -7.71
N PHE D 245 22.57 -13.24 -7.11
CA PHE D 245 22.68 -11.92 -6.49
C PHE D 245 23.65 -11.01 -7.23
N GLY D 246 24.21 -11.50 -8.33
CA GLY D 246 25.14 -10.70 -9.08
C GLY D 246 25.21 -11.06 -10.54
N ALA D 247 26.05 -10.35 -11.29
CA ALA D 247 26.16 -10.55 -12.72
C ALA D 247 27.54 -10.12 -13.19
N ALA D 248 28.59 -10.54 -12.47
CA ALA D 248 29.96 -10.11 -12.82
C ALA D 248 30.38 -10.44 -14.25
N SER D 249 29.94 -11.60 -14.75
CA SER D 249 30.28 -12.04 -16.11
C SER D 249 29.31 -11.48 -17.15
N GLY D 250 28.31 -10.73 -16.68
CA GLY D 250 27.27 -10.25 -17.56
C GLY D 250 25.91 -10.76 -17.14
N PRO D 251 24.85 -10.12 -17.64
CA PRO D 251 23.46 -10.41 -17.23
C PRO D 251 23.01 -11.81 -17.62
N VAL D 252 22.21 -12.43 -16.75
CA VAL D 252 21.61 -13.72 -17.06
C VAL D 252 20.45 -13.51 -18.03
N PRO D 253 20.46 -14.25 -19.16
CA PRO D 253 19.37 -14.25 -20.15
C PRO D 253 18.04 -14.64 -19.53
N PRO D 254 16.92 -14.13 -20.07
CA PRO D 254 15.58 -14.49 -19.56
C PRO D 254 15.43 -16.00 -19.35
N VAL D 255 14.84 -16.39 -18.22
CA VAL D 255 14.80 -17.80 -17.80
C VAL D 255 13.39 -18.39 -17.98
N ASP D 256 13.28 -19.43 -18.80
CA ASP D 256 12.01 -20.15 -18.98
C ASP D 256 11.66 -20.76 -17.64
N PRO D 257 10.52 -20.35 -17.04
CA PRO D 257 10.18 -20.87 -15.71
C PRO D 257 10.11 -22.40 -15.65
N GLN D 258 9.82 -23.05 -16.77
CA GLN D 258 9.78 -24.50 -16.77
C GLN D 258 11.16 -25.12 -16.51
N ARG D 259 12.24 -24.34 -16.69
CA ARG D 259 13.56 -24.86 -16.32
C ARG D 259 13.66 -25.04 -14.81
N LEU D 260 12.89 -24.26 -14.04
CA LEU D 260 12.90 -24.38 -12.58
C LEU D 260 12.17 -25.64 -12.14
N ASN D 261 11.20 -26.05 -12.93
CA ASN D 261 10.49 -27.31 -12.73
C ASN D 261 11.45 -28.47 -12.95
N ALA D 262 11.99 -28.54 -14.16
CA ALA D 262 12.91 -29.60 -14.56
C ALA D 262 14.13 -29.73 -13.64
N ALA D 263 14.59 -28.62 -13.08
CA ALA D 263 15.76 -28.63 -12.21
C ALA D 263 15.44 -29.20 -10.82
N GLY D 264 14.17 -29.43 -10.54
CA GLY D 264 13.77 -30.02 -9.28
C GLY D 264 12.83 -29.18 -8.43
N SER D 265 11.90 -28.49 -9.08
CA SER D 265 10.98 -27.57 -8.40
C SER D 265 11.78 -26.62 -7.50
N VAL D 266 12.80 -26.00 -8.09
CA VAL D 266 13.68 -25.14 -7.32
C VAL D 266 13.13 -23.73 -7.24
N TYR D 267 13.72 -22.92 -6.36
CA TYR D 267 13.36 -21.52 -6.25
C TYR D 267 14.44 -20.71 -6.94
N LEU D 268 14.04 -19.66 -7.64
CA LEU D 268 15.00 -18.69 -8.17
C LEU D 268 14.69 -17.34 -7.55
N THR D 269 15.71 -16.65 -7.06
CA THR D 269 15.48 -15.34 -6.49
C THR D 269 16.62 -14.41 -6.86
N ARG D 270 16.31 -13.15 -7.14
CA ARG D 270 17.35 -12.15 -7.46
C ARG D 270 17.28 -11.03 -6.44
N PRO D 271 18.01 -11.18 -5.32
CA PRO D 271 17.89 -10.21 -4.22
C PRO D 271 18.75 -8.96 -4.39
N SER D 272 18.34 -7.90 -3.71
CA SER D 272 19.09 -6.63 -3.67
C SER D 272 19.24 -6.23 -2.21
N LEU D 273 20.42 -5.74 -1.83
CA LEU D 273 20.66 -5.28 -0.46
C LEU D 273 19.60 -4.29 0.02
N PHE D 274 19.09 -3.48 -0.89
CA PHE D 274 18.02 -2.53 -0.59
C PHE D 274 16.84 -3.15 0.19
N HIS D 275 16.45 -4.35 -0.20
CA HIS D 275 15.28 -5.00 0.40
C HIS D 275 15.60 -5.71 1.71
N PHE D 276 16.87 -5.64 2.13
CA PHE D 276 17.29 -6.26 3.39
C PHE D 276 17.89 -5.25 4.36
N THR D 277 17.73 -3.96 4.03
CA THR D 277 18.13 -2.85 4.89
C THR D 277 17.00 -1.82 4.89
N ARG D 278 15.79 -2.30 5.14
CA ARG D 278 14.58 -1.51 4.94
C ARG D 278 14.29 -0.57 6.09
N THR D 279 14.83 -0.88 7.26
CA THR D 279 14.69 -0.01 8.41
C THR D 279 16.07 0.15 9.03
N GLY D 280 16.21 1.14 9.91
CA GLY D 280 17.44 1.28 10.68
C GLY D 280 17.62 0.08 11.58
N GLU D 281 16.50 -0.45 12.08
CA GLU D 281 16.50 -1.62 12.96
C GLU D 281 17.07 -2.84 12.25
N GLU D 282 16.64 -3.03 11.01
CA GLU D 282 17.11 -4.14 10.20
C GLU D 282 18.60 -3.99 9.91
N PHE D 283 18.99 -2.80 9.50
CA PHE D 283 20.40 -2.51 9.21
C PHE D 283 21.25 -2.80 10.44
N SER D 284 20.79 -2.32 11.59
CA SER D 284 21.57 -2.42 12.81
C SER D 284 21.77 -3.87 13.25
N TRP D 285 20.73 -4.67 13.06
CA TRP D 285 20.78 -6.09 13.37
C TRP D 285 21.83 -6.78 12.51
N ARG D 286 21.79 -6.55 11.21
CA ARG D 286 22.70 -7.23 10.30
C ARG D 286 24.13 -6.75 10.55
N ALA D 287 24.30 -5.45 10.74
CA ALA D 287 25.61 -4.87 10.99
C ALA D 287 26.22 -5.41 12.28
N ALA D 288 25.40 -5.55 13.32
CA ALA D 288 25.89 -6.01 14.62
C ALA D 288 26.35 -7.46 14.51
N GLU D 289 25.57 -8.29 13.82
CA GLU D 289 25.97 -9.67 13.64
C GLU D 289 27.25 -9.79 12.80
N LEU D 290 27.39 -8.90 11.81
CA LEU D 290 28.63 -8.87 11.03
C LEU D 290 29.83 -8.53 11.90
N PHE D 291 29.72 -7.45 12.69
CA PHE D 291 30.83 -7.06 13.54
C PHE D 291 31.09 -8.04 14.68
N ASP D 292 30.05 -8.71 15.17
CA ASP D 292 30.24 -9.77 16.16
C ASP D 292 31.10 -10.90 15.60
N ALA D 293 30.84 -11.27 14.34
CA ALA D 293 31.56 -12.34 13.68
C ALA D 293 33.01 -11.95 13.46
N ILE D 294 33.23 -10.70 13.07
CA ILE D 294 34.57 -10.18 12.92
C ILE D 294 35.27 -10.12 14.28
N ASN D 295 34.55 -9.72 15.31
CA ASN D 295 35.18 -9.57 16.63
C ASN D 295 35.56 -10.90 17.26
N SER D 296 34.83 -11.95 16.94
CA SER D 296 35.14 -13.27 17.51
C SER D 296 36.07 -14.07 16.60
N GLU D 297 36.43 -13.49 15.46
CA GLU D 297 37.22 -14.15 14.41
C GLU D 297 36.52 -15.34 13.75
N ALA D 298 35.18 -15.35 13.81
CA ALA D 298 34.40 -16.30 13.05
C ALA D 298 34.64 -16.04 11.56
N ILE D 299 34.84 -14.77 11.23
CA ILE D 299 35.32 -14.39 9.91
C ILE D 299 36.45 -13.39 10.09
N THR D 300 37.30 -13.26 9.08
CA THR D 300 38.36 -12.26 9.07
C THR D 300 38.33 -11.63 7.69
N VAL D 301 38.13 -10.32 7.63
CA VAL D 301 38.07 -9.64 6.34
C VAL D 301 39.40 -9.01 6.03
N ALA D 302 40.06 -9.54 5.00
CA ALA D 302 41.38 -9.03 4.61
C ALA D 302 41.20 -7.92 3.59
N VAL D 303 42.14 -6.98 3.58
CA VAL D 303 42.17 -5.97 2.53
C VAL D 303 42.91 -6.60 1.36
N GLY D 304 42.24 -6.81 0.24
CA GLY D 304 42.86 -7.54 -0.86
C GLY D 304 43.60 -6.67 -1.85
N GLY D 305 43.42 -5.36 -1.77
CA GLY D 305 44.11 -4.47 -2.69
C GLY D 305 43.75 -3.04 -2.39
N ARG D 306 44.62 -2.10 -2.76
CA ARG D 306 44.37 -0.67 -2.55
C ARG D 306 44.71 0.09 -3.81
N TYR D 307 43.92 1.12 -4.12
CA TYR D 307 44.20 2.02 -5.23
C TYR D 307 44.00 3.46 -4.77
N PRO D 308 44.82 4.38 -5.28
CA PRO D 308 44.52 5.79 -5.05
C PRO D 308 43.15 6.17 -5.60
N LEU D 309 42.44 7.09 -4.96
CA LEU D 309 41.14 7.56 -5.46
C LEU D 309 41.27 7.98 -6.93
N ALA D 310 42.38 8.66 -7.25
CA ALA D 310 42.65 9.14 -8.60
C ALA D 310 42.76 8.00 -9.61
N ASP D 311 43.00 6.78 -9.13
CA ASP D 311 43.20 5.62 -10.01
C ASP D 311 42.00 4.69 -10.07
N ALA D 312 40.81 5.24 -9.84
CA ALA D 312 39.57 4.46 -9.91
C ALA D 312 39.43 3.74 -11.25
N LEU D 313 39.90 4.38 -12.32
CA LEU D 313 39.96 3.74 -13.64
C LEU D 313 40.67 2.39 -13.55
N ARG D 314 41.88 2.39 -13.01
CA ARG D 314 42.66 1.15 -12.90
C ARG D 314 41.99 0.12 -12.00
N ALA D 315 41.33 0.59 -10.94
CA ALA D 315 40.58 -0.33 -10.07
C ALA D 315 39.47 -1.01 -10.83
N HIS D 316 38.71 -0.24 -11.61
CA HIS D 316 37.61 -0.81 -12.38
C HIS D 316 38.13 -1.75 -13.49
N GLN D 317 39.25 -1.40 -14.11
CA GLN D 317 39.88 -2.27 -15.10
C GLN D 317 40.28 -3.61 -14.48
N ASP D 318 40.91 -3.55 -13.31
CA ASP D 318 41.31 -4.77 -12.63
C ASP D 318 40.10 -5.59 -12.23
N LEU D 319 39.06 -4.93 -11.72
CA LEU D 319 37.87 -5.65 -11.26
C LEU D 319 37.24 -6.44 -12.41
N GLU D 320 37.07 -5.77 -13.56
CA GLU D 320 36.39 -6.41 -14.68
C GLU D 320 37.26 -7.47 -15.35
N ALA D 321 38.58 -7.34 -15.21
CA ALA D 321 39.53 -8.29 -15.79
C ALA D 321 39.76 -9.50 -14.89
N ARG D 322 39.00 -9.59 -13.80
CA ARG D 322 39.08 -10.70 -12.86
C ARG D 322 40.43 -10.74 -12.13
N LYS D 323 41.11 -9.60 -12.07
CA LYS D 323 42.44 -9.56 -11.48
C LYS D 323 42.46 -9.25 -9.99
N THR D 324 41.34 -8.79 -9.44
CA THR D 324 41.32 -8.47 -8.02
C THR D 324 41.18 -9.74 -7.22
N VAL D 325 41.64 -9.67 -5.97
CA VAL D 325 41.58 -10.80 -5.08
C VAL D 325 41.01 -10.29 -3.77
N GLY D 326 39.82 -10.77 -3.40
CA GLY D 326 39.12 -10.30 -2.21
C GLY D 326 38.58 -8.87 -2.33
N SER D 327 38.33 -8.25 -1.18
CA SER D 327 37.88 -6.85 -1.15
C SER D 327 38.99 -5.87 -1.53
N VAL D 328 38.68 -4.87 -2.34
CA VAL D 328 39.66 -3.80 -2.58
C VAL D 328 39.09 -2.44 -2.18
N VAL D 329 39.98 -1.49 -1.89
CA VAL D 329 39.55 -0.16 -1.47
C VAL D 329 40.25 0.92 -2.27
N LEU D 330 39.63 2.10 -2.30
CA LEU D 330 40.29 3.31 -2.77
C LEU D 330 40.70 4.11 -1.55
N LEU D 331 41.89 4.71 -1.62
CA LEU D 331 42.37 5.58 -0.54
C LEU D 331 42.44 7.02 -1.02
N PRO D 332 41.98 7.95 -0.18
CA PRO D 332 42.13 9.36 -0.55
C PRO D 332 43.58 9.82 -0.39
PA NDP E . -8.97 -25.75 -13.33
O1A NDP E . -10.16 -26.53 -12.84
O2A NDP E . -8.41 -24.65 -12.49
O5B NDP E . -9.31 -25.16 -14.79
C5B NDP E . -8.48 -24.16 -15.37
C4B NDP E . -9.08 -22.81 -15.02
O4B NDP E . -8.17 -21.75 -15.31
C3B NDP E . -10.32 -22.52 -15.85
O3B NDP E . -11.51 -23.03 -15.23
C2B NDP E . -10.33 -21.01 -15.94
O2B NDP E . -11.19 -20.45 -14.95
C1B NDP E . -8.90 -20.59 -15.70
N9A NDP E . -8.38 -20.03 -16.97
C8A NDP E . -7.94 -18.77 -17.16
N7A NDP E . -7.56 -18.59 -18.45
C5A NDP E . -7.76 -19.74 -19.11
C6A NDP E . -7.59 -20.22 -20.49
N6A NDP E . -7.08 -19.41 -21.45
N1A NDP E . -7.94 -21.49 -20.77
C2A NDP E . -8.43 -22.31 -19.82
N3A NDP E . -8.62 -21.94 -18.54
C4A NDP E . -8.32 -20.69 -18.13
O3 NDP E . -7.80 -26.80 -13.67
PN NDP E . -7.12 -27.71 -12.54
O1N NDP E . -7.75 -27.39 -11.21
O2N NDP E . -7.10 -29.13 -13.05
O5D NDP E . -5.61 -27.17 -12.53
C5D NDP E . -5.33 -25.81 -12.22
C4D NDP E . -3.98 -25.42 -12.78
O4D NDP E . -2.94 -25.97 -11.98
C3D NDP E . -3.78 -25.98 -14.18
O3D NDP E . -3.07 -25.02 -14.96
C2D NDP E . -2.91 -27.20 -13.98
O2D NDP E . -2.07 -27.40 -15.12
C1D NDP E . -2.09 -26.83 -12.75
N1N NDP E . -1.70 -27.96 -11.91
C2N NDP E . -0.42 -28.06 -11.55
C3N NDP E . 0.04 -29.09 -10.74
C7N NDP E . 1.49 -29.14 -10.38
O7N NDP E . 1.88 -30.01 -9.62
N7N NDP E . 2.31 -28.22 -10.88
C4N NDP E . -0.90 -30.16 -10.24
C5N NDP E . -2.26 -29.93 -10.71
C6N NDP E . -2.61 -28.85 -11.51
P2B NDP E . -11.65 -18.91 -15.03
O1X NDP E . -10.78 -18.33 -16.12
O2X NDP E . -13.11 -18.98 -15.38
O3X NDP E . -11.38 -18.37 -13.66
PA NDP F . 6.27 25.44 -7.54
O1A NDP F . 7.61 26.16 -7.36
O2A NDP F . 6.06 24.40 -6.45
O5B NDP F . 6.29 24.73 -8.97
C5B NDP F . 5.42 23.60 -9.21
C4B NDP F . 6.08 22.32 -9.01
O4B NDP F . 5.10 21.33 -8.98
C3B NDP F . 6.95 22.00 -10.17
O3B NDP F . 8.24 22.59 -10.01
C2B NDP F . 7.01 20.59 -10.13
O2B NDP F . 8.12 20.13 -9.43
C1B NDP F . 5.69 20.19 -9.50
N9A NDP F . 4.84 19.37 -10.47
C8A NDP F . 4.46 18.07 -10.39
N7A NDP F . 3.78 17.77 -11.48
C5A NDP F . 3.71 18.85 -12.28
C6A NDP F . 3.14 19.15 -13.53
N6A NDP F . 2.45 18.16 -14.23
N1A NDP F . 3.28 20.39 -14.06
C2A NDP F . 3.95 21.34 -13.40
N3A NDP F . 4.50 21.09 -12.19
C4A NDP F . 4.39 19.87 -11.63
O3 NDP F . 5.05 26.45 -7.59
PN NDP F . 4.62 27.43 -6.44
O1N NDP F . 5.54 27.33 -5.26
O2N NDP F . 4.55 28.88 -7.04
O5D NDP F . 3.18 26.96 -6.02
C5D NDP F . 2.95 25.60 -5.79
C4D NDP F . 1.59 25.12 -5.84
O4D NDP F . 0.85 25.73 -4.77
C3D NDP F . 0.88 25.52 -7.09
O3D NDP F . -0.13 24.63 -7.36
C2D NDP F . 0.29 26.82 -6.77
O2D NDP F . -0.83 27.04 -7.50
C1D NDP F . -0.08 26.63 -5.33
N1N NDP F . -0.32 27.86 -4.38
C2N NDP F . -1.47 27.90 -3.72
C3N NDP F . -1.75 28.93 -2.85
C7N NDP F . -3.08 28.93 -2.09
O7N NDP F . -3.93 28.09 -2.31
N7N NDP F . -3.28 29.91 -1.11
C4N NDP F . -0.80 29.94 -2.65
C5N NDP F . 0.41 29.88 -3.35
C6N NDP F . 0.63 28.82 -4.21
P2B NDP F . 8.57 18.61 -9.43
O1X NDP F . 10.00 18.50 -10.04
O2X NDP F . 8.67 18.13 -8.02
O3X NDP F . 7.55 17.76 -10.21
PA NDP G . -33.29 9.84 11.27
O1A NDP G . -34.10 9.35 12.45
O2A NDP G . -32.65 11.19 11.31
O5B NDP G . -34.24 9.75 9.97
C5B NDP G . -33.86 10.41 8.78
C4B NDP G . -34.55 11.77 8.77
O4B NDP G . -33.99 12.62 7.78
C3B NDP G . -36.02 11.67 8.44
O3B NDP G . -36.81 11.43 9.61
C2B NDP G . -36.33 13.00 7.80
O2B NDP G . -36.87 13.91 8.77
C1B NDP G . -35.00 13.52 7.29
N9A NDP G . -35.06 13.53 5.81
C8A NDP G . -34.90 14.60 5.02
N7A NDP G . -35.03 14.26 3.72
C5A NDP G . -35.31 12.95 3.66
C6A NDP G . -35.57 11.96 2.60
N6A NDP G . -35.57 12.31 1.30
N1A NDP G . -35.80 10.69 2.98
C2A NDP G . -35.80 10.31 4.26
N3A NDP G . -35.57 11.16 5.28
C4A NDP G . -35.32 12.47 5.05
O3 NDP G . -32.17 8.75 10.91
PN NDP G . -30.99 8.36 11.93
O1N NDP G . -31.17 9.13 13.21
O2N NDP G . -30.93 6.84 11.97
O5D NDP G . -29.70 8.89 11.16
C5D NDP G . -29.72 10.14 10.48
C4D NDP G . -28.63 10.16 9.42
O4D NDP G . -27.35 9.97 10.04
C3D NDP G . -28.80 9.02 8.43
O3D NDP G . -28.58 9.51 7.12
C2D NDP G . -27.73 8.02 8.80
O2D NDP G . -27.25 7.34 7.64
C1D NDP G . -26.66 8.90 9.42
N1N NDP G . -25.82 8.22 10.40
C2N NDP G . -24.50 8.23 10.22
C3N NDP G . -23.63 7.62 11.10
C7N NDP G . -22.15 7.67 10.82
O7N NDP G . -21.39 7.10 11.59
N7N NDP G . -21.71 8.34 9.76
C4N NDP G . -24.14 6.91 12.33
C5N NDP G . -25.59 6.97 12.41
C6N NDP G . -26.37 7.62 11.46
P2B NDP G . -37.42 15.35 8.31
O1X NDP G . -37.23 15.37 6.82
O2X NDP G . -38.86 15.33 8.75
O3X NDP G . -36.57 16.32 9.07
PA NDP H . 34.13 -9.74 -6.65
O1A NDP H . 35.27 -9.28 -5.79
O2A NDP H . 33.47 -11.06 -6.38
O5B NDP H . 34.61 -9.70 -8.18
C5B NDP H . 33.86 -10.40 -9.16
C4B NDP H . 34.53 -11.74 -9.35
O4B NDP H . 33.73 -12.61 -10.16
C3B NDP H . 35.85 -11.59 -10.09
O3B NDP H . 36.93 -11.35 -9.19
C2B NDP H . 36.01 -12.93 -10.77
O2B NDP H . 36.83 -13.78 -10.00
C1B NDP H . 34.59 -13.50 -10.87
N9A NDP H . 34.26 -13.55 -12.31
C8A NDP H . 33.91 -14.65 -13.00
N7A NDP H . 33.69 -14.35 -14.30
C5A NDP H . 33.92 -13.03 -14.46
C6A NDP H . 33.87 -12.08 -15.59
N6A NDP H . 33.53 -12.48 -16.83
N1A NDP H . 34.18 -10.79 -15.33
C2A NDP H . 34.52 -10.38 -14.10
N3A NDP H . 34.58 -11.20 -13.04
C4A NDP H . 34.29 -12.52 -13.16
O3 NDP H . 32.98 -8.61 -6.66
PN NDP H . 32.11 -8.22 -5.37
O1N NDP H . 32.58 -9.02 -4.18
O2N NDP H . 32.08 -6.71 -5.29
O5D NDP H . 30.64 -8.72 -5.78
C5D NDP H . 30.42 -10.05 -6.22
C4D NDP H . 29.09 -10.11 -6.95
O4D NDP H . 28.01 -9.90 -6.04
C3D NDP H . 28.98 -9.00 -7.99
O3D NDP H . 28.38 -9.54 -9.16
C2D NDP H . 28.05 -7.98 -7.38
O2D NDP H . 27.28 -7.34 -8.39
C1D NDP H . 27.18 -8.83 -6.49
N1N NDP H . 26.64 -8.12 -5.32
C2N NDP H . 25.33 -8.18 -5.09
C3N NDP H . 24.74 -7.53 -4.00
C7N NDP H . 23.26 -7.64 -3.81
O7N NDP H . 22.60 -8.24 -4.64
N7N NDP H . 22.71 -7.09 -2.74
C4N NDP H . 25.58 -6.74 -3.03
C5N NDP H . 26.99 -6.76 -3.38
C6N NDP H . 27.46 -7.45 -4.50
P2B NDP H . 37.26 -15.22 -10.55
O1X NDP H . 38.76 -15.17 -10.62
O2X NDP H . 36.73 -16.18 -9.55
O3X NDP H . 36.60 -15.32 -11.90
#